data_9IHK
#
_entry.id   9IHK
#
_cell.length_a   52.970
_cell.length_b   115.928
_cell.length_c   177.205
_cell.angle_alpha   90.00
_cell.angle_beta   94.72
_cell.angle_gamma   90.00
#
_symmetry.space_group_name_H-M   'P 1 21 1'
#
loop_
_entity.id
_entity.type
_entity.pdbx_description
1 polymer Sulfatase_S1_30A
2 non-polymer 'MAGNESIUM ION'
3 water water
#
_entity_poly.entity_id   1
_entity_poly.type   'polypeptide(L)'
_entity_poly.pdbx_seq_one_letter_code
;MGSSHHHHHHSSGLVPRGSHMASASEKPNLIVIQTDEHTINTLGCYRRLVGDINDSPWGKNVVQTPNIDRLAKEGAICTR
YYASSPVSTPSRASFQTGLYPVSTGCPINDMPMNPNLITYAEMLKRDGYQTSYVGKWHLGGVPNIGRPYFEPGYNFGYMD
RTYMFNDGHWKYFEIVKQPNKIRSYWSGPVKPGFIHVTEYLTDRCLELLERDKNKPFYMMLSIPDPHSPDIASEEYLQKY
INLDYEAPETMVTNDTDQRPRWARGGQYNVNKDKFDKKALANYFAMVECVDDNVGRILDFLDKNNLTDNTIVVFTADHGD
MLYEHSRVNKGLPYESSARIPFVIRYPEKIIPGKIVNTVYTCVDFAPTILGLMGVKQIPGLQEGINDAQAFTNKEKNVKQ
DRIVYTTASPFNDWTMATDGRYKLVLSCRETPWLFDLEVDPDEMKNFYNNPKYKEIADRMQKELIRQMKLYKEPALSIGL
PYLYKSTDKVNYNPAKYKSKVQPNALLPMIHTIEKVCMRPLK
;
_entity_poly.pdbx_strand_id   D,C,A,B
#
# COMPACT_ATOMS: atom_id res chain seq x y z
N GLU A 26 -26.98 46.78 5.50
CA GLU A 26 -26.31 46.04 6.59
C GLU A 26 -26.97 44.66 6.71
N LYS A 27 -26.15 43.61 6.84
CA LYS A 27 -26.63 42.21 6.93
C LYS A 27 -27.70 42.08 8.02
N PRO A 28 -28.87 41.48 7.73
CA PRO A 28 -29.94 41.28 8.73
C PRO A 28 -29.63 40.14 9.69
N ASN A 29 -30.11 40.25 10.92
CA ASN A 29 -29.95 39.14 11.89
C ASN A 29 -31.02 38.08 11.61
N LEU A 30 -30.78 36.86 12.08
CA LEU A 30 -31.76 35.77 11.90
C LEU A 30 -32.01 35.07 13.22
N ILE A 31 -33.26 35.03 13.67
CA ILE A 31 -33.60 34.20 14.84
C ILE A 31 -34.65 33.21 14.37
N VAL A 32 -34.35 31.93 14.47
CA VAL A 32 -35.34 30.88 14.14
C VAL A 32 -35.78 30.22 15.45
N ILE A 33 -37.07 30.27 15.77
CA ILE A 33 -37.63 29.53 16.94
C ILE A 33 -38.41 28.33 16.40
N GLN A 34 -37.99 27.13 16.73
CA GLN A 34 -38.64 25.89 16.26
C GLN A 34 -39.19 25.08 17.45
N THR A 35 -40.39 24.57 17.29
CA THR A 35 -40.99 23.74 18.34
C THR A 35 -41.01 22.29 17.86
N ASP A 36 -41.37 21.37 18.75
CA ASP A 36 -41.47 19.93 18.40
C ASP A 36 -42.92 19.45 18.57
N GLU A 37 -43.44 18.70 17.59
CA GLU A 37 -44.83 18.18 17.62
C GLU A 37 -45.82 19.31 17.97
N HIS A 38 -45.89 20.35 17.12
CA HIS A 38 -46.76 21.51 17.40
C HIS A 38 -47.81 21.70 16.30
N THR A 39 -49.07 21.44 16.64
CA THR A 39 -50.16 21.64 15.67
C THR A 39 -50.44 23.10 15.50
N ILE A 40 -50.82 23.51 14.29
CA ILE A 40 -51.11 24.93 13.96
C ILE A 40 -52.39 25.39 14.68
N ASN A 41 -53.22 24.45 15.12
CA ASN A 41 -54.53 24.81 15.71
C ASN A 41 -54.33 25.28 17.15
N THR A 42 -53.11 25.17 17.67
CA THR A 42 -52.84 25.68 19.02
C THR A 42 -52.31 27.09 18.88
N LEU A 43 -52.22 27.57 17.63
CA LEU A 43 -51.79 28.96 17.38
C LEU A 43 -53.00 29.77 16.90
N GLY A 44 -53.27 30.92 17.53
CA GLY A 44 -54.44 31.73 17.16
C GLY A 44 -54.27 32.41 15.83
N CYS A 45 -53.02 32.62 15.41
CA CYS A 45 -52.76 33.21 14.08
C CYS A 45 -53.39 32.30 13.01
N TYR A 46 -53.22 30.99 13.12
CA TYR A 46 -53.76 30.05 12.10
C TYR A 46 -55.25 29.82 12.35
N ARG A 47 -55.68 29.85 13.61
CA ARG A 47 -57.10 29.60 13.94
C ARG A 47 -57.98 30.72 13.35
N ARG A 48 -57.52 31.97 13.36
CA ARG A 48 -58.31 33.13 12.87
C ARG A 48 -58.38 33.19 11.34
N LEU A 49 -57.47 32.52 10.64
CA LEU A 49 -57.46 32.50 9.16
C LEU A 49 -58.54 31.55 8.66
N VAL A 50 -59.05 30.69 9.53
CA VAL A 50 -60.03 29.65 9.12
C VAL A 50 -61.33 29.77 9.92
N GLY A 51 -61.30 30.47 11.04
CA GLY A 51 -62.52 30.69 11.83
C GLY A 51 -62.29 31.64 12.97
N ASP A 52 -63.10 31.55 14.01
CA ASP A 52 -62.87 32.41 15.19
C ASP A 52 -61.66 31.89 15.97
N ILE A 53 -60.88 32.81 16.54
CA ILE A 53 -59.64 32.47 17.31
C ILE A 53 -60.03 31.62 18.53
N ASN A 54 -61.23 31.82 19.04
CA ASN A 54 -61.66 31.09 20.26
C ASN A 54 -62.47 29.88 19.79
N ASP A 55 -62.28 29.49 18.53
CA ASP A 55 -62.91 28.25 18.02
C ASP A 55 -61.80 27.25 17.67
N SER A 56 -61.83 26.08 18.30
CA SER A 56 -60.81 25.06 18.00
C SER A 56 -61.51 23.72 17.79
N PRO A 57 -60.82 22.64 17.33
CA PRO A 57 -61.43 21.30 17.28
C PRO A 57 -61.76 20.85 18.68
N TRP A 58 -61.12 21.47 19.67
CA TRP A 58 -61.26 21.02 21.08
C TRP A 58 -62.05 22.03 21.91
N GLY A 59 -62.57 23.07 21.29
CA GLY A 59 -63.40 24.02 22.04
C GLY A 59 -62.79 25.40 22.17
N LYS A 60 -63.37 26.24 23.01
CA LYS A 60 -62.92 27.64 23.17
C LYS A 60 -61.90 27.77 24.31
N ASN A 61 -61.67 26.68 25.05
CA ASN A 61 -60.65 26.71 26.12
C ASN A 61 -59.26 26.47 25.51
N VAL A 62 -59.16 26.61 24.20
CA VAL A 62 -57.86 26.42 23.49
C VAL A 62 -56.83 27.43 23.99
N VAL A 63 -55.56 27.04 23.96
CA VAL A 63 -54.46 27.94 24.37
C VAL A 63 -54.46 29.16 23.45
N GLN A 64 -54.26 30.33 24.04
CA GLN A 64 -54.11 31.55 23.21
C GLN A 64 -52.60 31.80 23.08
N THR A 65 -52.16 32.25 21.91
CA THR A 65 -50.72 32.45 21.64
C THR A 65 -50.49 33.90 21.25
N PRO A 66 -50.65 34.89 22.18
CA PRO A 66 -50.50 36.33 21.84
C PRO A 66 -49.14 36.69 21.27
N ASN A 67 -48.06 36.22 21.88
CA ASN A 67 -46.70 36.63 21.45
C ASN A 67 -46.38 36.09 20.05
N ILE A 68 -46.70 34.84 19.75
CA ILE A 68 -46.46 34.26 18.38
C ILE A 68 -47.37 34.97 17.36
N ASP A 69 -48.59 35.31 17.76
CA ASP A 69 -49.55 35.97 16.85
C ASP A 69 -49.03 37.36 16.47
N ARG A 70 -48.17 37.95 17.31
CA ARG A 70 -47.57 39.27 17.03
C ARG A 70 -46.72 39.19 15.76
N LEU A 71 -46.07 38.07 15.54
CA LEU A 71 -45.19 37.93 14.37
C LEU A 71 -46.03 37.86 13.10
N ALA A 72 -47.20 37.23 13.17
CA ALA A 72 -48.10 37.19 12.01
C ALA A 72 -48.60 38.61 11.73
N LYS A 73 -49.07 39.28 12.76
CA LYS A 73 -49.59 40.65 12.58
C LYS A 73 -48.47 41.55 12.06
N GLU A 74 -47.25 41.44 12.59
CA GLU A 74 -46.17 42.37 12.21
C GLU A 74 -45.37 41.79 11.05
N GLY A 75 -45.84 40.71 10.45
CA GLY A 75 -45.14 40.16 9.28
C GLY A 75 -45.98 39.27 8.41
N ALA A 76 -45.46 38.09 8.08
CA ALA A 76 -46.14 37.19 7.14
C ALA A 76 -46.52 35.85 7.77
N ILE A 77 -47.64 35.30 7.33
CA ILE A 77 -48.04 33.94 7.78
C ILE A 77 -48.07 33.06 6.52
N CYS A 78 -47.64 31.81 6.65
CA CYS A 78 -47.63 30.86 5.52
C CYS A 78 -48.74 29.83 5.71
N THR A 79 -49.75 29.84 4.85
CA THR A 79 -50.93 28.99 5.05
C THR A 79 -50.73 27.58 4.54
N ARG A 80 -49.66 27.29 3.81
CA ARG A 80 -49.54 25.92 3.23
C ARG A 80 -48.08 25.47 3.36
N TYR A 81 -47.54 25.58 4.58
CA TYR A 81 -46.16 25.12 4.83
C TYR A 81 -46.25 23.75 5.45
N TYR A 82 -45.46 22.85 4.89
CA TYR A 82 -45.49 21.47 5.40
C TYR A 82 -44.10 20.96 5.69
N ALA A 83 -44.01 19.95 6.53
CA ALA A 83 -42.72 19.27 6.75
C ALA A 83 -42.44 18.37 5.56
N SER A 84 -41.18 18.18 5.22
CA SER A 84 -40.79 17.24 4.14
C SER A 84 -41.29 15.86 4.55
N SER A 85 -41.16 15.55 5.85
CA SER A 85 -41.67 14.29 6.41
C SER A 85 -42.18 14.64 7.81
N PRO A 86 -43.41 14.25 8.21
CA PRO A 86 -44.00 14.70 9.51
C PRO A 86 -43.32 13.99 10.67
N VAL A 87 -41.99 13.86 10.63
CA VAL A 87 -41.19 13.17 11.68
C VAL A 87 -39.98 14.05 11.99
N SER A 88 -39.48 14.08 13.23
CA SER A 88 -38.43 15.05 13.67
C SER A 88 -37.14 15.08 12.84
N THR A 89 -36.32 14.03 12.91
CA THR A 89 -35.00 14.04 12.23
C THR A 89 -35.14 14.39 10.76
N PRO A 90 -35.99 13.74 9.93
CA PRO A 90 -36.03 14.05 8.48
C PRO A 90 -36.44 15.50 8.17
N SER A 91 -37.44 16.04 8.86
CA SER A 91 -37.90 17.43 8.64
C SER A 91 -36.80 18.42 9.04
N ARG A 92 -36.16 18.17 10.17
CA ARG A 92 -35.08 19.07 10.65
C ARG A 92 -33.93 19.09 9.63
N ALA A 93 -33.58 17.93 9.09
CA ALA A 93 -32.47 17.82 8.12
C ALA A 93 -32.81 18.58 6.84
N SER A 94 -34.04 18.43 6.37
CA SER A 94 -34.49 19.13 5.14
C SER A 94 -34.45 20.65 5.34
N PHE A 95 -34.80 21.12 6.53
CA PHE A 95 -34.80 22.57 6.83
C PHE A 95 -33.38 23.11 6.73
N GLN A 96 -32.41 22.42 7.31
CA GLN A 96 -31.00 22.87 7.27
C GLN A 96 -30.42 22.75 5.85
N THR A 97 -30.66 21.66 5.14
CA THR A 97 -29.94 21.39 3.88
C THR A 97 -30.59 21.81 2.60
N GLY A 98 -31.89 22.11 2.58
CA GLY A 98 -32.55 22.39 1.30
C GLY A 98 -32.64 21.13 0.47
N LEU A 99 -32.78 20.00 1.14
CA LEU A 99 -32.80 18.69 0.44
C LEU A 99 -33.87 17.81 1.08
N TYR A 100 -34.42 16.88 0.31
CA TYR A 100 -35.38 15.91 0.89
C TYR A 100 -34.59 14.99 1.80
N PRO A 101 -35.21 14.32 2.81
CA PRO A 101 -34.50 13.49 3.83
C PRO A 101 -33.59 12.39 3.30
N VAL A 102 -33.95 11.70 2.20
CA VAL A 102 -33.07 10.67 1.57
C VAL A 102 -31.70 11.28 1.24
N SER A 103 -31.66 12.47 0.65
CA SER A 103 -30.38 13.13 0.27
C SER A 103 -29.69 13.77 1.49
N THR A 104 -30.34 13.82 2.65
CA THR A 104 -29.72 14.41 3.86
C THR A 104 -28.95 13.33 4.59
N GLY A 105 -29.15 12.08 4.22
CA GLY A 105 -28.50 10.97 4.93
C GLY A 105 -29.32 10.48 6.08
N CYS A 106 -30.28 11.30 6.53
CA CYS A 106 -31.11 10.94 7.71
C CYS A 106 -32.61 10.89 7.37
N PRO A 107 -33.12 9.95 6.53
CA PRO A 107 -34.59 9.84 6.30
C PRO A 107 -35.32 9.35 7.54
N ILE A 108 -34.61 8.72 8.47
CA ILE A 108 -35.27 8.10 9.66
C ILE A 108 -34.63 8.69 10.92
N ASN A 109 -35.38 8.70 12.02
CA ASN A 109 -34.93 9.28 13.32
C ASN A 109 -33.69 8.58 13.86
N ASP A 110 -32.75 9.35 14.40
CA ASP A 110 -31.53 8.79 15.06
C ASP A 110 -30.44 8.52 14.02
N MET A 111 -30.78 8.62 12.75
CA MET A 111 -29.74 8.51 11.71
C MET A 111 -29.01 9.86 11.70
N PRO A 112 -27.68 9.90 11.54
CA PRO A 112 -26.96 11.17 11.46
C PRO A 112 -27.06 11.82 10.09
N MET A 113 -27.15 13.13 10.07
CA MET A 113 -27.15 13.88 8.80
C MET A 113 -25.74 13.77 8.22
N ASN A 114 -25.63 13.80 6.88
CA ASN A 114 -24.31 13.75 6.20
C ASN A 114 -23.46 14.93 6.68
N PRO A 115 -22.29 14.71 7.34
CA PRO A 115 -21.45 15.83 7.90
C PRO A 115 -20.79 16.59 6.76
N ASN A 116 -20.83 16.06 5.54
CA ASN A 116 -20.18 16.70 4.38
C ASN A 116 -21.13 17.72 3.73
N LEU A 117 -22.41 17.70 4.09
CA LEU A 117 -23.40 18.60 3.46
C LEU A 117 -23.26 20.03 4.00
N ILE A 118 -23.50 21.01 3.14
CA ILE A 118 -23.48 22.45 3.55
C ILE A 118 -24.88 22.85 4.00
N THR A 119 -24.98 23.56 5.12
CA THR A 119 -26.25 24.03 5.66
C THR A 119 -26.35 25.51 5.43
N TYR A 120 -27.53 26.07 5.63
CA TYR A 120 -27.71 27.54 5.50
C TYR A 120 -26.92 28.23 6.61
N ALA A 121 -26.74 27.58 7.76
CA ALA A 121 -25.94 28.17 8.86
C ALA A 121 -24.49 28.29 8.42
N GLU A 122 -23.99 27.31 7.70
CA GLU A 122 -22.58 27.35 7.23
C GLU A 122 -22.42 28.53 6.26
N MET A 123 -23.43 28.76 5.42
CA MET A 123 -23.36 29.87 4.45
C MET A 123 -23.41 31.18 5.24
N LEU A 124 -24.18 31.21 6.32
CA LEU A 124 -24.24 32.41 7.18
C LEU A 124 -22.91 32.59 7.91
N LYS A 125 -22.31 31.49 8.38
CA LYS A 125 -20.99 31.55 9.05
C LYS A 125 -19.95 32.08 8.05
N ARG A 126 -20.05 31.68 6.79
CA ARG A 126 -19.11 32.14 5.76
C ARG A 126 -19.31 33.64 5.47
N ASP A 127 -20.48 34.20 5.75
CA ASP A 127 -20.74 35.64 5.54
C ASP A 127 -20.55 36.45 6.84
N GLY A 128 -19.82 35.92 7.81
CA GLY A 128 -19.47 36.72 9.01
C GLY A 128 -20.43 36.59 10.17
N TYR A 129 -21.47 35.79 10.02
CA TYR A 129 -22.51 35.70 11.07
C TYR A 129 -22.01 34.87 12.25
N GLN A 130 -22.28 35.34 13.45
CA GLN A 130 -21.97 34.55 14.66
C GLN A 130 -23.15 33.59 14.81
N THR A 131 -22.90 32.30 14.68
CA THR A 131 -24.01 31.33 14.65
C THR A 131 -24.12 30.59 15.95
N SER A 132 -25.35 30.33 16.37
CA SER A 132 -25.58 29.65 17.65
C SER A 132 -26.84 28.78 17.61
N TYR A 133 -26.80 27.66 18.31
CA TYR A 133 -27.99 26.80 18.43
C TYR A 133 -28.22 26.50 19.88
N VAL A 134 -29.44 26.74 20.34
CA VAL A 134 -29.82 26.38 21.73
C VAL A 134 -31.01 25.44 21.64
N GLY A 135 -30.82 24.18 22.02
CA GLY A 135 -31.95 23.24 22.08
C GLY A 135 -31.75 21.92 21.35
N LYS A 136 -32.82 21.25 20.95
CA LYS A 136 -32.77 19.88 20.37
C LYS A 136 -32.41 19.76 18.87
N TRP A 137 -31.27 19.15 18.55
CA TRP A 137 -30.81 19.01 17.15
C TRP A 137 -31.42 17.79 16.46
N HIS A 138 -31.19 16.58 16.97
CA HIS A 138 -31.69 15.29 16.39
C HIS A 138 -31.02 14.93 15.04
N LEU A 139 -29.87 15.49 14.70
CA LEU A 139 -29.16 15.19 13.43
C LEU A 139 -27.73 14.65 13.66
N GLY A 140 -27.22 14.62 14.89
CA GLY A 140 -25.83 14.22 15.14
C GLY A 140 -25.65 12.72 15.26
N GLY A 141 -26.75 11.99 15.46
CA GLY A 141 -26.71 10.52 15.54
C GLY A 141 -25.99 10.00 16.78
N VAL A 142 -25.85 10.84 17.79
CA VAL A 142 -25.12 10.47 19.02
C VAL A 142 -25.99 9.53 19.87
N PRO A 143 -25.44 8.75 20.80
CA PRO A 143 -26.25 7.78 21.59
C PRO A 143 -27.02 8.43 22.72
N ASN A 144 -28.10 7.79 23.15
CA ASN A 144 -28.91 8.28 24.31
C ASN A 144 -28.18 7.93 25.61
N ILE A 145 -27.94 8.91 26.47
CA ILE A 145 -27.15 8.66 27.71
C ILE A 145 -28.00 8.98 28.95
N GLY A 146 -29.32 9.09 28.79
CA GLY A 146 -30.22 9.34 29.93
C GLY A 146 -30.17 10.77 30.36
N ARG A 147 -29.35 11.57 29.69
CA ARG A 147 -29.29 13.01 30.00
C ARG A 147 -29.00 13.71 28.67
N PRO A 148 -29.20 15.04 28.56
CA PRO A 148 -28.92 15.76 27.31
C PRO A 148 -27.48 15.56 26.86
N TYR A 149 -27.29 15.34 25.55
CA TYR A 149 -25.94 15.18 24.94
C TYR A 149 -25.60 16.45 24.21
N PHE A 150 -24.80 17.30 24.84
CA PHE A 150 -24.48 18.62 24.22
C PHE A 150 -23.38 18.48 23.15
N GLU A 151 -23.22 19.51 22.31
CA GLU A 151 -22.20 19.50 21.21
C GLU A 151 -22.34 18.20 20.42
N PRO A 152 -23.53 17.88 19.89
CA PRO A 152 -23.78 16.57 19.23
C PRO A 152 -23.30 16.51 17.78
N GLY A 153 -22.21 15.79 17.53
CA GLY A 153 -21.76 15.56 16.15
C GLY A 153 -21.18 16.77 15.45
N TYR A 154 -21.26 16.80 14.13
CA TYR A 154 -20.69 17.90 13.31
C TYR A 154 -21.34 19.25 13.61
N ASN A 155 -20.56 20.34 13.51
CA ASN A 155 -21.06 21.71 13.84
C ASN A 155 -22.09 22.18 12.83
N PHE A 156 -21.93 21.82 11.54
CA PHE A 156 -22.87 22.22 10.45
C PHE A 156 -23.04 23.74 10.41
N GLY A 157 -21.98 24.50 10.65
CA GLY A 157 -22.06 25.97 10.53
C GLY A 157 -22.38 26.66 11.83
N TYR A 158 -22.65 25.88 12.88
CA TYR A 158 -23.02 26.44 14.21
C TYR A 158 -21.75 26.56 15.07
N MET A 159 -21.42 27.78 15.46
CA MET A 159 -20.14 28.01 16.19
C MET A 159 -20.36 27.93 17.71
N ASP A 160 -21.58 28.19 18.19
CA ASP A 160 -21.88 28.02 19.63
C ASP A 160 -22.91 26.90 19.79
N ARG A 161 -22.47 25.73 20.23
CA ARG A 161 -23.37 24.57 20.43
C ARG A 161 -23.30 24.10 21.89
N THR A 162 -22.93 24.99 22.82
CA THR A 162 -22.83 24.64 24.25
C THR A 162 -24.17 24.16 24.74
N TYR A 163 -25.24 24.80 24.30
CA TYR A 163 -26.60 24.49 24.78
C TYR A 163 -27.38 23.77 23.69
N MET A 164 -26.65 23.18 22.74
CA MET A 164 -27.32 22.34 21.71
C MET A 164 -27.23 20.88 22.15
N PHE A 165 -28.36 20.24 22.41
CA PHE A 165 -28.38 18.80 22.77
C PHE A 165 -29.12 18.02 21.67
N ASN A 166 -28.75 16.77 21.44
CA ASN A 166 -29.32 16.01 20.30
C ASN A 166 -30.79 15.66 20.49
N ASP A 167 -31.12 14.97 21.56
CA ASP A 167 -32.52 14.49 21.68
C ASP A 167 -32.92 14.29 23.14
N GLY A 168 -34.22 14.26 23.40
CA GLY A 168 -34.72 14.10 24.76
C GLY A 168 -35.88 15.01 25.03
N HIS A 169 -36.93 14.49 25.65
CA HIS A 169 -38.14 15.32 25.87
C HIS A 169 -38.35 15.50 27.38
N TRP A 170 -37.25 15.51 28.13
CA TRP A 170 -37.33 15.73 29.60
C TRP A 170 -37.85 17.13 29.90
N LYS A 171 -38.72 17.27 30.88
CA LYS A 171 -39.35 18.60 31.15
C LYS A 171 -38.49 19.47 32.07
N TYR A 172 -37.58 18.86 32.82
CA TYR A 172 -36.78 19.66 33.79
C TYR A 172 -35.29 19.35 33.64
N PHE A 173 -34.48 20.39 33.77
CA PHE A 173 -33.01 20.21 33.74
C PHE A 173 -32.44 20.64 35.08
N GLU A 174 -31.38 19.98 35.52
CA GLU A 174 -30.69 20.40 36.76
C GLU A 174 -29.22 20.62 36.41
N ILE A 175 -28.61 21.72 36.86
CA ILE A 175 -27.21 22.06 36.48
C ILE A 175 -26.17 21.58 37.51
N VAL A 176 -25.56 20.42 37.28
CA VAL A 176 -24.53 19.85 38.20
C VAL A 176 -23.25 20.69 38.10
N LYS A 177 -22.78 20.98 36.89
CA LYS A 177 -21.57 21.81 36.68
C LYS A 177 -21.96 22.89 35.68
N GLN A 178 -21.45 24.10 35.85
CA GLN A 178 -21.97 25.27 35.08
C GLN A 178 -22.05 25.11 33.56
N PRO A 179 -20.99 24.86 32.78
CA PRO A 179 -21.14 24.87 31.29
C PRO A 179 -22.44 24.16 30.87
N ASN A 180 -22.42 22.83 30.71
CA ASN A 180 -23.61 22.12 30.17
C ASN A 180 -23.72 20.75 30.82
N LYS A 181 -23.27 20.61 32.06
CA LYS A 181 -23.28 19.28 32.73
C LYS A 181 -24.63 19.20 33.44
N ILE A 182 -25.60 18.54 32.81
CA ILE A 182 -26.99 18.60 33.32
C ILE A 182 -27.63 17.23 33.53
N ARG A 183 -28.41 17.11 34.61
CA ARG A 183 -29.20 15.88 34.85
C ARG A 183 -30.63 16.21 34.40
N SER A 184 -31.36 15.24 33.87
CA SER A 184 -32.67 15.53 33.26
C SER A 184 -33.79 14.75 33.94
N TYR A 185 -34.96 15.38 34.07
CA TYR A 185 -36.11 14.76 34.76
C TYR A 185 -37.35 14.81 33.86
N TRP A 186 -38.04 13.67 33.72
CA TRP A 186 -39.22 13.57 32.83
C TRP A 186 -40.39 14.33 33.43
N SER A 187 -40.41 14.51 34.74
CA SER A 187 -41.57 15.15 35.42
C SER A 187 -41.50 14.86 36.91
N GLY A 188 -40.72 15.64 37.64
CA GLY A 188 -40.57 15.32 39.06
C GLY A 188 -41.41 16.25 39.90
N PRO A 189 -41.49 16.05 41.23
CA PRO A 189 -42.20 17.00 42.13
C PRO A 189 -41.42 18.32 42.17
N VAL A 190 -40.45 18.49 41.27
CA VAL A 190 -39.68 19.76 41.14
C VAL A 190 -38.86 20.06 42.39
N LYS A 191 -37.55 19.87 42.33
CA LYS A 191 -36.66 20.24 43.45
C LYS A 191 -36.05 21.61 43.15
N PRO A 192 -35.44 22.32 44.13
CA PRO A 192 -34.93 23.70 43.96
C PRO A 192 -34.07 23.91 42.70
N GLY A 193 -33.17 23.00 42.41
CA GLY A 193 -32.25 23.20 41.27
C GLY A 193 -32.91 22.98 39.93
N PHE A 194 -34.13 22.45 39.92
CA PHE A 194 -34.78 22.08 38.64
C PHE A 194 -35.19 23.31 37.84
N ILE A 195 -34.84 23.34 36.56
CA ILE A 195 -35.33 24.45 35.69
C ILE A 195 -36.13 23.84 34.53
N HIS A 196 -37.31 24.40 34.25
CA HIS A 196 -38.16 23.91 33.14
C HIS A 196 -37.37 24.13 31.85
N VAL A 197 -37.37 23.15 30.96
CA VAL A 197 -36.49 23.21 29.75
C VAL A 197 -36.75 24.44 28.87
N THR A 198 -38.01 24.79 28.62
CA THR A 198 -38.35 25.93 27.75
C THR A 198 -37.75 27.21 28.30
N GLU A 199 -37.96 27.48 29.58
CA GLU A 199 -37.39 28.69 30.23
C GLU A 199 -35.85 28.60 30.22
N TYR A 200 -35.30 27.42 30.53
CA TYR A 200 -33.83 27.23 30.55
C TYR A 200 -33.24 27.58 29.20
N LEU A 201 -33.77 26.97 28.15
CA LEU A 201 -33.23 27.20 26.80
C LEU A 201 -33.44 28.65 26.38
N THR A 202 -34.59 29.23 26.72
CA THR A 202 -34.86 30.65 26.41
C THR A 202 -33.89 31.51 27.19
N ASP A 203 -33.61 31.15 28.43
CA ASP A 203 -32.63 31.91 29.26
C ASP A 203 -31.24 31.90 28.60
N ARG A 204 -30.84 30.76 28.03
CA ARG A 204 -29.48 30.66 27.44
C ARG A 204 -29.42 31.42 26.12
N CYS A 205 -30.49 31.35 25.33
CA CYS A 205 -30.53 32.06 24.03
C CYS A 205 -30.34 33.55 24.31
N LEU A 206 -31.06 34.07 25.31
CA LEU A 206 -30.99 35.51 25.63
C LEU A 206 -29.58 35.88 26.08
N GLU A 207 -28.91 35.01 26.82
CA GLU A 207 -27.52 35.25 27.24
C GLU A 207 -26.61 35.34 26.00
N LEU A 208 -26.81 34.45 25.02
CA LEU A 208 -25.97 34.46 23.80
C LEU A 208 -26.39 35.62 22.90
N LEU A 209 -27.67 35.98 22.93
CA LEU A 209 -28.18 37.09 22.10
C LEU A 209 -27.59 38.43 22.57
N GLU A 210 -27.42 38.60 23.88
CA GLU A 210 -26.86 39.85 24.43
C GLU A 210 -25.39 39.99 24.02
N ARG A 211 -24.69 38.87 24.00
CA ARG A 211 -23.24 38.89 23.70
C ARG A 211 -22.99 39.25 22.24
N ASP A 212 -23.90 38.89 21.33
CA ASP A 212 -23.65 39.09 19.88
C ASP A 212 -24.61 40.14 19.32
N LYS A 213 -25.24 40.91 20.19
CA LYS A 213 -26.29 41.87 19.75
C LYS A 213 -25.76 42.94 18.80
N ASN A 214 -24.47 43.27 18.90
CA ASN A 214 -23.96 44.39 18.08
C ASN A 214 -23.23 43.85 16.86
N LYS A 215 -23.37 42.56 16.59
CA LYS A 215 -22.74 41.95 15.38
C LYS A 215 -23.77 41.15 14.60
N PRO A 216 -23.60 40.94 13.29
CA PRO A 216 -24.49 40.05 12.51
C PRO A 216 -24.58 38.71 13.21
N PHE A 217 -25.80 38.32 13.58
CA PHE A 217 -25.92 37.06 14.36
C PHE A 217 -27.02 36.18 13.81
N TYR A 218 -26.82 34.87 13.91
CA TYR A 218 -27.88 33.89 13.53
C TYR A 218 -28.03 33.01 14.75
N MET A 219 -29.21 33.04 15.37
CA MET A 219 -29.51 32.18 16.54
C MET A 219 -30.71 31.28 16.25
N MET A 220 -30.60 30.00 16.53
CA MET A 220 -31.77 29.09 16.40
C MET A 220 -32.12 28.53 17.78
N LEU A 221 -33.37 28.71 18.19
CA LEU A 221 -33.83 28.12 19.47
C LEU A 221 -34.85 27.01 19.12
N SER A 222 -34.43 25.76 19.26
CA SER A 222 -35.37 24.63 19.04
C SER A 222 -35.87 24.14 20.40
N ILE A 223 -37.14 24.38 20.69
CA ILE A 223 -37.76 23.97 21.98
C ILE A 223 -38.45 22.61 21.81
N PRO A 224 -38.21 21.59 22.66
CA PRO A 224 -38.86 20.30 22.44
C PRO A 224 -40.20 20.18 23.14
N ASP A 225 -40.64 21.19 23.88
CA ASP A 225 -41.82 21.07 24.78
C ASP A 225 -43.11 20.45 24.24
N PRO A 226 -43.79 21.00 23.20
CA PRO A 226 -45.13 20.46 22.84
C PRO A 226 -44.99 18.96 22.59
N HIS A 227 -43.91 18.55 21.90
CA HIS A 227 -43.68 17.12 21.63
C HIS A 227 -43.39 16.52 22.96
N SER A 228 -44.12 15.49 23.33
CA SER A 228 -43.79 15.07 24.69
C SER A 228 -44.59 13.92 25.24
N PRO A 229 -44.25 13.47 26.46
CA PRO A 229 -45.11 12.59 27.22
C PRO A 229 -46.22 13.49 27.77
N ASP A 230 -46.40 14.68 27.19
CA ASP A 230 -47.51 15.61 27.55
C ASP A 230 -47.51 15.94 29.04
N ILE A 231 -46.42 16.53 29.52
CA ILE A 231 -46.29 16.91 30.96
C ILE A 231 -45.87 18.37 31.04
N ALA A 232 -46.76 19.23 31.50
CA ALA A 232 -46.46 20.67 31.59
C ALA A 232 -46.15 21.11 33.01
N SER A 233 -45.58 22.31 33.14
CA SER A 233 -45.30 22.92 34.46
C SER A 233 -46.63 23.22 35.15
N GLU A 234 -46.67 23.06 36.47
CA GLU A 234 -47.94 23.26 37.22
C GLU A 234 -48.41 24.71 37.07
N GLU A 235 -47.48 25.64 37.01
CA GLU A 235 -47.83 27.07 36.84
C GLU A 235 -48.72 27.23 35.59
N TYR A 236 -48.48 26.41 34.55
CA TYR A 236 -49.27 26.53 33.31
C TYR A 236 -50.40 25.50 33.31
N LEU A 237 -50.18 24.33 33.89
CA LEU A 237 -51.22 23.26 33.90
C LEU A 237 -52.45 23.69 34.69
N GLN A 238 -52.26 24.32 35.86
CA GLN A 238 -53.38 24.77 36.72
C GLN A 238 -54.37 25.59 35.88
N LYS A 239 -53.85 26.36 34.94
CA LYS A 239 -54.70 27.18 34.04
C LYS A 239 -55.54 26.33 33.08
N TYR A 240 -55.28 25.03 32.93
CA TYR A 240 -56.05 24.27 31.91
C TYR A 240 -56.58 22.96 32.43
N ILE A 241 -56.08 22.43 33.53
CA ILE A 241 -56.47 21.05 33.95
C ILE A 241 -57.96 20.92 34.32
N ASN A 242 -58.61 21.99 34.78
CA ASN A 242 -60.00 21.85 35.27
C ASN A 242 -60.98 22.42 34.24
N LEU A 243 -60.49 22.89 33.11
CA LEU A 243 -61.36 23.51 32.09
C LEU A 243 -62.06 22.43 31.27
N ASP A 244 -62.96 22.83 30.39
CA ASP A 244 -63.73 21.85 29.57
C ASP A 244 -63.23 21.84 28.13
N TYR A 245 -63.07 20.65 27.58
CA TYR A 245 -62.59 20.50 26.18
C TYR A 245 -63.55 19.57 25.44
N GLU A 246 -63.69 19.80 24.14
CA GLU A 246 -64.61 18.98 23.34
C GLU A 246 -63.80 18.03 22.45
N ALA A 247 -64.26 16.80 22.29
CA ALA A 247 -63.58 15.83 21.41
C ALA A 247 -63.75 16.29 19.96
N PRO A 248 -62.68 16.34 19.15
CA PRO A 248 -62.79 16.70 17.73
C PRO A 248 -63.88 15.88 17.05
N GLU A 249 -64.58 16.48 16.09
CA GLU A 249 -65.67 15.77 15.37
C GLU A 249 -65.06 14.79 14.36
N THR A 250 -63.75 14.90 14.10
CA THR A 250 -63.06 14.03 13.14
C THR A 250 -62.81 12.70 13.82
N MET A 251 -63.03 12.65 15.12
CA MET A 251 -62.83 11.40 15.87
C MET A 251 -63.83 10.35 15.35
N VAL A 252 -63.46 9.08 15.42
CA VAL A 252 -64.32 8.02 14.88
C VAL A 252 -64.63 7.00 15.98
N THR A 253 -65.57 6.11 15.73
CA THR A 253 -65.80 5.00 16.67
C THR A 253 -65.36 3.79 15.91
N ASN A 254 -65.34 2.64 16.58
CA ASN A 254 -64.97 1.37 15.89
C ASN A 254 -66.00 1.07 14.80
N ASP A 255 -67.20 1.66 14.91
CA ASP A 255 -68.29 1.32 13.96
C ASP A 255 -68.58 2.50 13.03
N THR A 256 -67.95 3.65 13.28
CA THR A 256 -68.13 4.79 12.36
C THR A 256 -66.80 5.16 11.73
N ASP A 257 -65.77 4.32 11.92
CA ASP A 257 -64.44 4.56 11.27
C ASP A 257 -64.48 4.49 9.74
N GLN A 258 -64.35 5.61 9.05
CA GLN A 258 -64.28 5.62 7.56
C GLN A 258 -62.93 6.19 7.13
N ARG A 259 -61.93 6.10 8.00
CA ARG A 259 -60.62 6.73 7.73
C ARG A 259 -59.82 5.87 6.76
N PRO A 260 -58.87 6.45 5.99
CA PRO A 260 -57.95 5.63 5.17
C PRO A 260 -57.19 4.68 6.09
N ARG A 261 -56.82 3.53 5.55
CA ARG A 261 -56.15 2.49 6.36
C ARG A 261 -54.75 2.94 6.83
N TRP A 262 -54.17 3.95 6.18
CA TRP A 262 -52.87 4.45 6.68
C TRP A 262 -53.07 5.25 7.98
N ALA A 263 -54.30 5.62 8.29
CA ALA A 263 -54.56 6.32 9.57
C ALA A 263 -55.24 5.39 10.56
N ARG A 264 -55.40 4.12 10.21
CA ARG A 264 -56.09 3.14 11.09
C ARG A 264 -55.06 2.22 11.75
N VAL A 270 -56.81 6.13 18.74
CA VAL A 270 -57.51 6.75 19.91
C VAL A 270 -58.97 7.06 19.55
N ASN A 271 -59.89 6.13 19.78
CA ASN A 271 -61.34 6.36 19.52
C ASN A 271 -61.86 7.47 20.42
N LYS A 272 -62.99 8.04 20.03
CA LYS A 272 -63.64 9.04 20.90
C LYS A 272 -63.98 8.25 22.14
N ASP A 273 -63.92 8.86 23.31
CA ASP A 273 -64.11 8.12 24.60
C ASP A 273 -62.71 7.77 25.08
N LYS A 274 -61.73 7.69 24.17
CA LYS A 274 -60.33 7.52 24.60
C LYS A 274 -59.72 8.93 24.52
N PHE A 275 -60.56 9.92 24.25
CA PHE A 275 -60.10 11.33 24.25
C PHE A 275 -59.56 11.61 25.66
N ASP A 276 -58.36 12.19 25.76
CA ASP A 276 -57.74 12.51 27.08
C ASP A 276 -57.64 14.02 27.25
N LYS A 277 -58.55 14.63 28.00
CA LYS A 277 -58.56 16.10 28.23
C LYS A 277 -57.39 16.52 29.13
N LYS A 278 -56.96 15.64 30.02
CA LYS A 278 -55.79 15.95 30.87
C LYS A 278 -54.54 16.11 29.99
N ALA A 279 -54.40 15.25 29.00
CA ALA A 279 -53.23 15.33 28.09
C ALA A 279 -53.35 16.60 27.25
N LEU A 280 -54.55 16.89 26.81
CA LEU A 280 -54.79 18.10 25.99
C LEU A 280 -54.42 19.33 26.84
N ALA A 281 -54.87 19.35 28.08
CA ALA A 281 -54.57 20.48 28.99
C ALA A 281 -53.06 20.64 29.11
N ASN A 282 -52.36 19.53 29.28
CA ASN A 282 -50.88 19.56 29.41
C ASN A 282 -50.27 20.13 28.13
N TYR A 283 -50.80 19.73 26.96
CA TYR A 283 -50.28 20.24 25.66
C TYR A 283 -50.47 21.74 25.56
N PHE A 284 -51.67 22.22 25.89
CA PHE A 284 -51.98 23.66 25.79
C PHE A 284 -51.14 24.45 26.79
N ALA A 285 -50.96 23.91 27.98
CA ALA A 285 -50.10 24.57 28.99
C ALA A 285 -48.66 24.62 28.50
N MET A 286 -48.23 23.62 27.75
CA MET A 286 -46.86 23.63 27.19
C MET A 286 -46.75 24.76 26.15
N VAL A 287 -47.77 24.94 25.32
CA VAL A 287 -47.74 25.98 24.25
C VAL A 287 -47.71 27.37 24.88
N GLU A 288 -48.44 27.57 25.97
CA GLU A 288 -48.50 28.90 26.63
C GLU A 288 -47.13 29.26 27.20
N CYS A 289 -46.44 28.29 27.80
CA CYS A 289 -45.05 28.52 28.27
C CYS A 289 -44.18 28.94 27.07
N VAL A 290 -44.30 28.23 25.95
CA VAL A 290 -43.52 28.57 24.72
C VAL A 290 -43.82 30.00 24.30
N ASP A 291 -45.09 30.34 24.12
CA ASP A 291 -45.49 31.69 23.65
C ASP A 291 -44.98 32.75 24.61
N ASP A 292 -45.11 32.51 25.91
CA ASP A 292 -44.56 33.46 26.91
C ASP A 292 -43.05 33.62 26.68
N ASN A 293 -42.36 32.51 26.41
CA ASN A 293 -40.88 32.57 26.29
C ASN A 293 -40.52 33.25 24.95
N VAL A 294 -41.36 33.12 23.93
CA VAL A 294 -41.12 33.83 22.64
C VAL A 294 -41.25 35.34 22.90
N GLY A 295 -42.13 35.74 23.81
CA GLY A 295 -42.27 37.16 24.17
C GLY A 295 -40.98 37.75 24.71
N ARG A 296 -40.26 37.00 25.54
CA ARG A 296 -38.98 37.47 26.12
C ARG A 296 -37.97 37.73 25.01
N ILE A 297 -37.93 36.87 24.01
CA ILE A 297 -37.02 37.08 22.85
C ILE A 297 -37.47 38.35 22.11
N LEU A 298 -38.76 38.50 21.91
CA LEU A 298 -39.29 39.66 21.15
C LEU A 298 -39.11 40.93 21.99
N ASP A 299 -39.34 40.83 23.29
CA ASP A 299 -39.12 41.99 24.18
C ASP A 299 -37.63 42.38 24.13
N PHE A 300 -36.73 41.40 24.07
CA PHE A 300 -35.27 41.70 24.02
C PHE A 300 -34.95 42.47 22.76
N LEU A 301 -35.47 42.02 21.62
CA LEU A 301 -35.20 42.70 20.34
C LEU A 301 -35.69 44.15 20.40
N ASP A 302 -36.88 44.38 20.94
CA ASP A 302 -37.47 45.74 21.04
C ASP A 302 -36.58 46.63 21.91
N LYS A 303 -36.16 46.15 23.07
CA LYS A 303 -35.30 46.93 24.00
C LYS A 303 -33.96 47.27 23.34
N ASN A 304 -33.36 46.34 22.60
CA ASN A 304 -32.02 46.55 22.01
C ASN A 304 -32.18 47.06 20.57
N ASN A 305 -33.41 47.41 20.19
CA ASN A 305 -33.66 48.03 18.86
C ASN A 305 -33.18 47.13 17.71
N LEU A 306 -33.45 45.85 17.79
CA LEU A 306 -32.98 44.92 16.74
C LEU A 306 -34.16 44.36 15.94
N THR A 307 -35.39 44.77 16.26
CA THR A 307 -36.59 44.24 15.60
C THR A 307 -36.58 44.49 14.10
N ASP A 308 -36.23 45.71 13.67
CA ASP A 308 -36.38 46.09 12.23
C ASP A 308 -35.42 45.34 11.30
N ASN A 309 -34.18 45.11 11.74
CA ASN A 309 -33.18 44.43 10.87
C ASN A 309 -32.93 43.00 11.36
N THR A 310 -33.86 42.42 12.10
CA THR A 310 -33.71 41.01 12.50
C THR A 310 -34.85 40.24 11.90
N ILE A 311 -34.56 39.12 11.27
CA ILE A 311 -35.61 38.22 10.74
C ILE A 311 -35.93 37.23 11.87
N VAL A 312 -37.17 37.19 12.31
CA VAL A 312 -37.61 36.24 13.37
C VAL A 312 -38.58 35.25 12.70
N VAL A 313 -38.29 33.96 12.82
CA VAL A 313 -39.16 32.92 12.23
C VAL A 313 -39.65 31.99 13.33
N PHE A 314 -40.97 31.74 13.40
CA PHE A 314 -41.51 30.71 14.33
C PHE A 314 -41.96 29.55 13.47
N THR A 315 -41.50 28.35 13.80
CA THR A 315 -41.90 27.14 13.04
C THR A 315 -41.83 25.92 13.93
N ALA A 316 -42.03 24.74 13.35
CA ALA A 316 -41.92 23.47 14.08
C ALA A 316 -41.47 22.38 13.09
N ASP A 317 -40.96 21.27 13.58
CA ASP A 317 -40.50 20.17 12.70
C ASP A 317 -41.72 19.52 12.05
N HIS A 318 -42.76 19.32 12.86
CA HIS A 318 -44.02 18.72 12.40
C HIS A 318 -45.10 19.07 13.42
N GLY A 319 -46.35 18.78 13.13
CA GLY A 319 -47.42 19.09 14.07
C GLY A 319 -47.85 17.89 14.89
N ASP A 320 -49.04 17.94 15.45
CA ASP A 320 -49.59 16.80 16.22
C ASP A 320 -51.06 16.64 15.82
N MET A 321 -51.52 15.41 15.67
CA MET A 321 -52.94 15.14 15.35
C MET A 321 -53.80 15.58 16.55
N LEU A 322 -53.28 15.44 17.77
CA LEU A 322 -53.97 15.90 19.02
C LEU A 322 -55.45 15.47 19.03
N TYR A 323 -55.69 14.16 18.86
CA TYR A 323 -57.05 13.56 18.94
C TYR A 323 -57.83 13.77 17.64
N GLU A 324 -57.32 14.61 16.74
CA GLU A 324 -58.01 14.78 15.43
C GLU A 324 -57.86 13.50 14.58
N HIS A 325 -58.92 13.11 13.86
CA HIS A 325 -58.97 11.86 13.07
C HIS A 325 -58.68 10.68 14.01
N SER A 326 -59.00 10.85 15.29
CA SER A 326 -58.83 9.76 16.29
C SER A 326 -57.38 9.26 16.28
N ARG A 327 -56.42 10.16 16.05
CA ARG A 327 -54.98 9.83 16.09
C ARG A 327 -54.29 10.88 16.96
N VAL A 328 -53.11 10.59 17.49
CA VAL A 328 -52.48 11.56 18.41
C VAL A 328 -51.08 11.98 17.91
N ASN A 329 -50.10 11.10 17.87
CA ASN A 329 -48.71 11.52 17.56
C ASN A 329 -48.20 10.96 16.24
N LYS A 330 -49.02 10.21 15.52
CA LYS A 330 -48.53 9.56 14.29
C LYS A 330 -48.26 10.59 13.19
N GLY A 331 -47.10 10.52 12.55
CA GLY A 331 -46.82 11.37 11.38
C GLY A 331 -47.70 10.94 10.23
N LEU A 332 -48.65 11.78 9.86
CA LEU A 332 -49.61 11.42 8.82
C LEU A 332 -49.73 12.54 7.78
N PRO A 333 -50.32 12.26 6.58
CA PRO A 333 -50.51 13.31 5.55
C PRO A 333 -51.63 14.28 5.93
N TYR A 334 -52.37 14.00 7.01
CA TYR A 334 -53.43 14.93 7.49
C TYR A 334 -52.82 16.27 7.87
N GLU A 335 -53.57 17.35 7.69
CA GLU A 335 -53.09 18.73 7.93
C GLU A 335 -52.54 18.95 9.35
N SER A 336 -53.11 18.34 10.37
CA SER A 336 -52.61 18.63 11.73
C SER A 336 -51.17 18.11 11.88
N SER A 337 -50.85 16.92 11.37
CA SER A 337 -49.48 16.36 11.44
C SER A 337 -48.59 16.99 10.37
N ALA A 338 -49.05 17.00 9.13
CA ALA A 338 -48.22 17.43 7.98
C ALA A 338 -47.87 18.91 8.04
N ARG A 339 -48.84 19.74 8.40
CA ARG A 339 -48.62 21.20 8.35
C ARG A 339 -47.68 21.65 9.47
N ILE A 340 -46.88 22.65 9.17
CA ILE A 340 -45.99 23.20 10.21
C ILE A 340 -46.30 24.70 10.33
N PRO A 341 -46.28 25.28 11.53
CA PRO A 341 -46.42 26.73 11.65
C PRO A 341 -45.25 27.43 10.98
N PHE A 342 -45.47 28.45 10.16
CA PHE A 342 -44.36 29.23 9.58
C PHE A 342 -44.74 30.72 9.60
N VAL A 343 -44.40 31.42 10.67
CA VAL A 343 -44.64 32.88 10.77
C VAL A 343 -43.27 33.56 10.66
N ILE A 344 -43.16 34.59 9.83
CA ILE A 344 -41.86 35.28 9.59
C ILE A 344 -42.06 36.81 9.65
N ARG A 345 -41.23 37.50 10.44
CA ARG A 345 -41.29 38.97 10.54
C ARG A 345 -39.93 39.61 10.18
N TYR A 346 -39.88 40.38 9.10
CA TYR A 346 -38.68 41.16 8.74
C TYR A 346 -39.24 42.54 8.44
N PRO A 347 -39.26 43.46 9.42
CA PRO A 347 -39.93 44.78 9.25
C PRO A 347 -39.37 45.58 8.08
N GLU A 348 -38.09 45.39 7.78
CA GLU A 348 -37.46 46.13 6.67
C GLU A 348 -38.05 45.68 5.32
N LYS A 349 -38.21 44.39 5.08
CA LYS A 349 -38.60 43.94 3.72
C LYS A 349 -39.98 43.26 3.66
N ILE A 350 -40.55 42.86 4.79
CA ILE A 350 -41.84 42.09 4.75
C ILE A 350 -42.98 42.98 5.27
N ILE A 351 -43.97 43.25 4.43
CA ILE A 351 -45.11 44.14 4.81
C ILE A 351 -45.92 43.43 5.90
N PRO A 352 -46.42 44.17 6.92
CA PRO A 352 -47.25 43.56 7.97
C PRO A 352 -48.55 43.00 7.40
N GLY A 353 -48.99 41.82 7.85
CA GLY A 353 -50.28 41.27 7.42
C GLY A 353 -50.21 40.36 6.21
N LYS A 354 -49.02 40.09 5.70
CA LYS A 354 -48.87 39.28 4.48
C LYS A 354 -49.31 37.84 4.73
N ILE A 355 -50.02 37.25 3.78
CA ILE A 355 -50.43 35.84 3.85
C ILE A 355 -49.87 35.18 2.60
N VAL A 356 -49.04 34.14 2.76
CA VAL A 356 -48.48 33.40 1.60
C VAL A 356 -49.16 32.02 1.50
N ASN A 357 -49.88 31.77 0.41
CA ASN A 357 -50.67 30.54 0.26
C ASN A 357 -49.97 29.56 -0.67
N THR A 358 -48.83 29.96 -1.21
CA THR A 358 -48.02 29.04 -2.01
C THR A 358 -47.61 27.85 -1.15
N VAL A 359 -47.71 26.65 -1.69
CA VAL A 359 -47.27 25.42 -0.96
C VAL A 359 -45.75 25.39 -0.83
N TYR A 360 -45.28 25.00 0.35
CA TYR A 360 -43.83 24.91 0.63
C TYR A 360 -43.53 23.69 1.49
N THR A 361 -42.30 23.22 1.43
CA THR A 361 -41.83 22.17 2.35
C THR A 361 -40.65 22.79 3.05
N CYS A 362 -40.09 22.10 4.04
CA CYS A 362 -38.88 22.57 4.77
C CYS A 362 -37.70 22.62 3.81
N VAL A 363 -37.80 21.94 2.67
CA VAL A 363 -36.71 21.92 1.65
C VAL A 363 -36.56 23.34 1.10
N ASP A 364 -37.61 24.15 1.21
CA ASP A 364 -37.58 25.51 0.63
C ASP A 364 -36.95 26.52 1.58
N PHE A 365 -36.79 26.20 2.87
CA PHE A 365 -36.32 27.22 3.84
C PHE A 365 -34.94 27.77 3.48
N ALA A 366 -33.92 26.91 3.40
CA ALA A 366 -32.54 27.37 3.15
C ALA A 366 -32.46 28.29 1.92
N PRO A 367 -32.91 27.90 0.71
CA PRO A 367 -32.83 28.81 -0.44
C PRO A 367 -33.54 30.13 -0.15
N THR A 368 -34.77 30.07 0.38
CA THR A 368 -35.56 31.29 0.64
C THR A 368 -34.90 32.15 1.71
N ILE A 369 -34.43 31.58 2.81
CA ILE A 369 -33.86 32.38 3.91
C ILE A 369 -32.59 33.08 3.39
N LEU A 370 -31.83 32.39 2.55
CA LEU A 370 -30.55 32.96 2.08
C LEU A 370 -30.89 34.08 1.08
N GLY A 371 -31.88 33.85 0.22
CA GLY A 371 -32.32 34.89 -0.73
C GLY A 371 -32.78 36.12 0.02
N LEU A 372 -33.49 35.92 1.12
CA LEU A 372 -34.02 37.05 1.92
C LEU A 372 -32.88 37.81 2.58
N MET A 373 -31.85 37.12 3.03
CA MET A 373 -30.76 37.78 3.79
C MET A 373 -29.65 38.23 2.84
N GLY A 374 -29.84 38.02 1.54
CA GLY A 374 -28.82 38.40 0.55
C GLY A 374 -27.57 37.59 0.75
N VAL A 375 -27.72 36.33 1.13
CA VAL A 375 -26.53 35.48 1.40
C VAL A 375 -26.42 34.47 0.24
N LYS A 376 -25.19 34.09 -0.12
CA LYS A 376 -24.95 33.10 -1.19
C LYS A 376 -25.75 31.82 -0.95
N GLN A 377 -26.38 31.31 -2.01
CA GLN A 377 -27.15 30.05 -1.93
C GLN A 377 -26.23 28.87 -1.65
N ILE A 378 -26.72 27.87 -0.92
CA ILE A 378 -25.93 26.64 -0.65
C ILE A 378 -25.43 26.15 -2.01
N PRO A 379 -24.11 25.93 -2.18
CA PRO A 379 -23.58 25.50 -3.49
C PRO A 379 -24.17 24.17 -3.88
N GLY A 380 -24.40 23.99 -5.18
CA GLY A 380 -24.84 22.67 -5.65
C GLY A 380 -26.33 22.46 -5.70
N LEU A 381 -26.75 21.21 -5.52
CA LEU A 381 -28.18 20.86 -5.71
C LEU A 381 -29.07 21.36 -4.58
N GLN A 382 -30.12 22.05 -4.96
CA GLN A 382 -31.14 22.48 -3.98
C GLN A 382 -32.45 21.93 -4.54
N GLU A 383 -33.15 21.08 -3.79
CA GLU A 383 -34.38 20.44 -4.32
C GLU A 383 -35.58 21.33 -4.04
N GLY A 384 -35.32 22.56 -3.61
CA GLY A 384 -36.40 23.48 -3.26
C GLY A 384 -36.24 24.80 -3.95
N ILE A 385 -37.16 25.72 -3.71
CA ILE A 385 -37.10 27.03 -4.43
C ILE A 385 -36.76 28.17 -3.46
N ASN A 386 -36.12 29.22 -3.97
CA ASN A 386 -35.90 30.48 -3.20
C ASN A 386 -37.08 31.38 -3.54
N ASP A 387 -38.04 31.50 -2.63
CA ASP A 387 -39.24 32.32 -2.86
C ASP A 387 -39.21 33.51 -1.90
N ALA A 388 -38.09 34.22 -1.85
CA ALA A 388 -37.99 35.41 -0.98
C ALA A 388 -38.84 36.52 -1.57
N GLN A 389 -39.10 36.47 -2.87
CA GLN A 389 -39.94 37.48 -3.57
C GLN A 389 -41.34 37.49 -2.95
N ALA A 390 -41.85 36.32 -2.56
CA ALA A 390 -43.19 36.20 -1.95
C ALA A 390 -43.28 37.03 -0.68
N PHE A 391 -42.20 37.10 0.08
CA PHE A 391 -42.18 37.88 1.34
C PHE A 391 -41.85 39.36 1.03
N THR A 392 -41.04 39.62 0.01
CA THR A 392 -40.60 41.01 -0.25
C THR A 392 -41.60 41.74 -1.11
N ASN A 393 -42.44 41.02 -1.84
CA ASN A 393 -43.37 41.69 -2.82
C ASN A 393 -44.41 42.57 -2.11
N LYS A 394 -45.24 43.26 -2.89
CA LYS A 394 -46.24 44.20 -2.35
C LYS A 394 -47.60 43.53 -2.19
N GLU A 395 -47.70 42.25 -2.53
CA GLU A 395 -48.97 41.49 -2.42
C GLU A 395 -49.24 41.04 -0.98
N LYS A 396 -50.40 41.39 -0.43
CA LYS A 396 -50.73 40.99 0.97
C LYS A 396 -51.18 39.53 0.95
N ASN A 397 -51.71 39.09 -0.18
CA ASN A 397 -52.13 37.66 -0.34
C ASN A 397 -51.36 37.12 -1.52
N VAL A 398 -50.33 36.33 -1.24
CA VAL A 398 -49.47 35.74 -2.30
C VAL A 398 -49.93 34.30 -2.58
N LYS A 399 -50.15 33.99 -3.85
CA LYS A 399 -50.50 32.61 -4.24
C LYS A 399 -49.95 32.33 -5.64
N GLN A 400 -49.03 31.38 -5.75
CA GLN A 400 -48.55 30.96 -7.09
C GLN A 400 -48.88 29.48 -7.26
N ASP A 401 -49.06 29.07 -8.51
CA ASP A 401 -49.31 27.64 -8.79
C ASP A 401 -48.05 26.81 -8.53
N ARG A 402 -48.14 25.87 -7.59
CA ARG A 402 -47.03 24.95 -7.28
C ARG A 402 -47.58 23.70 -6.59
N ILE A 403 -46.97 22.56 -6.85
CA ILE A 403 -47.31 21.31 -6.13
C ILE A 403 -46.03 20.90 -5.40
N VAL A 404 -46.16 20.44 -4.15
CA VAL A 404 -44.99 19.99 -3.35
C VAL A 404 -45.31 18.56 -2.87
N TYR A 405 -44.30 17.85 -2.37
CA TYR A 405 -44.50 16.44 -1.95
C TYR A 405 -43.95 16.22 -0.55
N THR A 406 -44.59 15.32 0.19
CA THR A 406 -44.12 14.94 1.53
C THR A 406 -43.95 13.43 1.56
N THR A 407 -43.06 12.94 2.41
CA THR A 407 -42.76 11.49 2.47
C THR A 407 -42.96 10.95 3.87
N ALA A 408 -43.26 9.67 4.04
CA ALA A 408 -43.41 9.00 5.37
C ALA A 408 -42.06 8.54 5.95
N SER A 409 -41.77 8.84 7.21
CA SER A 409 -40.39 8.53 7.69
C SER A 409 -40.17 7.07 8.03
N PRO A 410 -40.77 6.49 9.07
CA PRO A 410 -40.35 5.13 9.46
C PRO A 410 -40.42 4.17 8.27
N PHE A 411 -41.56 4.07 7.57
CA PHE A 411 -41.71 2.98 6.58
C PHE A 411 -42.06 3.39 5.16
N ASN A 412 -42.02 4.68 4.83
CA ASN A 412 -42.24 5.12 3.43
C ASN A 412 -43.56 4.53 2.95
N ASP A 413 -44.52 4.31 3.84
CA ASP A 413 -45.79 3.63 3.50
C ASP A 413 -46.77 4.57 2.80
N TRP A 414 -46.57 5.87 2.87
CA TRP A 414 -47.44 6.81 2.14
C TRP A 414 -46.63 7.95 1.51
N THR A 415 -47.15 8.52 0.44
CA THR A 415 -46.53 9.69 -0.23
C THR A 415 -47.63 10.69 -0.47
N MET A 416 -47.33 11.98 -0.41
CA MET A 416 -48.41 12.97 -0.55
C MET A 416 -47.99 14.12 -1.48
N ALA A 417 -48.95 14.66 -2.20
CA ALA A 417 -48.70 15.84 -3.06
C ALA A 417 -49.86 16.81 -2.86
N THR A 418 -49.57 18.11 -2.87
CA THR A 418 -50.62 19.12 -2.67
C THR A 418 -50.39 20.34 -3.53
N ASP A 419 -51.46 20.90 -4.10
CA ASP A 419 -51.37 22.16 -4.87
C ASP A 419 -51.88 23.27 -3.97
N GLY A 420 -52.37 22.90 -2.79
CA GLY A 420 -52.92 23.88 -1.84
C GLY A 420 -54.36 23.59 -1.50
N ARG A 421 -55.13 23.05 -2.45
CA ARG A 421 -56.55 22.69 -2.21
C ARG A 421 -56.69 21.19 -2.32
N TYR A 422 -56.10 20.63 -3.36
CA TYR A 422 -56.20 19.17 -3.57
C TYR A 422 -54.96 18.49 -3.03
N LYS A 423 -55.18 17.51 -2.16
CA LYS A 423 -54.06 16.73 -1.57
C LYS A 423 -54.23 15.27 -1.98
N LEU A 424 -53.22 14.73 -2.66
CA LEU A 424 -53.28 13.31 -3.11
C LEU A 424 -52.38 12.49 -2.20
N VAL A 425 -52.92 11.40 -1.68
CA VAL A 425 -52.08 10.46 -0.88
C VAL A 425 -52.02 9.12 -1.61
N LEU A 426 -50.81 8.64 -1.89
CA LEU A 426 -50.62 7.29 -2.47
C LEU A 426 -50.00 6.43 -1.36
N SER A 427 -50.35 5.15 -1.29
CA SER A 427 -49.86 4.29 -0.18
C SER A 427 -49.83 2.79 -0.55
N CYS A 428 -49.16 1.99 0.27
CA CYS A 428 -49.15 0.52 0.07
C CYS A 428 -50.19 -0.07 1.04
N ARG A 429 -50.81 0.77 1.86
CA ARG A 429 -51.79 0.29 2.87
C ARG A 429 -53.22 0.67 2.46
N GLU A 430 -53.37 1.44 1.39
CA GLU A 430 -54.70 1.94 0.99
C GLU A 430 -54.73 2.31 -0.49
N THR A 431 -55.91 2.34 -1.10
CA THR A 431 -56.02 2.79 -2.49
C THR A 431 -55.84 4.29 -2.52
N PRO A 432 -55.71 4.97 -3.68
CA PRO A 432 -55.40 6.42 -3.68
C PRO A 432 -56.48 7.27 -3.01
N TRP A 433 -56.08 8.33 -2.31
CA TRP A 433 -57.03 9.25 -1.64
C TRP A 433 -56.82 10.68 -2.14
N LEU A 434 -57.89 11.33 -2.56
CA LEU A 434 -57.81 12.75 -2.99
C LEU A 434 -58.62 13.58 -2.00
N PHE A 435 -58.01 14.62 -1.45
CA PHE A 435 -58.69 15.47 -0.46
C PHE A 435 -58.98 16.82 -1.07
N ASP A 436 -60.19 17.34 -0.86
CA ASP A 436 -60.53 18.71 -1.34
C ASP A 436 -60.72 19.60 -0.11
N LEU A 437 -59.75 20.44 0.18
CA LEU A 437 -59.81 21.24 1.42
C LEU A 437 -60.79 22.41 1.27
N GLU A 438 -61.12 22.80 0.05
CA GLU A 438 -62.18 23.83 -0.10
C GLU A 438 -63.51 23.21 0.33
N VAL A 439 -63.89 22.10 -0.28
CA VAL A 439 -65.20 21.46 0.01
C VAL A 439 -65.17 20.68 1.33
N ASP A 440 -64.05 20.02 1.65
CA ASP A 440 -63.95 19.16 2.88
C ASP A 440 -62.69 19.56 3.65
N PRO A 441 -62.71 20.69 4.43
CA PRO A 441 -61.51 21.14 5.20
C PRO A 441 -61.16 20.16 6.31
N ASP A 442 -62.13 19.38 6.79
CA ASP A 442 -61.87 18.37 7.84
C ASP A 442 -61.31 17.07 7.26
N GLU A 443 -61.10 16.99 5.94
CA GLU A 443 -60.46 15.82 5.29
C GLU A 443 -61.10 14.50 5.74
N MET A 444 -62.38 14.31 5.46
CA MET A 444 -63.12 13.09 5.88
C MET A 444 -63.55 12.30 4.65
N LYS A 445 -63.48 12.91 3.48
CA LYS A 445 -64.03 12.23 2.29
C LYS A 445 -62.97 12.02 1.21
N ASN A 446 -63.11 10.96 0.41
CA ASN A 446 -62.18 10.71 -0.73
C ASN A 446 -62.86 11.12 -2.03
N PHE A 447 -62.17 11.90 -2.86
CA PHE A 447 -62.76 12.39 -4.13
C PHE A 447 -62.08 11.75 -5.33
N TYR A 448 -61.19 10.80 -5.12
CA TYR A 448 -60.41 10.19 -6.22
C TYR A 448 -61.34 9.49 -7.22
N ASN A 449 -62.34 8.81 -6.69
CA ASN A 449 -63.28 8.03 -7.55
C ASN A 449 -64.56 8.84 -7.71
N ASN A 450 -64.44 10.15 -7.75
CA ASN A 450 -65.59 11.02 -8.07
C ASN A 450 -65.30 11.45 -9.49
N PRO A 451 -66.22 11.25 -10.47
CA PRO A 451 -65.93 11.54 -11.91
C PRO A 451 -65.65 13.01 -12.16
N LYS A 452 -66.15 13.91 -11.31
CA LYS A 452 -65.86 15.35 -11.47
C LYS A 452 -64.38 15.62 -11.15
N TYR A 453 -63.75 14.74 -10.38
CA TYR A 453 -62.35 15.00 -9.94
C TYR A 453 -61.40 14.07 -10.67
N LYS A 454 -61.85 13.41 -11.74
CA LYS A 454 -61.00 12.43 -12.46
C LYS A 454 -59.75 13.10 -13.02
N GLU A 455 -59.90 14.25 -13.66
CA GLU A 455 -58.75 14.92 -14.30
C GLU A 455 -57.79 15.47 -13.23
N ILE A 456 -58.32 16.01 -12.14
CA ILE A 456 -57.48 16.61 -11.07
C ILE A 456 -56.69 15.48 -10.41
N ALA A 457 -57.35 14.36 -10.18
CA ALA A 457 -56.66 13.19 -9.60
C ALA A 457 -55.55 12.74 -10.53
N ASP A 458 -55.85 12.64 -11.81
CA ASP A 458 -54.84 12.18 -12.78
C ASP A 458 -53.65 13.14 -12.79
N ARG A 459 -53.91 14.44 -12.82
CA ARG A 459 -52.80 15.41 -12.93
C ARG A 459 -52.03 15.42 -11.60
N MET A 460 -52.73 15.23 -10.49
CA MET A 460 -52.06 15.19 -9.17
C MET A 460 -51.18 13.92 -9.07
N GLN A 461 -51.68 12.77 -9.53
CA GLN A 461 -50.94 11.50 -9.42
C GLN A 461 -49.67 11.58 -10.27
N LYS A 462 -49.81 12.08 -11.50
CA LYS A 462 -48.64 12.21 -12.40
C LYS A 462 -47.55 13.02 -11.70
N GLU A 463 -47.91 14.16 -11.11
CA GLU A 463 -46.93 15.04 -10.43
C GLU A 463 -46.31 14.31 -9.22
N LEU A 464 -47.12 13.60 -8.45
CA LEU A 464 -46.59 12.88 -7.26
C LEU A 464 -45.52 11.91 -7.75
N ILE A 465 -45.84 11.09 -8.74
CA ILE A 465 -44.90 10.06 -9.27
C ILE A 465 -43.67 10.75 -9.89
N ARG A 466 -43.86 11.84 -10.62
CA ARG A 466 -42.72 12.58 -11.19
C ARG A 466 -41.81 13.08 -10.04
N GLN A 467 -42.38 13.69 -9.02
CA GLN A 467 -41.57 14.25 -7.91
C GLN A 467 -40.95 13.10 -7.09
N MET A 468 -41.68 11.99 -6.96
CA MET A 468 -41.18 10.83 -6.19
C MET A 468 -39.90 10.32 -6.87
N LYS A 469 -39.90 10.24 -8.18
CA LYS A 469 -38.71 9.76 -8.93
C LYS A 469 -37.60 10.82 -8.84
N LEU A 470 -37.93 12.10 -8.99
CA LEU A 470 -36.92 13.18 -8.97
C LEU A 470 -36.23 13.28 -7.59
N TYR A 471 -36.99 13.15 -6.51
CA TYR A 471 -36.40 13.38 -5.16
C TYR A 471 -36.01 12.06 -4.54
N LYS A 472 -35.88 11.02 -5.36
CA LYS A 472 -35.43 9.68 -4.90
C LYS A 472 -36.29 9.21 -3.72
N GLU A 473 -37.61 9.17 -3.91
CA GLU A 473 -38.51 8.63 -2.88
C GLU A 473 -38.06 7.20 -2.53
N PRO A 474 -37.75 6.91 -1.25
CA PRO A 474 -37.32 5.55 -0.80
C PRO A 474 -38.28 4.43 -1.15
N ALA A 475 -39.59 4.68 -1.15
CA ALA A 475 -40.57 3.61 -1.39
C ALA A 475 -40.33 2.98 -2.77
N LEU A 476 -39.94 3.78 -3.74
CA LEU A 476 -39.69 3.25 -5.08
C LEU A 476 -38.41 2.39 -5.03
N SER A 477 -37.41 2.83 -4.27
CA SER A 477 -36.15 2.07 -4.17
C SER A 477 -36.36 0.81 -3.33
N ILE A 478 -37.25 0.86 -2.33
CA ILE A 478 -37.55 -0.33 -1.48
C ILE A 478 -38.50 -1.30 -2.21
N GLY A 479 -39.19 -0.81 -3.25
CA GLY A 479 -40.11 -1.66 -4.01
C GLY A 479 -41.39 -1.92 -3.27
N LEU A 480 -41.79 -0.99 -2.43
CA LEU A 480 -43.04 -1.12 -1.64
C LEU A 480 -44.24 -1.22 -2.58
N PRO A 481 -45.27 -2.00 -2.21
CA PRO A 481 -46.46 -2.24 -3.08
C PRO A 481 -47.49 -1.12 -3.05
N TYR A 482 -47.17 0.02 -3.65
CA TYR A 482 -48.07 1.20 -3.65
C TYR A 482 -49.24 0.97 -4.61
N LEU A 483 -50.43 1.40 -4.19
CA LEU A 483 -51.65 1.19 -5.01
C LEU A 483 -51.92 2.45 -5.84
N TYR A 484 -51.91 2.32 -7.17
CA TYR A 484 -52.08 3.50 -8.06
C TYR A 484 -53.47 3.50 -8.68
N LYS A 485 -54.33 2.57 -8.26
CA LYS A 485 -55.72 2.59 -8.75
C LYS A 485 -56.69 2.29 -7.61
N SER A 486 -57.91 2.83 -7.70
CA SER A 486 -58.93 2.62 -6.65
C SER A 486 -59.36 1.15 -6.62
N THR A 487 -59.16 0.43 -7.71
CA THR A 487 -59.59 -0.97 -7.80
C THR A 487 -58.54 -1.89 -7.23
N ASP A 488 -57.37 -1.37 -6.89
CA ASP A 488 -56.26 -2.23 -6.40
C ASP A 488 -56.58 -2.81 -5.02
N LYS A 489 -55.95 -3.94 -4.68
CA LYS A 489 -56.14 -4.54 -3.33
C LYS A 489 -54.82 -4.44 -2.56
N VAL A 490 -54.90 -4.16 -1.27
CA VAL A 490 -53.70 -4.04 -0.41
C VAL A 490 -53.08 -5.43 -0.17
N ASN A 491 -51.83 -5.61 -0.58
CA ASN A 491 -51.08 -6.87 -0.34
C ASN A 491 -49.68 -6.43 0.08
N TYR A 492 -49.54 -5.99 1.32
CA TYR A 492 -48.24 -5.44 1.77
C TYR A 492 -47.84 -6.05 3.09
N ASN A 493 -46.68 -6.67 3.11
CA ASN A 493 -46.13 -7.17 4.38
C ASN A 493 -44.86 -6.34 4.63
N PRO A 494 -44.83 -5.46 5.65
CA PRO A 494 -43.62 -4.65 5.99
C PRO A 494 -42.39 -5.48 6.27
N ALA A 495 -42.58 -6.68 6.82
CA ALA A 495 -41.45 -7.53 7.22
C ALA A 495 -40.68 -8.01 5.99
N LYS A 496 -41.31 -7.98 4.83
CA LYS A 496 -40.64 -8.42 3.58
C LYS A 496 -39.58 -7.39 3.19
N TYR A 497 -39.70 -6.15 3.66
CA TYR A 497 -38.77 -5.08 3.22
C TYR A 497 -37.82 -4.69 4.34
N LYS A 498 -37.98 -5.28 5.52
CA LYS A 498 -37.15 -4.92 6.69
C LYS A 498 -35.91 -5.82 6.73
N SER A 499 -34.84 -5.36 7.37
CA SER A 499 -33.56 -6.12 7.35
C SER A 499 -33.28 -6.84 8.67
N LYS A 500 -32.39 -7.82 8.63
CA LYS A 500 -31.99 -8.54 9.88
C LYS A 500 -30.85 -7.77 10.49
N VAL A 501 -30.95 -7.46 11.78
CA VAL A 501 -29.88 -6.62 12.37
C VAL A 501 -29.21 -7.43 13.50
N GLN A 502 -27.92 -7.73 13.32
CA GLN A 502 -27.23 -8.33 14.48
C GLN A 502 -26.95 -7.27 15.56
N PRO A 503 -27.07 -7.58 16.87
CA PRO A 503 -26.75 -6.58 17.92
C PRO A 503 -25.24 -6.41 18.06
N ASN A 504 -24.83 -5.22 18.50
CA ASN A 504 -23.39 -4.93 18.70
C ASN A 504 -23.01 -5.20 20.16
N ALA A 505 -22.05 -6.07 20.40
CA ALA A 505 -21.56 -6.35 21.75
C ALA A 505 -20.87 -5.14 22.37
N LEU A 506 -20.32 -4.24 21.56
CA LEU A 506 -19.49 -3.13 22.09
C LEU A 506 -20.34 -1.99 22.64
N LEU A 507 -21.59 -1.86 22.20
CA LEU A 507 -22.48 -0.74 22.61
C LEU A 507 -22.55 -0.55 24.13
N PRO A 508 -22.63 -1.62 24.96
CA PRO A 508 -22.60 -1.50 26.44
C PRO A 508 -21.39 -0.70 26.92
N MET A 509 -20.22 -0.95 26.34
CA MET A 509 -18.97 -0.27 26.78
C MET A 509 -18.86 1.12 26.12
N ILE A 510 -19.38 1.29 24.92
CA ILE A 510 -19.37 2.61 24.23
C ILE A 510 -20.21 3.61 25.05
N HIS A 511 -21.33 3.15 25.60
CA HIS A 511 -22.24 4.03 26.38
C HIS A 511 -21.56 4.45 27.68
N THR A 512 -20.81 3.53 28.29
CA THR A 512 -20.08 3.90 29.51
C THR A 512 -19.08 5.00 29.16
N ILE A 513 -18.31 4.81 28.09
CA ILE A 513 -17.28 5.78 27.66
C ILE A 513 -17.94 7.14 27.37
N GLU A 514 -19.08 7.12 26.69
CA GLU A 514 -19.81 8.37 26.41
C GLU A 514 -20.15 9.07 27.72
N LYS A 515 -20.74 8.36 28.66
CA LYS A 515 -21.16 9.00 29.94
C LYS A 515 -19.93 9.44 30.73
N VAL A 516 -18.95 8.58 30.91
CA VAL A 516 -17.84 8.97 31.82
C VAL A 516 -16.70 9.70 31.09
N CYS A 517 -16.50 9.47 29.82
CA CYS A 517 -15.34 10.13 29.18
C CYS A 517 -15.83 11.25 28.25
N MET A 518 -16.71 10.95 27.32
CA MET A 518 -17.10 11.95 26.29
C MET A 518 -17.98 13.07 26.86
N ARG A 519 -19.01 12.75 27.63
CA ARG A 519 -19.94 13.79 28.13
C ARG A 519 -20.07 13.63 29.64
N PRO A 520 -19.01 13.92 30.42
CA PRO A 520 -19.02 13.71 31.90
C PRO A 520 -19.82 14.77 32.66
N LEU A 521 -20.37 14.36 33.80
CA LEU A 521 -21.13 15.30 34.67
C LEU A 521 -20.18 15.89 35.72
N LYS A 522 -18.90 15.61 35.60
CA LYS A 522 -17.92 16.07 36.62
C LYS A 522 -16.91 17.03 35.98
N GLU B 26 14.00 14.31 -44.55
CA GLU B 26 12.83 14.18 -45.46
C GLU B 26 12.33 12.74 -45.39
N LYS B 27 13.25 11.78 -45.30
CA LYS B 27 12.88 10.34 -45.27
C LYS B 27 11.85 10.07 -44.17
N PRO B 28 10.71 9.42 -44.44
CA PRO B 28 9.70 9.20 -43.39
C PRO B 28 10.05 8.03 -42.49
N ASN B 29 9.55 8.05 -41.27
CA ASN B 29 9.77 6.92 -40.34
C ASN B 29 8.72 5.86 -40.61
N LEU B 30 8.96 4.63 -40.15
CA LEU B 30 7.97 3.54 -40.33
C LEU B 30 7.73 2.79 -39.02
N ILE B 31 6.49 2.73 -38.59
CA ILE B 31 6.16 1.88 -37.41
C ILE B 31 5.06 0.92 -37.87
N VAL B 32 5.37 -0.37 -37.90
CA VAL B 32 4.37 -1.42 -38.24
C VAL B 32 3.93 -2.06 -36.93
N ILE B 33 2.64 -2.03 -36.63
CA ILE B 33 2.10 -2.73 -35.43
C ILE B 33 1.34 -3.95 -35.97
N GLN B 34 1.77 -5.15 -35.58
CA GLN B 34 1.20 -6.40 -36.12
C GLN B 34 0.64 -7.31 -35.02
N THR B 35 -0.64 -7.61 -35.09
CA THR B 35 -1.25 -8.53 -34.13
C THR B 35 -1.23 -9.94 -34.67
N ASP B 36 -1.54 -10.91 -33.82
CA ASP B 36 -1.63 -12.34 -34.25
C ASP B 36 -3.08 -12.81 -34.10
N GLU B 37 -3.63 -13.47 -35.12
CA GLU B 37 -5.00 -14.04 -35.05
C GLU B 37 -5.99 -12.94 -34.66
N HIS B 38 -6.04 -11.87 -35.45
CA HIS B 38 -6.92 -10.72 -35.14
C HIS B 38 -7.99 -10.52 -36.23
N THR B 39 -9.25 -10.78 -35.89
CA THR B 39 -10.35 -10.55 -36.84
C THR B 39 -10.68 -9.08 -36.91
N ILE B 40 -11.05 -8.61 -38.10
CA ILE B 40 -11.36 -7.18 -38.34
C ILE B 40 -12.69 -6.82 -37.66
N ASN B 41 -13.49 -7.81 -37.29
CA ASN B 41 -14.83 -7.55 -36.70
C ASN B 41 -14.66 -7.07 -35.25
N THR B 42 -13.45 -7.16 -34.72
CA THR B 42 -13.18 -6.66 -33.36
C THR B 42 -12.63 -5.26 -33.49
N LEU B 43 -12.51 -4.75 -34.71
CA LEU B 43 -12.07 -3.35 -34.94
C LEU B 43 -13.27 -2.50 -35.36
N GLY B 44 -13.50 -1.37 -34.69
CA GLY B 44 -14.67 -0.51 -34.99
C GLY B 44 -14.58 0.19 -36.31
N CYS B 45 -13.36 0.49 -36.74
CA CYS B 45 -13.17 1.13 -38.06
C CYS B 45 -13.75 0.20 -39.14
N TYR B 46 -13.56 -1.10 -39.01
CA TYR B 46 -14.08 -2.05 -40.04
C TYR B 46 -15.57 -2.29 -39.84
N ARG B 47 -16.01 -2.31 -38.59
CA ARG B 47 -17.44 -2.58 -38.29
C ARG B 47 -18.28 -1.40 -38.81
N ARG B 48 -17.80 -0.16 -38.63
CA ARG B 48 -18.56 1.05 -39.02
C ARG B 48 -18.64 1.13 -40.56
N LEU B 49 -17.73 0.49 -41.26
CA LEU B 49 -17.82 0.45 -42.74
C LEU B 49 -19.05 -0.38 -43.16
N VAL B 50 -19.39 -1.41 -42.40
CA VAL B 50 -20.51 -2.31 -42.85
C VAL B 50 -21.76 -2.15 -41.97
N GLY B 51 -21.71 -1.30 -40.95
CA GLY B 51 -22.87 -1.08 -40.09
C GLY B 51 -22.57 -0.22 -38.89
N ASP B 52 -23.33 -0.37 -37.82
CA ASP B 52 -23.08 0.39 -36.58
C ASP B 52 -21.85 -0.18 -35.88
N ILE B 53 -20.98 0.68 -35.38
CA ILE B 53 -19.74 0.27 -34.65
C ILE B 53 -20.15 -0.51 -33.40
N ASN B 54 -21.38 -0.29 -32.94
CA ASN B 54 -21.82 -0.93 -31.68
C ASN B 54 -22.55 -2.24 -32.02
N ASP B 55 -22.56 -2.64 -33.28
CA ASP B 55 -23.14 -3.97 -33.62
C ASP B 55 -22.04 -4.90 -34.15
N SER B 56 -22.13 -6.18 -33.84
CA SER B 56 -21.07 -7.10 -34.27
C SER B 56 -21.72 -8.45 -34.53
N PRO B 57 -20.98 -9.46 -35.06
CA PRO B 57 -21.54 -10.81 -35.17
C PRO B 57 -21.90 -11.32 -33.78
N TRP B 58 -21.24 -10.76 -32.76
CA TRP B 58 -21.44 -11.27 -31.37
C TRP B 58 -22.21 -10.26 -30.52
N GLY B 59 -22.69 -9.19 -31.12
CA GLY B 59 -23.56 -8.27 -30.38
C GLY B 59 -23.00 -6.92 -30.03
N LYS B 60 -23.71 -6.19 -29.18
CA LYS B 60 -23.35 -4.79 -28.85
C LYS B 60 -22.23 -4.67 -27.81
N ASN B 61 -21.86 -5.77 -27.17
CA ASN B 61 -20.85 -5.70 -26.09
C ASN B 61 -19.46 -5.93 -26.70
N VAL B 62 -19.33 -5.80 -28.01
CA VAL B 62 -18.05 -6.02 -28.72
C VAL B 62 -17.00 -5.01 -28.22
N VAL B 63 -15.73 -5.40 -28.29
CA VAL B 63 -14.62 -4.49 -27.92
C VAL B 63 -14.66 -3.24 -28.81
N GLN B 64 -14.39 -2.09 -28.21
CA GLN B 64 -14.26 -0.86 -29.00
C GLN B 64 -12.75 -0.61 -29.16
N THR B 65 -12.33 -0.13 -30.32
CA THR B 65 -10.90 0.06 -30.62
C THR B 65 -10.66 1.51 -30.99
N PRO B 66 -10.90 2.51 -30.08
CA PRO B 66 -10.73 3.95 -30.38
C PRO B 66 -9.35 4.31 -30.92
N ASN B 67 -8.28 3.87 -30.27
CA ASN B 67 -6.91 4.28 -30.69
C ASN B 67 -6.60 3.79 -32.10
N ILE B 68 -6.87 2.52 -32.41
CA ILE B 68 -6.58 1.97 -33.77
C ILE B 68 -7.49 2.67 -34.79
N ASP B 69 -8.72 3.03 -34.39
CA ASP B 69 -9.69 3.69 -35.30
C ASP B 69 -9.22 5.10 -35.65
N ARG B 70 -8.43 5.74 -34.78
CA ARG B 70 -7.86 7.08 -35.06
C ARG B 70 -6.95 7.00 -36.29
N LEU B 71 -6.35 5.85 -36.53
CA LEU B 71 -5.41 5.67 -37.67
C LEU B 71 -6.19 5.62 -39.00
N ALA B 72 -7.40 5.07 -38.98
CA ALA B 72 -8.25 5.07 -40.19
C ALA B 72 -8.84 6.46 -40.37
N LYS B 73 -9.30 7.04 -39.26
CA LYS B 73 -9.88 8.39 -39.34
C LYS B 73 -8.84 9.37 -39.90
N GLU B 74 -7.59 9.27 -39.48
CA GLU B 74 -6.57 10.25 -39.91
C GLU B 74 -5.70 9.62 -41.00
N GLY B 75 -6.21 8.60 -41.66
CA GLY B 75 -5.43 7.93 -42.69
C GLY B 75 -6.27 7.09 -43.60
N ALA B 76 -5.82 5.87 -43.86
CA ALA B 76 -6.50 5.01 -44.84
C ALA B 76 -6.81 3.65 -44.26
N ILE B 77 -7.93 3.08 -44.71
CA ILE B 77 -8.29 1.71 -44.28
C ILE B 77 -8.39 0.87 -45.56
N CYS B 78 -7.90 -0.37 -45.51
CA CYS B 78 -7.95 -1.30 -46.67
C CYS B 78 -9.07 -2.31 -46.43
N THR B 79 -10.01 -2.41 -47.35
CA THR B 79 -11.20 -3.26 -47.13
C THR B 79 -11.05 -4.62 -47.75
N ARG B 80 -9.97 -4.88 -48.46
CA ARG B 80 -9.81 -6.19 -49.15
C ARG B 80 -8.34 -6.64 -49.01
N TYR B 81 -7.78 -6.45 -47.82
CA TYR B 81 -6.39 -6.92 -47.54
C TYR B 81 -6.48 -8.31 -46.97
N TYR B 82 -5.67 -9.19 -47.53
CA TYR B 82 -5.73 -10.61 -47.11
C TYR B 82 -4.36 -11.13 -46.81
N ALA B 83 -4.31 -12.12 -45.92
CA ALA B 83 -3.04 -12.80 -45.68
C ALA B 83 -2.72 -13.65 -46.90
N SER B 84 -1.44 -13.78 -47.24
CA SER B 84 -1.00 -14.70 -48.30
C SER B 84 -1.55 -16.07 -47.93
N SER B 85 -1.32 -16.50 -46.70
CA SER B 85 -1.89 -17.77 -46.21
C SER B 85 -2.39 -17.43 -44.80
N PRO B 86 -3.62 -17.84 -44.37
CA PRO B 86 -4.17 -17.44 -43.04
C PRO B 86 -3.46 -18.20 -41.92
N VAL B 87 -2.14 -18.34 -42.01
CA VAL B 87 -1.31 -19.09 -41.02
C VAL B 87 -0.11 -18.19 -40.67
N SER B 88 0.39 -18.22 -39.43
CA SER B 88 1.42 -17.23 -38.99
C SER B 88 2.72 -17.10 -39.80
N THR B 89 3.53 -18.16 -39.91
CA THR B 89 4.81 -18.08 -40.61
C THR B 89 4.64 -17.71 -42.08
N PRO B 90 3.79 -18.38 -42.89
CA PRO B 90 3.68 -18.06 -44.34
C PRO B 90 3.28 -16.59 -44.57
N SER B 91 2.27 -16.08 -43.87
CA SER B 91 1.87 -14.66 -44.01
C SER B 91 3.02 -13.72 -43.61
N ARG B 92 3.68 -13.99 -42.49
CA ARG B 92 4.77 -13.11 -42.00
C ARG B 92 5.89 -13.05 -43.04
N ALA B 93 6.22 -14.17 -43.66
CA ALA B 93 7.32 -14.26 -44.64
C ALA B 93 7.00 -13.45 -45.90
N SER B 94 5.77 -13.56 -46.37
CA SER B 94 5.32 -12.82 -47.57
C SER B 94 5.34 -11.30 -47.29
N PHE B 95 5.00 -10.91 -46.07
CA PHE B 95 5.03 -9.48 -45.69
C PHE B 95 6.44 -8.96 -45.82
N GLN B 96 7.43 -9.67 -45.28
CA GLN B 96 8.84 -9.23 -45.34
C GLN B 96 9.39 -9.31 -46.76
N THR B 97 9.14 -10.39 -47.50
CA THR B 97 9.82 -10.62 -48.79
C THR B 97 9.15 -10.12 -50.03
N GLY B 98 7.86 -9.86 -50.03
CA GLY B 98 7.18 -9.52 -51.29
C GLY B 98 7.09 -10.77 -52.14
N LEU B 99 6.94 -11.92 -51.48
CA LEU B 99 6.95 -13.22 -52.19
C LEU B 99 5.88 -14.14 -51.61
N TYR B 100 5.37 -15.06 -52.39
CA TYR B 100 4.41 -16.05 -51.86
C TYR B 100 5.20 -17.00 -50.96
N PRO B 101 4.56 -17.70 -49.99
CA PRO B 101 5.28 -18.55 -48.97
C PRO B 101 6.22 -19.62 -49.54
N VAL B 102 5.87 -20.30 -50.64
CA VAL B 102 6.73 -21.34 -51.28
C VAL B 102 8.11 -20.76 -51.63
N SER B 103 8.17 -19.53 -52.10
CA SER B 103 9.45 -18.88 -52.49
C SER B 103 10.17 -18.25 -51.28
N THR B 104 9.55 -18.20 -50.10
CA THR B 104 10.19 -17.65 -48.88
C THR B 104 10.94 -18.77 -48.18
N GLY B 105 10.68 -20.03 -48.54
CA GLY B 105 11.29 -21.18 -47.87
C GLY B 105 10.48 -21.63 -46.68
N CYS B 106 9.50 -20.83 -46.25
CA CYS B 106 8.72 -21.12 -45.03
C CYS B 106 7.21 -21.16 -45.34
N PRO B 107 6.74 -22.07 -46.23
CA PRO B 107 5.27 -22.21 -46.48
C PRO B 107 4.55 -22.75 -45.26
N ILE B 108 5.27 -23.41 -44.36
CA ILE B 108 4.63 -24.06 -43.18
C ILE B 108 5.22 -23.46 -41.90
N ASN B 109 4.46 -23.47 -40.82
CA ASN B 109 4.90 -22.87 -39.54
C ASN B 109 6.16 -23.56 -39.03
N ASP B 110 7.10 -22.80 -38.48
CA ASP B 110 8.33 -23.37 -37.86
C ASP B 110 9.43 -23.62 -38.90
N MET B 111 9.08 -23.55 -40.18
CA MET B 111 10.11 -23.67 -41.24
C MET B 111 10.82 -22.33 -41.26
N PRO B 112 12.16 -22.29 -41.39
CA PRO B 112 12.90 -21.02 -41.39
C PRO B 112 12.78 -20.29 -42.71
N MET B 113 12.67 -18.97 -42.64
CA MET B 113 12.68 -18.16 -43.89
C MET B 113 14.08 -18.28 -44.48
N ASN B 114 14.20 -18.28 -45.81
CA ASN B 114 15.51 -18.37 -46.49
C ASN B 114 16.36 -17.17 -46.07
N PRO B 115 17.54 -17.37 -45.41
CA PRO B 115 18.35 -16.23 -44.88
C PRO B 115 19.01 -15.48 -46.04
N ASN B 116 18.92 -16.02 -47.25
CA ASN B 116 19.54 -15.38 -48.44
C ASN B 116 18.58 -14.36 -49.06
N LEU B 117 17.31 -14.40 -48.67
CA LEU B 117 16.30 -13.46 -49.22
C LEU B 117 16.48 -12.05 -48.63
N ILE B 118 16.25 -11.02 -49.45
CA ILE B 118 16.27 -9.61 -48.98
C ILE B 118 14.86 -9.24 -48.50
N THR B 119 14.77 -8.41 -47.46
CA THR B 119 13.48 -7.97 -46.94
C THR B 119 13.37 -6.49 -47.16
N TYR B 120 12.18 -5.93 -46.93
CA TYR B 120 11.98 -4.47 -47.05
C TYR B 120 12.78 -3.81 -45.95
N ALA B 121 12.99 -4.52 -44.85
CA ALA B 121 13.76 -3.98 -43.72
C ALA B 121 15.23 -3.82 -44.11
N GLU B 122 15.78 -4.77 -44.86
CA GLU B 122 17.18 -4.69 -45.31
C GLU B 122 17.31 -3.50 -46.27
N MET B 123 16.31 -3.26 -47.09
CA MET B 123 16.35 -2.10 -48.01
C MET B 123 16.32 -0.82 -47.16
N LEU B 124 15.60 -0.83 -46.06
CA LEU B 124 15.53 0.35 -45.17
C LEU B 124 16.87 0.50 -44.46
N LYS B 125 17.47 -0.61 -44.03
CA LYS B 125 18.79 -0.57 -43.37
C LYS B 125 19.81 0.02 -44.35
N ARG B 126 19.75 -0.38 -45.61
CA ARG B 126 20.69 0.13 -46.63
C ARG B 126 20.44 1.62 -46.91
N ASP B 127 19.24 2.13 -46.63
CA ASP B 127 18.91 3.57 -46.84
C ASP B 127 19.11 4.38 -45.55
N GLY B 128 19.89 3.88 -44.59
CA GLY B 128 20.23 4.67 -43.40
C GLY B 128 19.30 4.51 -42.23
N TYR B 129 18.28 3.68 -42.36
CA TYR B 129 17.26 3.59 -41.29
C TYR B 129 17.71 2.73 -40.14
N GLN B 130 17.47 3.20 -38.92
CA GLN B 130 17.72 2.36 -37.73
C GLN B 130 16.56 1.36 -37.69
N THR B 131 16.87 0.07 -37.77
CA THR B 131 15.81 -0.95 -37.84
C THR B 131 15.66 -1.66 -36.52
N SER B 132 14.42 -1.93 -36.12
CA SER B 132 14.15 -2.58 -34.81
C SER B 132 12.91 -3.47 -34.87
N TYR B 133 12.95 -4.60 -34.18
CA TYR B 133 11.80 -5.51 -34.11
C TYR B 133 11.58 -5.89 -32.66
N VAL B 134 10.36 -5.68 -32.18
CA VAL B 134 9.99 -6.09 -30.80
C VAL B 134 8.84 -7.10 -30.95
N GLY B 135 9.01 -8.30 -30.41
CA GLY B 135 7.89 -9.25 -30.42
C GLY B 135 8.07 -10.50 -31.26
N LYS B 136 6.97 -11.13 -31.68
CA LYS B 136 6.96 -12.44 -32.37
C LYS B 136 7.40 -12.39 -33.85
N TRP B 137 8.39 -13.19 -34.21
CA TRP B 137 8.93 -13.24 -35.58
C TRP B 137 8.39 -14.47 -36.32
N HIS B 138 8.63 -15.67 -35.79
CA HIS B 138 8.18 -16.98 -36.39
C HIS B 138 8.85 -17.28 -37.74
N LEU B 139 9.97 -16.64 -38.06
CA LEU B 139 10.66 -16.92 -39.35
C LEU B 139 12.08 -17.46 -39.14
N GLY B 140 12.57 -17.58 -37.90
CA GLY B 140 13.97 -17.97 -37.66
C GLY B 140 14.19 -19.47 -37.64
N GLY B 141 13.13 -20.25 -37.53
CA GLY B 141 13.24 -21.73 -37.52
C GLY B 141 13.96 -22.23 -36.28
N VAL B 142 13.97 -21.43 -35.22
CA VAL B 142 14.69 -21.81 -33.96
C VAL B 142 13.79 -22.75 -33.14
N PRO B 143 14.35 -23.60 -32.26
CA PRO B 143 13.55 -24.55 -31.46
C PRO B 143 12.79 -23.91 -30.30
N ASN B 144 11.68 -24.51 -29.91
CA ASN B 144 10.90 -24.05 -28.74
C ASN B 144 11.62 -24.46 -27.45
N ILE B 145 11.99 -23.50 -26.61
CA ILE B 145 12.80 -23.79 -25.39
C ILE B 145 11.95 -23.56 -24.13
N GLY B 146 10.63 -23.40 -24.30
CA GLY B 146 9.72 -23.20 -23.16
C GLY B 146 9.73 -21.77 -22.68
N ARG B 147 10.48 -20.92 -23.36
CA ARG B 147 10.56 -19.51 -22.98
C ARG B 147 10.77 -18.73 -24.28
N PRO B 148 10.62 -17.39 -24.31
CA PRO B 148 10.91 -16.59 -25.53
C PRO B 148 12.36 -16.81 -25.99
N TYR B 149 12.54 -17.08 -27.29
CA TYR B 149 13.89 -17.22 -27.90
C TYR B 149 14.24 -15.91 -28.58
N PHE B 150 15.08 -15.10 -27.94
CA PHE B 150 15.39 -13.76 -28.50
C PHE B 150 16.48 -13.84 -29.58
N GLU B 151 16.59 -12.79 -30.39
CA GLU B 151 17.55 -12.74 -31.53
C GLU B 151 17.44 -14.07 -32.30
N PRO B 152 16.28 -14.42 -32.89
CA PRO B 152 16.10 -15.73 -33.52
C PRO B 152 16.48 -15.77 -35.00
N GLY B 153 17.55 -16.47 -35.31
CA GLY B 153 17.95 -16.65 -36.70
C GLY B 153 18.57 -15.42 -37.34
N TYR B 154 18.48 -15.32 -38.66
CA TYR B 154 19.13 -14.21 -39.40
C TYR B 154 18.46 -12.88 -39.07
N ASN B 155 19.23 -11.79 -39.15
CA ASN B 155 18.72 -10.44 -38.78
C ASN B 155 17.67 -9.98 -39.79
N PHE B 156 17.83 -10.31 -41.07
CA PHE B 156 16.89 -9.91 -42.14
C PHE B 156 16.74 -8.37 -42.16
N GLY B 157 17.81 -7.63 -41.90
CA GLY B 157 17.75 -6.16 -41.99
C GLY B 157 17.44 -5.51 -40.66
N TYR B 158 17.17 -6.29 -39.63
CA TYR B 158 16.77 -5.76 -38.30
C TYR B 158 17.99 -5.61 -37.38
N MET B 159 18.38 -4.38 -37.09
CA MET B 159 19.61 -4.12 -36.31
C MET B 159 19.38 -4.33 -34.82
N ASP B 160 18.17 -4.10 -34.32
CA ASP B 160 17.86 -4.29 -32.88
C ASP B 160 16.82 -5.40 -32.72
N ARG B 161 17.26 -6.59 -32.32
CA ARG B 161 16.34 -7.74 -32.16
C ARG B 161 16.40 -8.22 -30.71
N THR B 162 16.78 -7.35 -29.78
CA THR B 162 16.90 -7.71 -28.36
C THR B 162 15.58 -8.22 -27.87
N TYR B 163 14.49 -7.59 -28.27
CA TYR B 163 13.14 -7.95 -27.81
C TYR B 163 12.37 -8.65 -28.92
N MET B 164 13.09 -9.21 -29.89
CA MET B 164 12.41 -10.02 -30.93
C MET B 164 12.51 -11.48 -30.50
N PHE B 165 11.37 -12.16 -30.39
CA PHE B 165 11.36 -13.60 -30.05
C PHE B 165 10.64 -14.35 -31.18
N ASN B 166 11.01 -15.61 -31.41
CA ASN B 166 10.45 -16.35 -32.58
C ASN B 166 8.96 -16.69 -32.42
N ASP B 167 8.58 -17.33 -31.34
CA ASP B 167 7.18 -17.78 -31.19
C ASP B 167 6.83 -18.00 -29.73
N GLY B 168 5.54 -18.10 -29.44
CA GLY B 168 5.07 -18.28 -28.05
C GLY B 168 3.87 -17.42 -27.79
N HIS B 169 2.89 -17.96 -27.07
CA HIS B 169 1.63 -17.20 -26.86
C HIS B 169 1.42 -16.92 -25.37
N TRP B 170 2.49 -16.96 -24.59
CA TRP B 170 2.41 -16.73 -23.14
C TRP B 170 1.93 -15.32 -22.83
N LYS B 171 1.18 -15.13 -21.75
CA LYS B 171 0.56 -13.81 -21.47
C LYS B 171 1.41 -12.98 -20.51
N TYR B 172 2.33 -13.62 -19.80
CA TYR B 172 3.11 -12.89 -18.77
C TYR B 172 4.58 -13.22 -18.93
N PHE B 173 5.41 -12.19 -18.81
CA PHE B 173 6.87 -12.41 -18.88
C PHE B 173 7.47 -12.05 -17.55
N GLU B 174 8.42 -12.87 -17.10
CA GLU B 174 9.18 -12.55 -15.86
C GLU B 174 10.58 -12.13 -16.31
N ILE B 175 11.11 -11.02 -15.77
CA ILE B 175 12.47 -10.54 -16.16
C ILE B 175 13.52 -11.03 -15.15
N VAL B 176 14.07 -12.21 -15.38
CA VAL B 176 15.12 -12.77 -14.50
C VAL B 176 16.40 -11.92 -14.62
N LYS B 177 16.77 -11.52 -15.83
CA LYS B 177 18.01 -10.71 -16.05
C LYS B 177 17.69 -9.54 -16.99
N GLN B 178 18.21 -8.34 -16.72
CA GLN B 178 17.83 -7.07 -17.40
C GLN B 178 17.64 -7.11 -18.92
N PRO B 179 18.58 -7.55 -19.77
CA PRO B 179 18.37 -7.46 -21.24
C PRO B 179 17.09 -8.16 -21.65
N ASN B 180 17.15 -9.48 -21.83
CA ASN B 180 15.99 -10.22 -22.39
C ASN B 180 15.92 -11.64 -21.84
N LYS B 181 16.40 -11.84 -20.62
CA LYS B 181 16.44 -13.22 -20.04
C LYS B 181 15.09 -13.38 -19.35
N ILE B 182 14.15 -14.04 -20.03
CA ILE B 182 12.75 -14.03 -19.54
C ILE B 182 12.14 -15.41 -19.37
N ARG B 183 11.40 -15.59 -18.27
CA ARG B 183 10.62 -16.83 -18.08
C ARG B 183 9.19 -16.48 -18.50
N SER B 184 8.48 -17.40 -19.11
CA SER B 184 7.15 -17.10 -19.68
C SER B 184 6.05 -17.84 -18.93
N TYR B 185 4.93 -17.15 -18.69
CA TYR B 185 3.84 -17.76 -17.88
C TYR B 185 2.48 -17.45 -18.46
N TRP B 186 1.53 -18.36 -18.25
CA TRP B 186 0.16 -18.19 -18.78
C TRP B 186 -0.69 -17.35 -17.84
N SER B 187 -0.33 -17.33 -16.56
CA SER B 187 -1.12 -16.58 -15.58
C SER B 187 -0.22 -16.29 -14.40
N GLY B 188 -0.35 -15.13 -13.82
CA GLY B 188 0.44 -14.94 -12.60
C GLY B 188 0.10 -13.63 -11.97
N PRO B 189 0.35 -13.44 -10.66
CA PRO B 189 0.18 -12.12 -10.06
C PRO B 189 1.15 -11.16 -10.74
N VAL B 190 0.65 -10.06 -11.28
CA VAL B 190 1.55 -9.02 -11.84
C VAL B 190 2.32 -8.42 -10.66
N LYS B 191 3.63 -8.18 -10.61
CA LYS B 191 4.57 -7.64 -9.60
C LYS B 191 5.73 -7.08 -10.44
N PRO B 192 6.65 -6.71 -9.61
CA PRO B 192 7.65 -5.80 -10.21
C PRO B 192 8.37 -6.38 -11.43
N GLY B 193 8.70 -7.67 -11.48
CA GLY B 193 9.32 -8.18 -12.70
C GLY B 193 8.40 -9.11 -13.45
N PHE B 194 7.09 -9.04 -13.18
CA PHE B 194 6.07 -9.89 -13.85
C PHE B 194 5.15 -8.99 -14.62
N ILE B 195 5.24 -9.02 -15.94
CA ILE B 195 4.46 -8.03 -16.73
C ILE B 195 3.68 -8.71 -17.87
N HIS B 196 2.50 -8.21 -18.17
CA HIS B 196 1.71 -8.70 -19.33
C HIS B 196 2.53 -8.42 -20.58
N VAL B 197 2.60 -9.38 -21.49
CA VAL B 197 3.46 -9.27 -22.70
C VAL B 197 3.13 -8.03 -23.56
N THR B 198 1.86 -7.70 -23.71
CA THR B 198 1.46 -6.56 -24.57
C THR B 198 2.04 -5.27 -24.02
N GLU B 199 1.88 -5.05 -22.72
CA GLU B 199 2.44 -3.84 -22.08
C GLU B 199 3.98 -3.89 -22.15
N TYR B 200 4.57 -5.07 -21.95
CA TYR B 200 6.05 -5.19 -21.93
C TYR B 200 6.60 -4.82 -23.29
N LEU B 201 6.04 -5.42 -24.33
CA LEU B 201 6.58 -5.20 -25.69
C LEU B 201 6.39 -3.74 -26.06
N THR B 202 5.22 -3.18 -25.72
CA THR B 202 4.97 -1.75 -25.98
C THR B 202 5.98 -0.94 -25.17
N ASP B 203 6.23 -1.33 -23.93
CA ASP B 203 7.21 -0.62 -23.07
C ASP B 203 8.60 -0.67 -23.71
N ARG B 204 8.98 -1.81 -24.28
CA ARG B 204 10.30 -1.96 -24.94
C ARG B 204 10.32 -1.16 -26.25
N CYS B 205 9.22 -1.19 -27.00
CA CYS B 205 9.13 -0.43 -28.29
C CYS B 205 9.30 1.06 -28.00
N LEU B 206 8.66 1.54 -26.95
CA LEU B 206 8.72 3.00 -26.62
C LEU B 206 10.15 3.42 -26.27
N GLU B 207 10.89 2.57 -25.58
CA GLU B 207 12.29 2.88 -25.20
C GLU B 207 13.18 3.00 -26.46
N LEU B 208 13.05 2.04 -27.36
CA LEU B 208 13.84 2.06 -28.63
C LEU B 208 13.38 3.25 -29.48
N LEU B 209 12.10 3.58 -29.44
CA LEU B 209 11.55 4.72 -30.23
C LEU B 209 12.14 6.03 -29.69
N GLU B 210 12.19 6.19 -28.37
CA GLU B 210 12.78 7.40 -27.77
C GLU B 210 14.25 7.50 -28.16
N ARG B 211 14.95 6.38 -28.21
CA ARG B 211 16.40 6.39 -28.52
C ARG B 211 16.60 6.73 -30.01
N ASP B 212 15.74 6.24 -30.89
CA ASP B 212 15.96 6.44 -32.35
C ASP B 212 15.06 7.53 -32.93
N LYS B 213 14.42 8.33 -32.07
CA LYS B 213 13.46 9.38 -32.51
C LYS B 213 14.12 10.46 -33.35
N ASN B 214 15.40 10.72 -33.13
CA ASN B 214 16.02 11.88 -33.81
C ASN B 214 16.68 11.44 -35.11
N LYS B 215 16.40 10.23 -35.54
CA LYS B 215 16.99 9.74 -36.80
C LYS B 215 15.97 8.88 -37.57
N PRO B 216 16.09 8.76 -38.90
CA PRO B 216 15.22 7.86 -39.69
C PRO B 216 15.14 6.52 -38.99
N PHE B 217 13.93 6.10 -38.65
CA PHE B 217 13.81 4.85 -37.88
C PHE B 217 12.72 3.96 -38.45
N TYR B 218 12.95 2.65 -38.44
CA TYR B 218 11.91 1.67 -38.83
C TYR B 218 11.73 0.75 -37.65
N MET B 219 10.51 0.65 -37.14
CA MET B 219 10.22 -0.20 -35.97
C MET B 219 9.00 -1.10 -36.24
N MET B 220 9.12 -2.37 -35.93
CA MET B 220 7.95 -3.26 -36.04
C MET B 220 7.64 -3.86 -34.67
N LEU B 221 6.41 -3.67 -34.21
CA LEU B 221 5.95 -4.26 -32.94
C LEU B 221 4.95 -5.37 -33.30
N SER B 222 5.35 -6.61 -33.10
CA SER B 222 4.44 -7.76 -33.39
C SER B 222 3.90 -8.28 -32.05
N ILE B 223 2.65 -7.96 -31.77
CA ILE B 223 2.01 -8.39 -30.49
C ILE B 223 1.31 -9.74 -30.70
N PRO B 224 1.56 -10.76 -29.86
CA PRO B 224 0.89 -12.07 -30.00
C PRO B 224 -0.48 -12.20 -29.35
N ASP B 225 -0.92 -11.25 -28.54
CA ASP B 225 -2.11 -11.49 -27.65
C ASP B 225 -3.43 -11.94 -28.28
N PRO B 226 -4.03 -11.31 -29.31
CA PRO B 226 -5.35 -11.81 -29.75
C PRO B 226 -5.26 -13.32 -29.89
N HIS B 227 -4.04 -13.87 -30.01
CA HIS B 227 -3.85 -15.32 -30.32
C HIS B 227 -4.45 -16.32 -29.34
N SER B 228 -4.58 -17.58 -29.76
CA SER B 228 -5.38 -18.68 -29.14
C SER B 228 -5.42 -19.04 -27.66
N PRO B 229 -4.38 -18.92 -26.81
CA PRO B 229 -4.55 -19.31 -25.38
C PRO B 229 -5.76 -18.59 -24.82
N ASP B 230 -6.17 -17.47 -25.40
CA ASP B 230 -7.44 -16.79 -24.99
C ASP B 230 -7.45 -16.54 -23.48
N ILE B 231 -6.38 -15.99 -22.95
CA ILE B 231 -6.30 -15.63 -21.51
C ILE B 231 -5.96 -14.14 -21.51
N ALA B 232 -6.77 -13.36 -20.83
CA ALA B 232 -6.57 -11.90 -20.86
C ALA B 232 -6.20 -11.39 -19.48
N SER B 233 -5.67 -10.17 -19.43
CA SER B 233 -5.37 -9.53 -18.13
C SER B 233 -6.68 -9.28 -17.39
N GLU B 234 -6.68 -9.41 -16.06
CA GLU B 234 -7.91 -9.23 -15.26
C GLU B 234 -8.49 -7.83 -15.42
N GLU B 235 -7.63 -6.82 -15.45
CA GLU B 235 -8.14 -5.43 -15.48
C GLU B 235 -8.96 -5.20 -16.76
N TYR B 236 -8.70 -6.00 -17.80
CA TYR B 236 -9.49 -5.87 -19.04
C TYR B 236 -10.61 -6.92 -19.06
N LEU B 237 -10.40 -8.08 -18.42
CA LEU B 237 -11.42 -9.16 -18.45
C LEU B 237 -12.68 -8.74 -17.69
N GLN B 238 -12.53 -8.10 -16.53
CA GLN B 238 -13.67 -7.68 -15.68
C GLN B 238 -14.59 -6.80 -16.51
N LYS B 239 -14.04 -6.13 -17.51
CA LYS B 239 -14.87 -5.28 -18.38
C LYS B 239 -15.80 -6.16 -19.23
N TYR B 240 -15.45 -7.40 -19.50
CA TYR B 240 -16.27 -8.17 -20.48
C TYR B 240 -16.77 -9.51 -19.97
N ILE B 241 -16.23 -10.05 -18.88
CA ILE B 241 -16.59 -11.45 -18.48
C ILE B 241 -18.08 -11.57 -18.12
N ASN B 242 -18.68 -10.50 -17.59
CA ASN B 242 -20.10 -10.60 -17.12
C ASN B 242 -21.07 -10.12 -18.20
N LEU B 243 -20.55 -9.63 -19.31
CA LEU B 243 -21.44 -9.08 -20.37
C LEU B 243 -22.14 -10.22 -21.13
N ASP B 244 -23.11 -9.84 -21.93
CA ASP B 244 -23.88 -10.82 -22.71
C ASP B 244 -23.39 -10.75 -24.16
N TYR B 245 -23.41 -11.89 -24.85
CA TYR B 245 -22.93 -11.95 -26.24
C TYR B 245 -23.86 -12.86 -27.02
N GLU B 246 -23.92 -12.65 -28.33
CA GLU B 246 -24.83 -13.46 -29.18
C GLU B 246 -24.00 -14.32 -30.14
N ALA B 247 -24.38 -15.57 -30.29
CA ALA B 247 -23.68 -16.48 -31.23
C ALA B 247 -23.82 -15.94 -32.66
N PRO B 248 -22.75 -15.92 -33.47
CA PRO B 248 -22.86 -15.55 -34.90
C PRO B 248 -23.97 -16.35 -35.57
N GLU B 249 -24.66 -15.72 -36.50
CA GLU B 249 -25.77 -16.40 -37.22
C GLU B 249 -25.20 -17.33 -38.30
N THR B 250 -23.88 -17.29 -38.52
CA THR B 250 -23.25 -18.18 -39.50
C THR B 250 -23.02 -19.51 -38.85
N MET B 251 -23.18 -19.56 -37.53
CA MET B 251 -22.96 -20.83 -36.79
C MET B 251 -23.92 -21.90 -37.31
N VAL B 252 -23.55 -23.18 -37.19
CA VAL B 252 -24.37 -24.27 -37.76
C VAL B 252 -24.68 -25.35 -36.71
N THR B 253 -25.63 -26.23 -37.03
CA THR B 253 -25.92 -27.38 -36.17
C THR B 253 -25.63 -28.57 -37.03
N ASN B 254 -25.91 -29.77 -36.53
CA ASN B 254 -25.72 -31.00 -37.32
C ASN B 254 -26.70 -31.04 -38.49
N ASP B 255 -27.92 -30.55 -38.28
CA ASP B 255 -28.96 -30.56 -39.33
C ASP B 255 -29.09 -29.17 -39.95
N THR B 256 -28.14 -28.26 -39.66
CA THR B 256 -28.15 -26.93 -40.29
C THR B 256 -26.84 -26.76 -41.03
N ASP B 257 -25.98 -27.78 -40.98
CA ASP B 257 -24.64 -27.67 -41.62
C ASP B 257 -24.71 -27.69 -43.16
N GLN B 258 -24.52 -26.56 -43.81
CA GLN B 258 -24.47 -26.48 -45.29
C GLN B 258 -23.08 -25.98 -45.70
N ARG B 259 -22.10 -26.16 -44.84
CA ARG B 259 -20.77 -25.58 -45.09
C ARG B 259 -19.94 -26.39 -46.07
N PRO B 260 -19.01 -25.76 -46.81
CA PRO B 260 -18.06 -26.51 -47.64
C PRO B 260 -17.29 -27.45 -46.73
N ARG B 261 -16.94 -28.61 -47.26
CA ARG B 261 -16.30 -29.67 -46.45
C ARG B 261 -14.90 -29.22 -46.02
N TRP B 262 -14.33 -28.23 -46.71
CA TRP B 262 -13.03 -27.71 -46.23
C TRP B 262 -13.23 -26.93 -44.93
N ALA B 263 -14.47 -26.69 -44.53
CA ALA B 263 -14.74 -25.90 -43.31
C ALA B 263 -15.44 -26.79 -42.28
N ARG B 264 -15.58 -28.07 -42.61
CA ARG B 264 -16.31 -29.00 -41.72
C ARG B 264 -15.30 -29.90 -40.99
N VAL B 270 -16.47 -26.06 -33.66
CA VAL B 270 -17.39 -25.54 -32.60
C VAL B 270 -18.82 -25.37 -33.16
N ASN B 271 -19.76 -26.23 -32.75
CA ASN B 271 -21.18 -26.11 -33.17
C ASN B 271 -21.86 -25.05 -32.30
N LYS B 272 -23.10 -24.68 -32.61
CA LYS B 272 -23.78 -23.56 -31.92
C LYS B 272 -23.75 -23.73 -30.39
N ASP B 273 -24.02 -24.93 -29.90
CA ASP B 273 -24.00 -25.21 -28.44
C ASP B 273 -22.62 -24.87 -27.89
N LYS B 274 -21.59 -25.04 -28.73
CA LYS B 274 -20.21 -24.84 -28.23
C LYS B 274 -19.82 -23.36 -28.30
N PHE B 275 -20.79 -22.46 -28.47
CA PHE B 275 -20.43 -21.02 -28.40
C PHE B 275 -19.87 -20.77 -27.00
N ASP B 276 -18.63 -20.30 -26.91
CA ASP B 276 -17.96 -20.04 -25.60
C ASP B 276 -17.84 -18.53 -25.37
N LYS B 277 -18.72 -17.98 -24.55
CA LYS B 277 -18.76 -16.51 -24.35
C LYS B 277 -17.61 -16.09 -23.44
N LYS B 278 -17.10 -17.01 -22.62
CA LYS B 278 -15.98 -16.70 -21.71
C LYS B 278 -14.71 -16.49 -22.56
N ALA B 279 -14.55 -17.29 -23.60
CA ALA B 279 -13.42 -17.09 -24.53
C ALA B 279 -13.59 -15.78 -25.30
N LEU B 280 -14.82 -15.47 -25.67
CA LEU B 280 -15.09 -14.24 -26.47
C LEU B 280 -14.70 -13.01 -25.64
N ALA B 281 -15.17 -12.97 -24.41
CA ALA B 281 -14.78 -11.86 -23.51
C ALA B 281 -13.25 -11.78 -23.40
N ASN B 282 -12.60 -12.93 -23.26
CA ASN B 282 -11.11 -12.95 -23.12
C ASN B 282 -10.49 -12.37 -24.38
N TYR B 283 -11.00 -12.75 -25.56
CA TYR B 283 -10.44 -12.25 -26.85
C TYR B 283 -10.63 -10.75 -26.90
N PHE B 284 -11.81 -10.28 -26.54
CA PHE B 284 -12.13 -8.84 -26.59
C PHE B 284 -11.26 -8.08 -25.59
N ALA B 285 -11.06 -8.66 -24.42
CA ALA B 285 -10.25 -8.00 -23.38
C ALA B 285 -8.80 -7.87 -23.86
N MET B 286 -8.31 -8.84 -24.61
CA MET B 286 -6.93 -8.79 -25.14
C MET B 286 -6.83 -7.67 -26.17
N VAL B 287 -7.85 -7.50 -27.01
CA VAL B 287 -7.85 -6.45 -28.08
C VAL B 287 -7.91 -5.06 -27.44
N GLU B 288 -8.61 -4.91 -26.33
CA GLU B 288 -8.66 -3.61 -25.63
C GLU B 288 -7.27 -3.31 -25.04
N CYS B 289 -6.58 -4.31 -24.53
CA CYS B 289 -5.19 -4.09 -24.04
C CYS B 289 -4.34 -3.65 -25.25
N VAL B 290 -4.52 -4.30 -26.39
CA VAL B 290 -3.78 -3.94 -27.62
C VAL B 290 -4.07 -2.47 -28.00
N ASP B 291 -5.34 -2.10 -28.07
CA ASP B 291 -5.73 -0.73 -28.52
C ASP B 291 -5.14 0.32 -27.57
N ASP B 292 -5.21 0.08 -26.28
CA ASP B 292 -4.67 1.04 -25.28
C ASP B 292 -3.14 1.15 -25.47
N ASN B 293 -2.52 0.06 -25.88
CA ASN B 293 -1.05 0.05 -26.03
C ASN B 293 -0.70 0.72 -27.37
N VAL B 294 -1.61 0.72 -28.33
CA VAL B 294 -1.37 1.45 -29.61
C VAL B 294 -1.48 2.96 -29.30
N GLY B 295 -2.41 3.32 -28.42
CA GLY B 295 -2.55 4.73 -28.01
C GLY B 295 -1.28 5.29 -27.42
N ARG B 296 -0.58 4.52 -26.59
CA ARG B 296 0.69 4.97 -25.97
C ARG B 296 1.74 5.26 -27.05
N ILE B 297 1.81 4.42 -28.07
CA ILE B 297 2.74 4.66 -29.21
C ILE B 297 2.31 5.96 -29.90
N LEU B 298 1.01 6.14 -30.08
CA LEU B 298 0.46 7.32 -30.80
C LEU B 298 0.63 8.59 -29.95
N ASP B 299 0.42 8.47 -28.65
CA ASP B 299 0.60 9.63 -27.73
C ASP B 299 2.08 10.03 -27.75
N PHE B 300 2.99 9.06 -27.81
CA PHE B 300 4.45 9.38 -27.90
C PHE B 300 4.76 10.15 -29.17
N LEU B 301 4.17 9.74 -30.30
CA LEU B 301 4.46 10.41 -31.59
C LEU B 301 3.94 11.85 -31.52
N ASP B 302 2.80 12.07 -30.85
CA ASP B 302 2.22 13.44 -30.72
C ASP B 302 3.14 14.31 -29.87
N LYS B 303 3.58 13.81 -28.72
CA LYS B 303 4.45 14.59 -27.81
C LYS B 303 5.81 14.86 -28.45
N ASN B 304 6.25 14.02 -29.38
CA ASN B 304 7.60 14.16 -29.96
C ASN B 304 7.53 14.68 -31.39
N ASN B 305 6.38 15.20 -31.81
CA ASN B 305 6.24 15.84 -33.15
C ASN B 305 6.66 14.87 -34.26
N LEU B 306 6.31 13.60 -34.10
CA LEU B 306 6.71 12.57 -35.09
C LEU B 306 5.49 12.10 -35.88
N THR B 307 4.29 12.58 -35.57
CA THR B 307 3.07 12.09 -36.24
C THR B 307 3.10 12.34 -37.74
N ASP B 308 3.48 13.52 -38.20
CA ASP B 308 3.35 13.87 -39.64
C ASP B 308 4.30 13.09 -40.55
N ASN B 309 5.54 12.87 -40.12
CA ASN B 309 6.53 12.22 -41.01
C ASN B 309 6.82 10.80 -40.54
N THR B 310 5.87 10.14 -39.88
CA THR B 310 6.05 8.73 -39.49
C THR B 310 4.89 7.94 -40.03
N ILE B 311 5.17 7.02 -40.95
CA ILE B 311 4.09 6.12 -41.44
C ILE B 311 3.79 5.11 -40.33
N VAL B 312 2.53 5.01 -39.92
CA VAL B 312 2.12 4.03 -38.88
C VAL B 312 1.14 3.06 -39.53
N VAL B 313 1.45 1.77 -39.45
CA VAL B 313 0.59 0.72 -40.06
C VAL B 313 0.10 -0.21 -38.96
N PHE B 314 -1.21 -0.49 -38.92
CA PHE B 314 -1.75 -1.52 -37.99
C PHE B 314 -2.22 -2.68 -38.86
N THR B 315 -1.72 -3.89 -38.58
CA THR B 315 -2.08 -5.06 -39.37
C THR B 315 -2.03 -6.30 -38.52
N ALA B 316 -2.22 -7.47 -39.13
CA ALA B 316 -2.13 -8.77 -38.44
C ALA B 316 -1.65 -9.83 -39.43
N ASP B 317 -1.14 -10.95 -38.95
CA ASP B 317 -0.70 -12.04 -39.84
C ASP B 317 -1.93 -12.68 -40.48
N HIS B 318 -2.96 -12.91 -39.67
CA HIS B 318 -4.23 -13.50 -40.15
C HIS B 318 -5.35 -13.13 -39.17
N GLY B 319 -6.57 -13.50 -39.50
CA GLY B 319 -7.69 -13.21 -38.59
C GLY B 319 -8.08 -14.39 -37.74
N ASP B 320 -9.29 -14.35 -37.21
CA ASP B 320 -9.82 -15.44 -36.36
C ASP B 320 -11.31 -15.60 -36.72
N MET B 321 -11.76 -16.83 -36.87
CA MET B 321 -13.19 -17.11 -37.17
C MET B 321 -14.01 -16.67 -35.96
N LEU B 322 -13.51 -16.88 -34.76
CA LEU B 322 -14.19 -16.42 -33.51
C LEU B 322 -15.66 -16.86 -33.55
N TYR B 323 -15.90 -18.16 -33.76
CA TYR B 323 -17.26 -18.77 -33.70
C TYR B 323 -18.03 -18.50 -34.97
N GLU B 324 -17.50 -17.70 -35.88
CA GLU B 324 -18.19 -17.51 -37.18
C GLU B 324 -18.08 -18.80 -38.01
N HIS B 325 -19.11 -19.11 -38.75
CA HIS B 325 -19.15 -20.35 -39.58
C HIS B 325 -18.86 -21.55 -38.67
N SER B 326 -19.15 -21.42 -37.37
CA SER B 326 -18.98 -22.53 -36.42
C SER B 326 -17.53 -23.00 -36.45
N ARG B 327 -16.61 -22.07 -36.72
CA ARG B 327 -15.16 -22.38 -36.66
C ARG B 327 -14.54 -21.37 -35.68
N VAL B 328 -13.34 -21.63 -35.20
CA VAL B 328 -12.76 -20.72 -34.19
C VAL B 328 -11.32 -20.30 -34.56
N ASN B 329 -10.44 -21.21 -34.95
CA ASN B 329 -9.00 -20.85 -35.15
C ASN B 329 -8.49 -21.30 -36.52
N LYS B 330 -9.10 -22.29 -37.14
CA LYS B 330 -8.57 -22.86 -38.40
C LYS B 330 -8.37 -21.80 -39.49
N GLY B 331 -7.22 -21.81 -40.15
CA GLY B 331 -6.99 -20.92 -41.30
C GLY B 331 -7.88 -21.33 -42.47
N LEU B 332 -8.83 -20.47 -42.82
CA LEU B 332 -9.81 -20.80 -43.88
C LEU B 332 -9.92 -19.64 -44.89
N PRO B 333 -10.49 -19.84 -46.09
CA PRO B 333 -10.65 -18.72 -47.05
C PRO B 333 -11.83 -17.82 -46.68
N TYR B 334 -12.55 -18.14 -45.61
CA TYR B 334 -13.64 -17.26 -45.13
C TYR B 334 -13.06 -15.89 -44.75
N GLU B 335 -13.85 -14.83 -44.86
CA GLU B 335 -13.38 -13.45 -44.59
C GLU B 335 -12.78 -13.26 -43.20
N SER B 336 -13.36 -13.82 -42.15
CA SER B 336 -12.85 -13.53 -40.79
C SER B 336 -11.41 -14.05 -40.64
N SER B 337 -11.11 -15.25 -41.15
CA SER B 337 -9.75 -15.83 -41.08
C SER B 337 -8.84 -15.21 -42.14
N ALA B 338 -9.26 -15.19 -43.39
CA ALA B 338 -8.40 -14.75 -44.51
C ALA B 338 -8.07 -13.27 -44.46
N ARG B 339 -9.05 -12.47 -44.10
CA ARG B 339 -8.85 -11.01 -44.10
C ARG B 339 -7.94 -10.59 -42.95
N ILE B 340 -7.09 -9.61 -43.21
CA ILE B 340 -6.22 -9.07 -42.15
C ILE B 340 -6.54 -7.58 -42.02
N PRO B 341 -6.48 -6.98 -40.82
CA PRO B 341 -6.69 -5.55 -40.71
C PRO B 341 -5.54 -4.81 -41.37
N PHE B 342 -5.81 -3.76 -42.14
CA PHE B 342 -4.71 -2.96 -42.72
C PHE B 342 -5.06 -1.47 -42.64
N VAL B 343 -4.57 -0.80 -41.61
CA VAL B 343 -4.81 0.66 -41.44
C VAL B 343 -3.47 1.39 -41.56
N ILE B 344 -3.42 2.45 -42.36
CA ILE B 344 -2.14 3.19 -42.60
C ILE B 344 -2.34 4.70 -42.46
N ARG B 345 -1.54 5.34 -41.60
CA ARG B 345 -1.60 6.80 -41.44
C ARG B 345 -0.25 7.43 -41.80
N TYR B 346 -0.20 8.15 -42.90
CA TYR B 346 0.99 8.94 -43.30
C TYR B 346 0.40 10.30 -43.55
N PRO B 347 0.38 11.20 -42.55
CA PRO B 347 -0.32 12.52 -42.66
C PRO B 347 0.19 13.36 -43.82
N GLU B 348 1.46 13.23 -44.19
CA GLU B 348 2.06 14.06 -45.27
C GLU B 348 1.60 13.62 -46.67
N LYS B 349 1.32 12.34 -46.90
CA LYS B 349 0.98 11.91 -48.28
C LYS B 349 -0.39 11.22 -48.37
N ILE B 350 -0.96 10.81 -47.25
CA ILE B 350 -2.27 10.09 -47.25
C ILE B 350 -3.39 10.98 -46.72
N ILE B 351 -4.40 11.24 -47.54
CA ILE B 351 -5.57 12.07 -47.12
C ILE B 351 -6.32 11.33 -46.01
N PRO B 352 -6.79 12.03 -44.96
CA PRO B 352 -7.59 11.38 -43.90
C PRO B 352 -8.88 10.83 -44.49
N GLY B 353 -9.32 9.67 -44.03
CA GLY B 353 -10.62 9.13 -44.48
C GLY B 353 -10.55 8.25 -45.72
N LYS B 354 -9.36 8.04 -46.28
CA LYS B 354 -9.22 7.26 -47.53
C LYS B 354 -9.65 5.82 -47.31
N ILE B 355 -10.32 5.25 -48.31
CA ILE B 355 -10.73 3.84 -48.25
C ILE B 355 -10.18 3.19 -49.52
N VAL B 356 -9.37 2.15 -49.37
CA VAL B 356 -8.79 1.41 -50.53
C VAL B 356 -9.50 0.06 -50.64
N ASN B 357 -10.18 -0.18 -51.76
CA ASN B 357 -11.00 -1.41 -51.91
C ASN B 357 -10.29 -2.42 -52.80
N THR B 358 -9.15 -2.02 -53.37
CA THR B 358 -8.35 -2.92 -54.21
C THR B 358 -7.94 -4.12 -53.39
N VAL B 359 -8.02 -5.31 -53.99
CA VAL B 359 -7.61 -6.56 -53.29
C VAL B 359 -6.09 -6.57 -53.14
N TYR B 360 -5.63 -7.04 -51.99
CA TYR B 360 -4.17 -7.11 -51.71
C TYR B 360 -3.82 -8.33 -50.90
N THR B 361 -2.55 -8.72 -50.97
CA THR B 361 -2.03 -9.78 -50.09
C THR B 361 -0.82 -9.20 -49.40
N CYS B 362 -0.23 -9.93 -48.46
CA CYS B 362 1.00 -9.52 -47.75
C CYS B 362 2.16 -9.43 -48.76
N VAL B 363 2.01 -10.08 -49.91
CA VAL B 363 3.06 -10.07 -50.98
C VAL B 363 3.19 -8.64 -51.52
N ASP B 364 2.20 -7.82 -51.30
CA ASP B 364 2.22 -6.44 -51.86
C ASP B 364 2.78 -5.43 -50.87
N PHE B 365 2.94 -5.78 -49.60
CA PHE B 365 3.34 -4.77 -48.59
C PHE B 365 4.71 -4.18 -48.90
N ALA B 366 5.72 -5.02 -49.00
CA ALA B 366 7.11 -4.54 -49.21
C ALA B 366 7.19 -3.65 -50.45
N PRO B 367 6.71 -4.04 -51.65
CA PRO B 367 6.81 -3.12 -52.80
C PRO B 367 6.07 -1.82 -52.49
N THR B 368 4.87 -1.90 -51.93
CA THR B 368 4.06 -0.69 -51.66
C THR B 368 4.72 0.20 -50.60
N ILE B 369 5.19 -0.39 -49.50
CA ILE B 369 5.76 0.45 -48.41
C ILE B 369 7.06 1.08 -48.92
N LEU B 370 7.78 0.37 -49.76
CA LEU B 370 9.05 0.92 -50.28
C LEU B 370 8.73 2.08 -51.23
N GLY B 371 7.68 1.95 -52.02
CA GLY B 371 7.25 3.06 -52.89
C GLY B 371 6.80 4.26 -52.09
N LEU B 372 6.05 4.03 -51.02
CA LEU B 372 5.54 5.14 -50.18
C LEU B 372 6.74 5.87 -49.56
N MET B 373 7.74 5.13 -49.12
CA MET B 373 8.88 5.74 -48.40
C MET B 373 9.96 6.19 -49.39
N GLY B 374 9.78 5.95 -50.68
CA GLY B 374 10.75 6.37 -51.68
C GLY B 374 12.04 5.61 -51.52
N VAL B 375 11.94 4.32 -51.21
CA VAL B 375 13.16 3.51 -50.94
C VAL B 375 13.28 2.48 -52.07
N LYS B 376 14.49 2.05 -52.40
CA LYS B 376 14.68 1.13 -53.53
C LYS B 376 13.88 -0.16 -53.34
N GLN B 377 13.23 -0.62 -54.41
CA GLN B 377 12.48 -1.89 -54.38
C GLN B 377 13.44 -3.08 -54.17
N ILE B 378 13.01 -4.05 -53.38
CA ILE B 378 13.82 -5.28 -53.17
C ILE B 378 14.29 -5.74 -54.55
N PRO B 379 15.60 -5.94 -54.77
CA PRO B 379 16.10 -6.36 -56.08
C PRO B 379 15.49 -7.70 -56.46
N GLY B 380 15.29 -7.93 -57.76
CA GLY B 380 14.81 -9.24 -58.20
C GLY B 380 13.32 -9.38 -58.28
N LEU B 381 12.83 -10.61 -58.12
CA LEU B 381 11.39 -10.90 -58.31
C LEU B 381 10.54 -10.41 -57.15
N GLN B 382 9.50 -9.66 -57.49
CA GLN B 382 8.49 -9.27 -56.48
C GLN B 382 7.19 -9.82 -57.06
N GLU B 383 6.51 -10.72 -56.35
CA GLU B 383 5.28 -11.34 -56.89
C GLU B 383 4.08 -10.48 -56.53
N GLY B 384 4.33 -9.23 -56.19
CA GLY B 384 3.26 -8.34 -55.77
C GLY B 384 3.38 -6.98 -56.40
N ILE B 385 2.49 -6.07 -56.05
CA ILE B 385 2.52 -4.77 -56.76
C ILE B 385 2.89 -3.62 -55.82
N ASN B 386 3.53 -2.59 -56.36
CA ASN B 386 3.75 -1.34 -55.59
C ASN B 386 2.52 -0.48 -55.89
N ASP B 387 1.58 -0.43 -54.94
CA ASP B 387 0.34 0.36 -55.11
C ASP B 387 0.39 1.53 -54.12
N ALA B 388 1.51 2.21 -54.05
CA ALA B 388 1.65 3.37 -53.15
C ALA B 388 0.79 4.51 -53.66
N GLN B 389 0.49 4.49 -54.96
CA GLN B 389 -0.34 5.54 -55.59
C GLN B 389 -1.72 5.57 -54.94
N ALA B 390 -2.27 4.42 -54.57
CA ALA B 390 -3.62 4.32 -53.99
C ALA B 390 -3.73 5.10 -52.69
N PHE B 391 -2.65 5.13 -51.89
CA PHE B 391 -2.62 5.91 -50.63
C PHE B 391 -2.22 7.35 -50.92
N THR B 392 -1.40 7.58 -51.93
CA THR B 392 -0.88 8.93 -52.21
C THR B 392 -1.87 9.71 -53.06
N ASN B 393 -2.77 9.02 -53.77
CA ASN B 393 -3.71 9.71 -54.70
C ASN B 393 -4.74 10.53 -53.91
N LYS B 394 -5.42 11.42 -54.60
CA LYS B 394 -6.41 12.33 -53.98
C LYS B 394 -7.77 11.65 -53.81
N GLU B 395 -7.91 10.43 -54.32
CA GLU B 395 -9.19 9.70 -54.26
C GLU B 395 -9.51 9.18 -52.86
N LYS B 396 -10.69 9.49 -52.32
CA LYS B 396 -11.06 9.05 -50.95
C LYS B 396 -11.55 7.60 -51.02
N ASN B 397 -12.05 7.19 -52.17
CA ASN B 397 -12.50 5.78 -52.36
C ASN B 397 -11.71 5.23 -53.55
N VAL B 398 -10.73 4.40 -53.27
CA VAL B 398 -9.84 3.86 -54.33
C VAL B 398 -10.22 2.42 -54.65
N LYS B 399 -10.52 2.14 -55.92
CA LYS B 399 -10.78 0.74 -56.35
C LYS B 399 -10.11 0.50 -57.71
N GLN B 400 -9.28 -0.53 -57.82
CA GLN B 400 -8.66 -0.92 -59.10
C GLN B 400 -9.09 -2.35 -59.35
N ASP B 401 -9.36 -2.71 -60.60
CA ASP B 401 -9.69 -4.11 -60.93
C ASP B 401 -8.45 -4.99 -60.73
N ARG B 402 -8.53 -5.93 -59.79
CA ARG B 402 -7.39 -6.84 -59.52
C ARG B 402 -7.92 -8.14 -58.90
N ILE B 403 -7.24 -9.24 -59.18
CA ILE B 403 -7.59 -10.55 -58.54
C ILE B 403 -6.33 -10.99 -57.80
N VAL B 404 -6.50 -11.55 -56.61
CA VAL B 404 -5.36 -12.04 -55.80
C VAL B 404 -5.67 -13.48 -55.36
N TYR B 405 -4.65 -14.23 -54.98
CA TYR B 405 -4.83 -15.64 -54.56
C TYR B 405 -4.22 -15.87 -53.18
N THR B 406 -4.85 -16.77 -52.42
CA THR B 406 -4.34 -17.11 -51.09
C THR B 406 -4.13 -18.62 -51.06
N THR B 407 -3.21 -19.08 -50.21
CA THR B 407 -2.86 -20.52 -50.18
C THR B 407 -3.07 -21.11 -48.80
N ALA B 408 -3.09 -22.44 -48.66
CA ALA B 408 -3.45 -23.11 -47.39
C ALA B 408 -2.29 -23.46 -46.44
N SER B 409 -2.57 -23.92 -45.21
CA SER B 409 -1.60 -24.16 -44.10
C SER B 409 -0.68 -25.38 -44.25
N PRO B 410 -0.62 -26.43 -43.38
CA PRO B 410 0.41 -27.47 -43.58
C PRO B 410 0.04 -28.20 -44.85
N PHE B 411 -1.26 -28.48 -45.01
CA PHE B 411 -1.76 -29.18 -46.19
C PHE B 411 -2.18 -28.11 -47.15
N ASN B 412 -1.89 -28.30 -48.43
CA ASN B 412 -2.32 -27.30 -49.43
C ASN B 412 -3.73 -27.72 -49.88
N ASP B 413 -4.63 -27.94 -48.94
CA ASP B 413 -5.97 -28.51 -49.25
C ASP B 413 -6.88 -27.57 -50.05
N TRP B 414 -6.67 -26.26 -49.99
CA TRP B 414 -7.58 -25.35 -50.70
C TRP B 414 -6.80 -24.18 -51.31
N THR B 415 -7.37 -23.51 -52.31
CA THR B 415 -6.77 -22.31 -52.91
C THR B 415 -7.90 -21.33 -53.12
N MET B 416 -7.61 -20.03 -53.01
CA MET B 416 -8.71 -19.04 -53.13
C MET B 416 -8.29 -17.92 -54.08
N ALA B 417 -9.27 -17.33 -54.76
CA ALA B 417 -9.02 -16.15 -55.61
C ALA B 417 -10.20 -15.20 -55.42
N THR B 418 -9.92 -13.91 -55.35
CA THR B 418 -10.98 -12.90 -55.18
C THR B 418 -10.70 -11.64 -55.95
N ASP B 419 -11.74 -11.03 -56.51
CA ASP B 419 -11.63 -9.72 -57.22
C ASP B 419 -12.25 -8.68 -56.29
N GLY B 420 -12.60 -9.08 -55.07
CA GLY B 420 -13.32 -8.18 -54.14
C GLY B 420 -14.68 -8.76 -53.89
N ARG B 421 -15.54 -8.82 -54.89
CA ARG B 421 -16.92 -9.31 -54.69
C ARG B 421 -16.96 -10.82 -54.80
N TYR B 422 -16.29 -11.37 -55.80
CA TYR B 422 -16.40 -12.84 -56.03
C TYR B 422 -15.17 -13.55 -55.49
N LYS B 423 -15.43 -14.55 -54.66
CA LYS B 423 -14.33 -15.33 -54.06
C LYS B 423 -14.50 -16.80 -54.50
N LEU B 424 -13.49 -17.33 -55.14
CA LEU B 424 -13.55 -18.73 -55.63
C LEU B 424 -12.60 -19.60 -54.80
N VAL B 425 -13.13 -20.69 -54.26
CA VAL B 425 -12.26 -21.66 -53.53
C VAL B 425 -12.24 -22.98 -54.31
N LEU B 426 -11.05 -23.45 -54.67
CA LEU B 426 -10.89 -24.78 -55.28
C LEU B 426 -10.23 -25.65 -54.20
N SER B 427 -10.69 -26.87 -53.99
CA SER B 427 -10.15 -27.75 -52.92
C SER B 427 -10.08 -29.22 -53.35
N CYS B 428 -9.39 -30.04 -52.57
CA CYS B 428 -9.31 -31.49 -52.83
C CYS B 428 -10.29 -32.14 -51.85
N ARG B 429 -10.95 -31.34 -51.01
CA ARG B 429 -11.93 -31.85 -50.01
C ARG B 429 -13.36 -31.46 -50.40
N GLU B 430 -13.52 -30.69 -51.47
CA GLU B 430 -14.86 -30.19 -51.83
C GLU B 430 -14.90 -29.79 -53.31
N THR B 431 -16.09 -29.77 -53.90
CA THR B 431 -16.22 -29.27 -55.28
C THR B 431 -16.04 -27.78 -55.23
N PRO B 432 -15.89 -27.06 -56.38
CA PRO B 432 -15.59 -25.60 -56.34
C PRO B 432 -16.70 -24.80 -55.66
N TRP B 433 -16.30 -23.81 -54.86
CA TRP B 433 -17.29 -22.92 -54.20
C TRP B 433 -17.11 -21.48 -54.70
N LEU B 434 -18.23 -20.81 -55.00
CA LEU B 434 -18.16 -19.39 -55.44
C LEU B 434 -19.00 -18.55 -54.46
N PHE B 435 -18.41 -17.49 -53.94
CA PHE B 435 -19.12 -16.63 -52.95
C PHE B 435 -19.37 -15.27 -53.56
N ASP B 436 -20.55 -14.71 -53.32
CA ASP B 436 -20.85 -13.32 -53.78
C ASP B 436 -21.00 -12.46 -52.53
N LEU B 437 -20.06 -11.56 -52.29
CA LEU B 437 -20.07 -10.79 -51.02
C LEU B 437 -21.09 -9.66 -51.09
N GLU B 438 -21.51 -9.23 -52.28
CA GLU B 438 -22.59 -8.23 -52.34
C GLU B 438 -23.89 -8.90 -51.89
N VAL B 439 -24.27 -9.98 -52.54
CA VAL B 439 -25.57 -10.67 -52.23
C VAL B 439 -25.49 -11.52 -50.96
N ASP B 440 -24.34 -12.16 -50.69
CA ASP B 440 -24.16 -13.06 -49.52
C ASP B 440 -22.92 -12.60 -48.76
N PRO B 441 -22.97 -11.49 -47.98
CA PRO B 441 -21.80 -11.01 -47.18
C PRO B 441 -21.40 -12.04 -46.14
N ASP B 442 -22.34 -12.88 -45.71
CA ASP B 442 -22.07 -13.93 -44.69
C ASP B 442 -21.50 -15.21 -45.32
N GLU B 443 -21.32 -15.26 -46.63
CA GLU B 443 -20.65 -16.41 -47.31
C GLU B 443 -21.25 -17.75 -46.89
N MET B 444 -22.54 -17.94 -47.11
CA MET B 444 -23.25 -19.16 -46.70
C MET B 444 -23.70 -19.90 -47.96
N LYS B 445 -23.73 -19.18 -49.08
CA LYS B 445 -24.28 -19.80 -50.31
C LYS B 445 -23.19 -20.05 -51.36
N ASN B 446 -23.35 -21.08 -52.17
CA ASN B 446 -22.41 -21.36 -53.28
C ASN B 446 -23.10 -20.98 -54.59
N PHE B 447 -22.46 -20.14 -55.38
CA PHE B 447 -23.10 -19.63 -56.62
C PHE B 447 -22.44 -20.24 -57.83
N TYR B 448 -21.50 -21.16 -57.64
CA TYR B 448 -20.75 -21.75 -58.77
C TYR B 448 -21.70 -22.42 -59.74
N ASN B 449 -22.73 -23.06 -59.20
CA ASN B 449 -23.65 -23.84 -60.08
C ASN B 449 -24.84 -22.97 -60.51
N ASN B 450 -24.91 -21.75 -60.00
CA ASN B 450 -25.96 -20.80 -60.46
C ASN B 450 -25.62 -20.45 -61.91
N PRO B 451 -26.54 -20.68 -62.89
CA PRO B 451 -26.24 -20.43 -64.33
C PRO B 451 -25.94 -18.96 -64.60
N LYS B 452 -26.44 -18.07 -63.75
CA LYS B 452 -26.15 -16.62 -63.96
C LYS B 452 -24.71 -16.32 -63.54
N TYR B 453 -24.08 -17.22 -62.78
CA TYR B 453 -22.68 -17.00 -62.33
C TYR B 453 -21.71 -17.86 -63.13
N LYS B 454 -22.18 -18.50 -64.20
CA LYS B 454 -21.32 -19.43 -64.97
C LYS B 454 -20.10 -18.69 -65.52
N GLU B 455 -20.30 -17.52 -66.12
CA GLU B 455 -19.18 -16.75 -66.71
C GLU B 455 -18.21 -16.27 -65.62
N ILE B 456 -18.73 -15.87 -64.47
CA ILE B 456 -17.87 -15.37 -63.37
C ILE B 456 -17.05 -16.55 -62.85
N ALA B 457 -17.71 -17.69 -62.62
CA ALA B 457 -17.01 -18.89 -62.16
C ALA B 457 -15.85 -19.23 -63.08
N ASP B 458 -16.09 -19.33 -64.38
CA ASP B 458 -15.02 -19.79 -65.30
C ASP B 458 -13.88 -18.77 -65.34
N ARG B 459 -14.19 -17.48 -65.31
CA ARG B 459 -13.08 -16.51 -65.42
C ARG B 459 -12.31 -16.48 -64.10
N MET B 460 -12.99 -16.80 -63.00
CA MET B 460 -12.32 -16.88 -61.67
C MET B 460 -11.51 -18.18 -61.59
N GLN B 461 -12.02 -19.29 -62.11
CA GLN B 461 -11.27 -20.58 -62.09
C GLN B 461 -10.02 -20.44 -62.96
N LYS B 462 -10.17 -19.85 -64.14
CA LYS B 462 -9.02 -19.64 -65.05
C LYS B 462 -7.95 -18.82 -64.32
N GLU B 463 -8.33 -17.74 -63.64
CA GLU B 463 -7.31 -16.87 -63.01
C GLU B 463 -6.68 -17.59 -61.81
N LEU B 464 -7.46 -18.30 -61.02
CA LEU B 464 -6.85 -18.96 -59.84
C LEU B 464 -5.78 -19.93 -60.35
N ILE B 465 -6.14 -20.80 -61.30
CA ILE B 465 -5.19 -21.78 -61.89
C ILE B 465 -3.98 -21.05 -62.48
N ARG B 466 -4.20 -19.99 -63.23
CA ARG B 466 -3.06 -19.24 -63.83
C ARG B 466 -2.13 -18.77 -62.71
N GLN B 467 -2.67 -18.15 -61.67
CA GLN B 467 -1.86 -17.62 -60.56
C GLN B 467 -1.27 -18.78 -59.72
N MET B 468 -1.98 -19.88 -59.60
CA MET B 468 -1.45 -21.05 -58.88
C MET B 468 -0.18 -21.55 -59.58
N LYS B 469 -0.17 -21.55 -60.90
CA LYS B 469 1.02 -22.02 -61.64
C LYS B 469 2.13 -20.96 -61.55
N LEU B 470 1.78 -19.68 -61.64
CA LEU B 470 2.80 -18.61 -61.63
C LEU B 470 3.50 -18.55 -60.26
N TYR B 471 2.77 -18.83 -59.20
CA TYR B 471 3.35 -18.66 -57.84
C TYR B 471 3.72 -20.00 -57.26
N LYS B 472 3.91 -20.98 -58.14
CA LYS B 472 4.34 -22.34 -57.72
C LYS B 472 3.48 -22.83 -56.56
N GLU B 473 2.16 -22.81 -56.74
CA GLU B 473 1.25 -23.35 -55.71
C GLU B 473 1.71 -24.77 -55.37
N PRO B 474 2.04 -25.05 -54.09
CA PRO B 474 2.53 -26.38 -53.65
C PRO B 474 1.57 -27.52 -53.97
N ALA B 475 0.27 -27.27 -53.96
CA ALA B 475 -0.72 -28.35 -54.20
C ALA B 475 -0.53 -28.94 -55.58
N LEU B 476 -0.06 -28.12 -56.52
CA LEU B 476 0.16 -28.60 -57.90
C LEU B 476 1.45 -29.42 -57.96
N SER B 477 2.46 -29.02 -57.20
CA SER B 477 3.74 -29.77 -57.15
C SER B 477 3.59 -31.01 -56.27
N ILE B 478 2.68 -30.98 -55.30
CA ILE B 478 2.37 -32.18 -54.46
C ILE B 478 1.43 -33.13 -55.21
N GLY B 479 0.72 -32.65 -56.23
CA GLY B 479 -0.21 -33.49 -56.99
C GLY B 479 -1.48 -33.78 -56.22
N LEU B 480 -1.86 -32.86 -55.34
CA LEU B 480 -3.12 -33.02 -54.56
C LEU B 480 -4.30 -33.14 -55.54
N PRO B 481 -5.33 -33.95 -55.25
CA PRO B 481 -6.44 -34.21 -56.20
C PRO B 481 -7.55 -33.16 -56.11
N TYR B 482 -7.27 -31.96 -56.63
CA TYR B 482 -8.26 -30.86 -56.55
C TYR B 482 -9.43 -31.14 -57.47
N LEU B 483 -10.59 -30.60 -57.11
CA LEU B 483 -11.83 -30.80 -57.91
C LEU B 483 -12.12 -29.51 -58.68
N TYR B 484 -12.13 -29.56 -60.01
CA TYR B 484 -12.32 -28.36 -60.85
C TYR B 484 -13.69 -28.37 -61.48
N LYS B 485 -14.48 -29.38 -61.14
CA LYS B 485 -15.87 -29.48 -61.66
C LYS B 485 -16.78 -29.84 -60.49
N SER B 486 -18.02 -29.37 -60.53
CA SER B 486 -19.00 -29.70 -59.47
C SER B 486 -19.32 -31.19 -59.50
N THR B 487 -19.11 -31.84 -60.64
CA THR B 487 -19.46 -33.25 -60.83
C THR B 487 -18.38 -34.15 -60.28
N ASP B 488 -17.15 -33.65 -60.19
CA ASP B 488 -16.02 -34.43 -59.62
C ASP B 488 -16.42 -34.90 -58.22
N LYS B 489 -15.79 -35.99 -57.76
CA LYS B 489 -16.09 -36.54 -56.42
C LYS B 489 -14.79 -36.49 -55.61
N VAL B 490 -14.91 -36.40 -54.28
CA VAL B 490 -13.71 -36.26 -53.43
C VAL B 490 -13.03 -37.62 -53.22
N ASN B 491 -11.76 -37.73 -53.63
CA ASN B 491 -10.95 -38.97 -53.39
C ASN B 491 -9.60 -38.51 -52.85
N TYR B 492 -9.52 -38.19 -51.56
CA TYR B 492 -8.25 -37.60 -51.05
C TYR B 492 -7.86 -38.12 -49.69
N ASN B 493 -6.66 -38.68 -49.60
CA ASN B 493 -6.10 -39.08 -48.28
C ASN B 493 -4.86 -38.24 -48.08
N PRO B 494 -4.78 -37.38 -47.03
CA PRO B 494 -3.55 -36.59 -46.72
C PRO B 494 -2.32 -37.48 -46.53
N ALA B 495 -2.50 -38.70 -46.04
CA ALA B 495 -1.39 -39.63 -45.75
C ALA B 495 -0.59 -40.01 -46.98
N LYS B 496 -1.26 -40.07 -48.12
CA LYS B 496 -0.61 -40.47 -49.38
C LYS B 496 0.41 -39.41 -49.80
N TYR B 497 0.28 -38.19 -49.26
CA TYR B 497 1.18 -37.10 -49.68
C TYR B 497 2.10 -36.69 -48.54
N LYS B 498 2.10 -37.47 -47.47
CA LYS B 498 2.93 -37.13 -46.29
C LYS B 498 4.18 -37.99 -46.31
N SER B 499 5.30 -37.42 -45.88
CA SER B 499 6.60 -38.13 -45.87
C SER B 499 6.97 -38.45 -44.42
N LYS B 500 6.81 -39.71 -44.00
CA LYS B 500 7.14 -40.12 -42.62
C LYS B 500 8.62 -39.80 -42.35
N VAL B 501 8.92 -39.32 -41.15
CA VAL B 501 10.30 -38.88 -40.87
C VAL B 501 10.86 -39.61 -39.64
N GLN B 502 12.18 -39.78 -39.62
CA GLN B 502 12.84 -40.45 -38.49
C GLN B 502 13.04 -39.46 -37.33
N PRO B 503 13.12 -39.94 -36.08
CA PRO B 503 13.35 -39.08 -34.90
C PRO B 503 14.84 -38.70 -34.81
N ASN B 504 15.14 -37.46 -34.41
CA ASN B 504 16.55 -37.05 -34.22
C ASN B 504 16.95 -37.33 -32.77
N ALA B 505 17.89 -38.24 -32.57
CA ALA B 505 18.40 -38.55 -31.21
C ALA B 505 19.13 -37.36 -30.58
N LEU B 506 19.65 -36.45 -31.40
CA LEU B 506 20.48 -35.32 -30.88
C LEU B 506 19.61 -34.20 -30.32
N LEU B 507 18.36 -34.11 -30.77
CA LEU B 507 17.46 -33.01 -30.38
C LEU B 507 17.32 -32.84 -28.85
N PRO B 508 17.21 -33.90 -28.02
CA PRO B 508 17.18 -33.74 -26.54
C PRO B 508 18.40 -32.94 -26.05
N MET B 509 19.58 -33.20 -26.60
CA MET B 509 20.83 -32.51 -26.21
C MET B 509 20.91 -31.10 -26.82
N ILE B 510 20.38 -30.91 -28.03
CA ILE B 510 20.42 -29.59 -28.70
C ILE B 510 19.55 -28.62 -27.90
N HIS B 511 18.44 -29.13 -27.38
CA HIS B 511 17.52 -28.27 -26.58
C HIS B 511 18.21 -27.83 -25.29
N THR B 512 18.96 -28.75 -24.69
CA THR B 512 19.67 -28.42 -23.44
C THR B 512 20.68 -27.34 -23.75
N ILE B 513 21.44 -27.50 -24.83
CA ILE B 513 22.48 -26.51 -25.22
C ILE B 513 21.80 -25.16 -25.51
N GLU B 514 20.65 -25.18 -26.17
CA GLU B 514 19.92 -23.92 -26.51
C GLU B 514 19.55 -23.18 -25.22
N LYS B 515 19.01 -23.89 -24.23
CA LYS B 515 18.55 -23.28 -22.96
C LYS B 515 19.73 -22.82 -22.08
N VAL B 516 20.78 -23.62 -21.96
CA VAL B 516 21.86 -23.24 -21.00
C VAL B 516 23.03 -22.52 -21.70
N CYS B 517 23.20 -22.71 -22.99
CA CYS B 517 24.37 -22.07 -23.64
C CYS B 517 23.91 -20.93 -24.55
N MET B 518 23.05 -21.21 -25.52
CA MET B 518 22.68 -20.21 -26.54
C MET B 518 21.83 -19.10 -25.94
N ARG B 519 20.81 -19.44 -25.17
CA ARG B 519 19.88 -18.42 -24.62
C ARG B 519 19.84 -18.56 -23.09
N PRO B 520 20.91 -18.23 -22.35
CA PRO B 520 20.95 -18.48 -20.89
C PRO B 520 20.16 -17.48 -20.06
N LEU B 521 19.47 -17.94 -19.02
CA LEU B 521 18.77 -17.02 -18.10
C LEU B 521 19.78 -16.44 -17.10
N LYS B 522 21.03 -16.90 -17.19
CA LYS B 522 22.12 -16.38 -16.33
C LYS B 522 23.11 -15.63 -17.23
N GLU C 26 34.19 -29.40 33.59
CA GLU C 26 34.27 -28.12 34.35
C GLU C 26 35.13 -27.12 33.56
N LYS C 27 36.45 -27.30 33.55
CA LYS C 27 37.38 -26.39 32.85
C LYS C 27 37.07 -26.34 31.35
N PRO C 28 36.80 -25.14 30.78
CA PRO C 28 36.51 -25.00 29.35
C PRO C 28 37.76 -25.06 28.48
N ASN C 29 37.65 -25.65 27.31
CA ASN C 29 38.77 -25.67 26.35
C ASN C 29 38.83 -24.32 25.63
N LEU C 30 40.00 -23.98 25.07
CA LEU C 30 40.14 -22.70 24.35
C LEU C 30 40.86 -22.89 23.00
N ILE C 31 40.20 -22.47 21.92
CA ILE C 31 40.88 -22.46 20.60
C ILE C 31 40.87 -21.00 20.13
N VAL C 32 42.05 -20.44 19.88
CA VAL C 32 42.12 -19.06 19.32
C VAL C 32 42.62 -19.17 17.88
N ILE C 33 41.83 -18.69 16.93
CA ILE C 33 42.26 -18.64 15.51
C ILE C 33 42.55 -17.17 15.18
N GLN C 34 43.81 -16.84 14.92
CA GLN C 34 44.22 -15.46 14.63
C GLN C 34 44.70 -15.35 13.19
N THR C 35 44.26 -14.31 12.50
CA THR C 35 44.68 -14.07 11.12
C THR C 35 45.62 -12.89 11.12
N ASP C 36 46.27 -12.63 10.01
CA ASP C 36 47.22 -11.50 9.91
C ASP C 36 46.73 -10.53 8.82
N GLU C 37 46.71 -9.24 9.13
CA GLU C 37 46.29 -8.21 8.16
C GLU C 37 44.92 -8.60 7.60
N HIS C 38 43.93 -8.72 8.49
CA HIS C 38 42.58 -9.17 8.08
C HIS C 38 41.50 -8.13 8.39
N THR C 39 40.98 -7.52 7.33
CA THR C 39 39.93 -6.50 7.51
C THR C 39 38.62 -7.14 7.88
N ILE C 40 37.87 -6.48 8.75
CA ILE C 40 36.53 -6.97 9.19
C ILE C 40 35.55 -6.92 8.01
N ASN C 41 35.85 -6.12 6.98
CA ASN C 41 34.92 -5.97 5.82
C ASN C 41 34.94 -7.25 4.98
N THR C 42 35.95 -8.10 5.12
CA THR C 42 35.99 -9.37 4.39
C THR C 42 35.13 -10.39 5.10
N LEU C 43 34.66 -10.07 6.32
CA LEU C 43 33.78 -10.98 7.08
C LEU C 43 32.30 -10.58 6.94
N GLY C 44 31.43 -11.52 6.58
CA GLY C 44 30.00 -11.22 6.39
C GLY C 44 29.28 -10.97 7.69
N CYS C 45 29.78 -11.50 8.79
CA CYS C 45 29.17 -11.24 10.12
C CYS C 45 29.27 -9.73 10.41
N TYR C 46 30.36 -9.10 10.03
CA TYR C 46 30.57 -7.66 10.32
C TYR C 46 29.86 -6.80 9.27
N ARG C 47 29.76 -7.28 8.02
CA ARG C 47 29.11 -6.51 6.91
C ARG C 47 27.60 -6.44 7.16
N ARG C 48 27.03 -7.47 7.78
CA ARG C 48 25.60 -7.49 8.11
C ARG C 48 25.29 -6.55 9.28
N LEU C 49 26.28 -6.21 10.09
CA LEU C 49 26.02 -5.35 11.27
C LEU C 49 25.71 -3.92 10.79
N VAL C 50 26.31 -3.49 9.68
CA VAL C 50 26.10 -2.10 9.22
C VAL C 50 25.33 -2.07 7.90
N GLY C 51 24.77 -3.20 7.47
CA GLY C 51 24.06 -3.25 6.18
C GLY C 51 23.91 -4.64 5.62
N ASP C 52 23.88 -4.76 4.31
CA ASP C 52 23.69 -6.08 3.67
C ASP C 52 25.01 -6.86 3.65
N ILE C 53 24.94 -8.17 3.82
CA ILE C 53 26.14 -9.05 3.81
C ILE C 53 26.72 -9.06 2.39
N ASN C 54 25.93 -8.67 1.41
CA ASN C 54 26.37 -8.74 0.00
C ASN C 54 26.84 -7.36 -0.46
N ASP C 55 26.94 -6.40 0.45
CA ASP C 55 27.47 -5.06 0.10
C ASP C 55 28.83 -4.85 0.79
N SER C 56 29.81 -4.42 0.02
CA SER C 56 31.16 -4.21 0.58
C SER C 56 31.70 -2.90 0.04
N PRO C 57 32.83 -2.36 0.56
CA PRO C 57 33.47 -1.17 -0.07
C PRO C 57 33.84 -1.53 -1.50
N TRP C 58 34.05 -2.81 -1.79
CA TRP C 58 34.50 -3.26 -3.14
C TRP C 58 33.35 -3.92 -3.90
N GLY C 59 32.14 -3.84 -3.38
CA GLY C 59 30.97 -4.37 -4.11
C GLY C 59 30.45 -5.73 -3.71
N LYS C 60 29.64 -6.35 -4.57
CA LYS C 60 28.94 -7.61 -4.25
C LYS C 60 29.76 -8.89 -4.39
N ASN C 61 30.91 -8.84 -5.06
CA ASN C 61 31.65 -10.11 -5.29
C ASN C 61 32.68 -10.30 -4.17
N VAL C 62 32.50 -9.61 -3.04
CA VAL C 62 33.38 -9.78 -1.86
C VAL C 62 33.31 -11.23 -1.39
N VAL C 63 34.39 -11.70 -0.77
CA VAL C 63 34.44 -13.08 -0.21
C VAL C 63 33.32 -13.27 0.82
N GLN C 64 32.77 -14.46 0.86
CA GLN C 64 31.74 -14.81 1.87
C GLN C 64 32.45 -15.68 2.89
N THR C 65 32.10 -15.55 4.17
CA THR C 65 32.80 -16.26 5.25
C THR C 65 31.79 -17.02 6.05
N PRO C 66 31.08 -18.03 5.49
CA PRO C 66 30.09 -18.86 6.23
C PRO C 66 30.57 -19.39 7.57
N ASN C 67 31.73 -20.04 7.61
CA ASN C 67 32.20 -20.72 8.84
C ASN C 67 32.56 -19.73 9.94
N ILE C 68 33.21 -18.61 9.62
CA ILE C 68 33.49 -17.58 10.66
C ILE C 68 32.15 -16.98 11.13
N ASP C 69 31.20 -16.79 10.22
CA ASP C 69 29.89 -16.19 10.58
C ASP C 69 29.11 -17.13 11.50
N ARG C 70 29.41 -18.42 11.44
CA ARG C 70 28.75 -19.40 12.35
C ARG C 70 29.12 -19.07 13.80
N LEU C 71 30.39 -18.75 14.03
CA LEU C 71 30.86 -18.48 15.40
C LEU C 71 30.16 -17.23 15.94
N ALA C 72 29.72 -16.35 15.06
CA ALA C 72 29.01 -15.12 15.50
C ALA C 72 27.56 -15.46 15.75
N LYS C 73 26.93 -16.12 14.79
CA LYS C 73 25.53 -16.52 14.96
C LYS C 73 25.37 -17.39 16.21
N GLU C 74 26.35 -18.25 16.48
CA GLU C 74 26.23 -19.17 17.64
C GLU C 74 26.96 -18.54 18.83
N GLY C 75 27.21 -17.23 18.78
CA GLY C 75 27.82 -16.59 19.95
C GLY C 75 27.80 -15.08 19.95
N ALA C 76 28.95 -14.46 20.26
CA ALA C 76 29.02 -12.99 20.40
C ALA C 76 29.94 -12.36 19.36
N ILE C 77 29.56 -11.18 18.91
CA ILE C 77 30.41 -10.43 17.94
C ILE C 77 30.76 -9.11 18.64
N CYS C 78 32.02 -8.72 18.56
CA CYS C 78 32.48 -7.44 19.14
C CYS C 78 32.58 -6.41 17.99
N THR C 79 31.83 -5.32 18.09
CA THR C 79 31.76 -4.31 17.02
C THR C 79 32.74 -3.18 17.24
N ARG C 80 33.47 -3.19 18.34
CA ARG C 80 34.41 -2.08 18.67
C ARG C 80 35.66 -2.70 19.32
N TYR C 81 36.17 -3.78 18.73
CA TYR C 81 37.44 -4.39 19.19
C TYR C 81 38.55 -3.82 18.35
N TYR C 82 39.62 -3.39 19.01
CA TYR C 82 40.73 -2.75 18.29
C TYR C 82 42.07 -3.33 18.67
N ALA C 83 43.03 -3.22 17.76
CA ALA C 83 44.41 -3.59 18.10
C ALA C 83 44.96 -2.49 19.00
N SER C 84 45.76 -2.84 20.00
CA SER C 84 46.45 -1.83 20.82
C SER C 84 47.30 -1.00 19.86
N SER C 85 47.85 -1.64 18.84
CA SER C 85 48.66 -0.98 17.81
C SER C 85 48.39 -1.75 16.52
N PRO C 86 48.11 -1.11 15.36
CA PRO C 86 47.70 -1.85 14.12
C PRO C 86 48.90 -2.43 13.41
N VAL C 87 49.81 -3.05 14.15
CA VAL C 87 51.06 -3.65 13.60
C VAL C 87 51.24 -5.02 14.26
N SER C 88 51.86 -5.98 13.58
CA SER C 88 51.88 -7.39 14.07
C SER C 88 52.47 -7.59 15.47
N THR C 89 53.76 -7.32 15.65
CA THR C 89 54.41 -7.66 16.93
C THR C 89 53.73 -6.92 18.07
N PRO C 90 53.53 -5.59 18.03
CA PRO C 90 52.93 -4.88 19.17
C PRO C 90 51.56 -5.45 19.55
N SER C 91 50.67 -5.66 18.57
CA SER C 91 49.31 -6.17 18.87
C SER C 91 49.39 -7.57 19.46
N ARG C 92 50.18 -8.45 18.84
CA ARG C 92 50.29 -9.86 19.30
C ARG C 92 50.76 -9.88 20.76
N ALA C 93 51.70 -9.02 21.10
CA ALA C 93 52.26 -8.97 22.46
C ALA C 93 51.20 -8.55 23.47
N SER C 94 50.41 -7.55 23.11
CA SER C 94 49.36 -7.05 24.02
C SER C 94 48.30 -8.12 24.23
N PHE C 95 48.01 -8.93 23.20
CA PHE C 95 47.00 -10.02 23.30
C PHE C 95 47.45 -11.01 24.35
N GLN C 96 48.71 -11.40 24.36
CA GLN C 96 49.24 -12.39 25.32
C GLN C 96 49.39 -11.76 26.72
N THR C 97 49.91 -10.55 26.84
CA THR C 97 50.29 -9.98 28.14
C THR C 97 49.26 -9.22 28.92
N GLY C 98 48.22 -8.69 28.30
CA GLY C 98 47.30 -7.81 29.03
C GLY C 98 47.96 -6.48 29.28
N LEU C 99 48.89 -6.11 28.40
CA LEU C 99 49.68 -4.86 28.60
C LEU C 99 49.86 -4.12 27.27
N TYR C 100 50.00 -2.80 27.33
CA TYR C 100 50.30 -2.04 26.10
C TYR C 100 51.69 -2.42 25.59
N PRO C 101 52.03 -2.21 24.30
CA PRO C 101 53.32 -2.65 23.70
C PRO C 101 54.59 -2.09 24.34
N VAL C 102 54.55 -0.90 24.93
CA VAL C 102 55.74 -0.34 25.64
C VAL C 102 56.09 -1.27 26.81
N SER C 103 55.09 -1.76 27.50
CA SER C 103 55.35 -2.57 28.72
C SER C 103 55.48 -4.06 28.36
N THR C 104 55.50 -4.41 27.09
CA THR C 104 55.71 -5.82 26.70
C THR C 104 57.14 -5.96 26.22
N GLY C 105 57.82 -4.85 26.02
CA GLY C 105 59.18 -4.89 25.48
C GLY C 105 59.22 -4.86 23.97
N CYS C 106 58.09 -5.12 23.31
CA CYS C 106 58.14 -5.21 21.82
C CYS C 106 57.15 -4.23 21.15
N PRO C 107 57.30 -2.89 21.28
CA PRO C 107 56.44 -1.92 20.55
C PRO C 107 56.74 -1.90 19.05
N ILE C 108 57.91 -2.37 18.64
CA ILE C 108 58.24 -2.40 17.19
C ILE C 108 58.42 -3.85 16.72
N ASN C 109 58.07 -4.10 15.46
CA ASN C 109 58.21 -5.43 14.83
C ASN C 109 59.64 -5.97 14.94
N ASP C 110 59.80 -7.24 15.32
CA ASP C 110 61.13 -7.92 15.36
C ASP C 110 61.84 -7.65 16.69
N MET C 111 61.24 -6.89 17.58
CA MET C 111 61.83 -6.72 18.92
C MET C 111 61.26 -7.92 19.69
N PRO C 112 62.04 -8.56 20.57
CA PRO C 112 61.54 -9.71 21.37
C PRO C 112 60.60 -9.28 22.50
N MET C 113 59.58 -10.09 22.74
CA MET C 113 58.71 -9.82 23.91
C MET C 113 59.54 -10.13 25.15
N ASN C 114 59.40 -9.33 26.21
CA ASN C 114 60.12 -9.58 27.47
C ASN C 114 59.85 -11.01 27.92
N PRO C 115 60.86 -11.91 28.02
CA PRO C 115 60.63 -13.35 28.37
C PRO C 115 60.25 -13.49 29.84
N ASN C 116 60.39 -12.41 30.61
CA ASN C 116 60.09 -12.47 32.07
C ASN C 116 58.58 -12.25 32.29
N LEU C 117 57.87 -11.83 31.26
CA LEU C 117 56.43 -11.50 31.43
C LEU C 117 55.59 -12.78 31.45
N ILE C 118 54.48 -12.72 32.19
CA ILE C 118 53.54 -13.86 32.29
C ILE C 118 52.45 -13.67 31.22
N THR C 119 52.09 -14.74 30.54
CA THR C 119 51.04 -14.68 29.51
C THR C 119 49.80 -15.37 30.02
N TYR C 120 48.69 -15.21 29.30
CA TYR C 120 47.45 -15.93 29.66
C TYR C 120 47.71 -17.41 29.37
N ALA C 121 48.63 -17.71 28.47
CA ALA C 121 48.99 -19.11 28.16
C ALA C 121 49.68 -19.76 29.36
N GLU C 122 50.59 -19.03 30.00
CA GLU C 122 51.28 -19.55 31.21
C GLU C 122 50.25 -19.78 32.33
N MET C 123 49.25 -18.91 32.44
CA MET C 123 48.19 -19.10 33.45
C MET C 123 47.41 -20.38 33.13
N LEU C 124 47.16 -20.64 31.85
CA LEU C 124 46.43 -21.87 31.44
C LEU C 124 47.31 -23.10 31.67
N LYS C 125 48.58 -23.03 31.31
CA LYS C 125 49.53 -24.15 31.58
C LYS C 125 49.59 -24.42 33.08
N ARG C 126 49.59 -23.36 33.89
CA ARG C 126 49.62 -23.51 35.36
C ARG C 126 48.27 -24.04 35.88
N ASP C 127 47.19 -23.94 35.10
CA ASP C 127 45.86 -24.47 35.50
C ASP C 127 45.62 -25.85 34.87
N GLY C 128 46.67 -26.52 34.41
CA GLY C 128 46.53 -27.90 33.95
C GLY C 128 46.12 -28.03 32.52
N TYR C 129 46.42 -27.04 31.71
CA TYR C 129 45.93 -27.10 30.32
C TYR C 129 47.08 -27.46 29.43
N GLN C 130 46.83 -28.35 28.48
CA GLN C 130 47.86 -28.62 27.45
C GLN C 130 47.86 -27.41 26.54
N THR C 131 49.01 -26.79 26.32
CA THR C 131 49.06 -25.54 25.54
C THR C 131 49.83 -25.77 24.26
N SER C 132 49.31 -25.26 23.15
CA SER C 132 49.95 -25.47 21.83
C SER C 132 49.76 -24.26 20.93
N TYR C 133 50.78 -23.92 20.15
CA TYR C 133 50.65 -22.80 19.19
C TYR C 133 51.08 -23.27 17.82
N VAL C 134 50.18 -23.17 16.85
CA VAL C 134 50.55 -23.52 15.45
C VAL C 134 50.45 -22.24 14.61
N GLY C 135 51.57 -21.82 14.02
CA GLY C 135 51.56 -20.65 13.14
C GLY C 135 52.50 -19.53 13.52
N LYS C 136 52.31 -18.32 12.97
CA LYS C 136 53.24 -17.18 13.16
C LYS C 136 53.17 -16.56 14.56
N TRP C 137 54.32 -16.37 15.21
CA TRP C 137 54.41 -15.79 16.57
C TRP C 137 54.78 -14.32 16.49
N HIS C 138 55.97 -14.00 15.95
CA HIS C 138 56.48 -12.61 15.76
C HIS C 138 56.89 -11.95 17.08
N LEU C 139 57.08 -12.70 18.15
CA LEU C 139 57.47 -12.14 19.46
C LEU C 139 58.80 -12.71 19.98
N GLY C 140 59.51 -13.53 19.20
CA GLY C 140 60.71 -14.24 19.71
C GLY C 140 62.02 -13.55 19.44
N GLY C 141 62.05 -12.54 18.59
CA GLY C 141 63.27 -11.76 18.32
C GLY C 141 64.26 -12.52 17.47
N VAL C 142 63.83 -13.63 16.88
CA VAL C 142 64.78 -14.49 16.13
C VAL C 142 65.07 -13.91 14.74
N PRO C 143 66.25 -14.19 14.14
CA PRO C 143 66.63 -13.63 12.83
C PRO C 143 65.93 -14.34 11.68
N ASN C 144 65.79 -13.63 10.56
CA ASN C 144 65.16 -14.23 9.34
C ASN C 144 66.17 -15.16 8.66
N ILE C 145 65.83 -16.43 8.48
CA ILE C 145 66.78 -17.43 7.90
C ILE C 145 66.34 -17.85 6.48
N GLY C 146 65.39 -17.14 5.89
CA GLY C 146 64.87 -17.45 4.54
C GLY C 146 63.88 -18.57 4.56
N ARG C 147 63.65 -19.16 5.71
CA ARG C 147 62.72 -20.31 5.84
C ARG C 147 62.08 -20.21 7.22
N PRO C 148 60.97 -20.91 7.52
CA PRO C 148 60.30 -20.74 8.83
C PRO C 148 61.25 -21.10 9.97
N TYR C 149 61.32 -20.23 10.99
CA TYR C 149 62.13 -20.49 12.21
C TYR C 149 61.21 -21.04 13.28
N PHE C 150 61.16 -22.35 13.44
CA PHE C 150 60.22 -22.94 14.42
C PHE C 150 60.77 -22.85 15.85
N GLU C 151 59.90 -23.10 16.84
CA GLU C 151 60.27 -22.99 18.27
C GLU C 151 61.02 -21.68 18.53
N PRO C 152 60.45 -20.51 18.20
CA PRO C 152 61.17 -19.22 18.29
C PRO C 152 61.20 -18.61 19.69
N GLY C 153 62.38 -18.58 20.32
CA GLY C 153 62.52 -17.87 21.60
C GLY C 153 61.85 -18.51 22.80
N TYR C 154 61.51 -17.70 23.79
CA TYR C 154 60.87 -18.19 25.02
C TYR C 154 59.49 -18.80 24.71
N ASN C 155 59.13 -19.87 25.42
CA ASN C 155 57.86 -20.62 25.21
C ASN C 155 56.65 -19.77 25.56
N PHE C 156 56.76 -18.90 26.57
CA PHE C 156 55.65 -18.00 27.00
C PHE C 156 54.42 -18.82 27.38
N GLY C 157 54.62 -19.99 27.96
CA GLY C 157 53.49 -20.81 28.43
C GLY C 157 52.99 -21.82 27.42
N TYR C 158 53.56 -21.83 26.22
CA TYR C 158 53.11 -22.76 25.14
C TYR C 158 53.96 -24.04 25.19
N MET C 159 53.33 -25.14 25.58
CA MET C 159 54.04 -26.42 25.75
C MET C 159 54.41 -27.02 24.38
N ASP C 160 53.59 -26.86 23.34
CA ASP C 160 53.93 -27.40 21.99
C ASP C 160 54.13 -26.30 20.94
N ARG C 161 55.40 -26.02 20.60
CA ARG C 161 55.74 -24.98 19.61
C ARG C 161 56.44 -25.63 18.40
N THR C 162 56.17 -26.90 18.15
CA THR C 162 56.80 -27.62 17.02
C THR C 162 56.45 -26.92 15.74
N TYR C 163 55.20 -26.49 15.60
CA TYR C 163 54.75 -25.82 14.36
C TYR C 163 54.52 -24.33 14.62
N MET C 164 55.18 -23.79 15.64
CA MET C 164 55.13 -22.32 15.86
C MET C 164 56.35 -21.75 15.17
N PHE C 165 56.16 -20.79 14.26
CA PHE C 165 57.29 -20.10 13.57
C PHE C 165 57.18 -18.59 13.82
N ASN C 166 58.28 -17.86 13.83
CA ASN C 166 58.24 -16.42 14.22
C ASN C 166 57.65 -15.51 13.15
N ASP C 167 58.18 -15.55 11.94
CA ASP C 167 57.74 -14.59 10.91
C ASP C 167 57.76 -15.26 9.53
N GLY C 168 57.29 -14.58 8.49
CA GLY C 168 57.22 -15.26 7.19
C GLY C 168 55.83 -15.32 6.60
N HIS C 169 55.69 -14.85 5.37
CA HIS C 169 54.37 -14.83 4.69
C HIS C 169 54.44 -15.68 3.42
N TRP C 170 55.32 -16.67 3.40
CA TRP C 170 55.39 -17.61 2.26
C TRP C 170 54.07 -18.38 2.15
N LYS C 171 53.64 -18.69 0.94
CA LYS C 171 52.32 -19.33 0.75
C LYS C 171 52.42 -20.86 0.63
N TYR C 172 53.60 -21.38 0.28
CA TYR C 172 53.78 -22.85 0.18
C TYR C 172 54.98 -23.29 0.99
N PHE C 173 54.87 -24.49 1.55
CA PHE C 173 55.95 -25.07 2.37
C PHE C 173 56.31 -26.44 1.83
N GLU C 174 57.57 -26.84 1.98
CA GLU C 174 57.99 -28.21 1.59
C GLU C 174 58.58 -28.92 2.82
N ILE C 175 58.03 -30.07 3.18
CA ILE C 175 58.51 -30.81 4.39
C ILE C 175 59.72 -31.69 4.00
N VAL C 176 60.92 -31.29 4.41
CA VAL C 176 62.18 -32.04 4.07
C VAL C 176 62.41 -33.12 5.13
N LYS C 177 62.26 -32.80 6.41
CA LYS C 177 62.33 -33.86 7.46
C LYS C 177 61.05 -33.76 8.30
N GLN C 178 60.56 -34.87 8.84
CA GLN C 178 59.19 -34.96 9.43
C GLN C 178 58.80 -33.88 10.44
N PRO C 179 59.57 -33.48 11.46
CA PRO C 179 59.05 -32.48 12.42
C PRO C 179 58.80 -31.16 11.71
N ASN C 180 59.81 -30.30 11.69
CA ASN C 180 59.56 -28.95 11.15
C ASN C 180 60.70 -28.55 10.22
N LYS C 181 61.38 -29.49 9.59
CA LYS C 181 62.46 -29.10 8.64
C LYS C 181 61.76 -28.75 7.34
N ILE C 182 61.49 -27.46 7.13
CA ILE C 182 60.65 -27.05 5.98
C ILE C 182 61.32 -26.01 5.09
N ARG C 183 61.15 -26.15 3.78
CA ARG C 183 61.63 -25.11 2.86
C ARG C 183 60.40 -24.27 2.49
N SER C 184 60.59 -22.97 2.29
CA SER C 184 59.44 -22.08 2.11
C SER C 184 59.47 -21.42 0.73
N TYR C 185 58.29 -21.25 0.13
CA TYR C 185 58.20 -20.63 -1.20
C TYR C 185 57.11 -19.55 -1.20
N TRP C 186 57.46 -18.38 -1.72
CA TRP C 186 56.51 -17.24 -1.77
C TRP C 186 55.39 -17.52 -2.77
N SER C 187 55.74 -17.88 -4.00
CA SER C 187 54.71 -18.25 -5.00
C SER C 187 54.90 -19.71 -5.38
N GLY C 188 55.89 -19.98 -6.21
CA GLY C 188 56.18 -21.37 -6.60
C GLY C 188 55.16 -21.85 -7.62
N PRO C 189 55.51 -22.76 -8.54
CA PRO C 189 54.52 -23.36 -9.45
C PRO C 189 53.72 -24.37 -8.65
N VAL C 190 54.29 -24.90 -7.56
CA VAL C 190 53.66 -25.95 -6.71
C VAL C 190 54.27 -27.30 -7.13
N LYS C 191 55.10 -27.87 -6.27
CA LYS C 191 55.82 -29.10 -6.67
C LYS C 191 55.32 -30.27 -5.82
N PRO C 192 55.71 -31.52 -6.14
CA PRO C 192 55.17 -32.73 -5.47
C PRO C 192 54.97 -32.62 -3.96
N GLY C 193 55.88 -31.98 -3.22
CA GLY C 193 55.72 -32.01 -1.75
C GLY C 193 55.22 -30.70 -1.18
N PHE C 194 54.90 -29.75 -2.02
CA PHE C 194 54.49 -28.40 -1.57
C PHE C 194 53.12 -28.43 -0.92
N ILE C 195 53.01 -27.87 0.28
CA ILE C 195 51.67 -27.75 0.94
C ILE C 195 51.36 -26.25 1.15
N HIS C 196 50.10 -25.85 0.90
CA HIS C 196 49.68 -24.45 1.16
C HIS C 196 49.74 -24.22 2.66
N VAL C 197 50.33 -23.11 3.08
CA VAL C 197 50.55 -22.86 4.54
C VAL C 197 49.24 -22.92 5.32
N THR C 198 48.17 -22.34 4.81
CA THR C 198 46.93 -22.33 5.59
C THR C 198 46.51 -23.77 5.87
N GLU C 199 46.52 -24.63 4.85
CA GLU C 199 46.11 -26.05 5.03
C GLU C 199 47.10 -26.78 5.95
N TYR C 200 48.40 -26.57 5.74
CA TYR C 200 49.44 -27.22 6.58
C TYR C 200 49.21 -26.91 8.03
N LEU C 201 49.15 -25.62 8.37
CA LEU C 201 48.98 -25.21 9.78
C LEU C 201 47.68 -25.75 10.37
N THR C 202 46.59 -25.65 9.61
CA THR C 202 45.28 -26.13 10.07
C THR C 202 45.35 -27.64 10.26
N ASP C 203 45.96 -28.36 9.33
CA ASP C 203 46.14 -29.84 9.45
C ASP C 203 46.94 -30.17 10.71
N ARG C 204 47.99 -29.42 10.99
CA ARG C 204 48.82 -29.67 12.19
C ARG C 204 48.00 -29.40 13.46
N CYS C 205 47.19 -28.35 13.43
CA CYS C 205 46.37 -27.98 14.60
C CYS C 205 45.39 -29.13 14.84
N LEU C 206 44.85 -29.66 13.76
CA LEU C 206 43.88 -30.77 13.87
C LEU C 206 44.58 -32.00 14.48
N GLU C 207 45.80 -32.29 14.04
CA GLU C 207 46.55 -33.41 14.62
C GLU C 207 46.77 -33.17 16.14
N LEU C 208 47.16 -31.97 16.53
CA LEU C 208 47.45 -31.72 17.96
C LEU C 208 46.13 -31.75 18.75
N LEU C 209 45.04 -31.37 18.11
CA LEU C 209 43.71 -31.34 18.79
C LEU C 209 43.23 -32.77 18.99
N GLU C 210 43.44 -33.63 18.01
CA GLU C 210 43.10 -35.06 18.15
C GLU C 210 43.81 -35.62 19.39
N ARG C 211 45.09 -35.29 19.57
CA ARG C 211 45.88 -35.86 20.68
C ARG C 211 45.38 -35.38 22.05
N ASP C 212 44.86 -34.16 22.16
CA ASP C 212 44.52 -33.62 23.50
C ASP C 212 43.02 -33.35 23.66
N LYS C 213 42.18 -34.00 22.86
CA LYS C 213 40.71 -33.74 22.90
C LYS C 213 40.12 -34.10 24.25
N ASN C 214 40.66 -35.09 24.95
CA ASN C 214 40.05 -35.55 26.22
C ASN C 214 40.78 -34.94 27.41
N LYS C 215 41.66 -33.97 27.16
CA LYS C 215 42.30 -33.27 28.29
C LYS C 215 41.98 -31.79 28.16
N PRO C 216 41.95 -31.01 29.26
CA PRO C 216 41.79 -29.53 29.18
C PRO C 216 42.84 -29.00 28.20
N PHE C 217 42.42 -28.26 27.17
CA PHE C 217 43.40 -27.86 26.14
C PHE C 217 43.28 -26.40 25.70
N TYR C 218 44.41 -25.78 25.39
CA TYR C 218 44.41 -24.40 24.82
C TYR C 218 45.27 -24.45 23.58
N MET C 219 44.64 -24.18 22.44
CA MET C 219 45.36 -24.16 21.16
C MET C 219 45.22 -22.80 20.50
N MET C 220 46.32 -22.24 20.02
CA MET C 220 46.21 -21.00 19.22
C MET C 220 46.67 -21.29 17.79
N LEU C 221 45.81 -21.07 16.81
CA LEU C 221 46.21 -21.20 15.40
C LEU C 221 46.36 -19.79 14.83
N SER C 222 47.59 -19.38 14.54
CA SER C 222 47.85 -18.06 13.91
C SER C 222 48.16 -18.26 12.42
N ILE C 223 47.23 -17.87 11.56
CA ILE C 223 47.39 -18.03 10.09
C ILE C 223 47.92 -16.72 9.48
N PRO C 224 49.01 -16.71 8.70
CA PRO C 224 49.52 -15.46 8.10
C PRO C 224 48.94 -15.12 6.75
N ASP C 225 48.06 -15.95 6.19
CA ASP C 225 47.60 -15.83 4.78
C ASP C 225 47.08 -14.47 4.32
N PRO C 226 46.08 -13.78 4.93
CA PRO C 226 45.56 -12.52 4.31
C PRO C 226 46.69 -11.51 4.10
N HIS C 227 47.79 -11.66 4.82
CA HIS C 227 48.86 -10.64 4.78
C HIS C 227 49.86 -10.79 3.66
N SER C 228 50.57 -9.71 3.32
CA SER C 228 51.82 -9.80 2.53
C SER C 228 51.63 -9.80 1.02
N PRO C 229 52.54 -10.41 0.23
CA PRO C 229 52.23 -10.66 -1.17
C PRO C 229 50.82 -11.22 -1.20
N ASP C 230 49.98 -10.59 -2.00
CA ASP C 230 48.60 -11.12 -2.18
C ASP C 230 48.69 -12.22 -3.22
N ILE C 231 49.09 -13.40 -2.79
CA ILE C 231 49.15 -14.57 -3.72
C ILE C 231 48.26 -15.63 -3.05
N ALA C 232 47.26 -16.11 -3.78
CA ALA C 232 46.36 -17.13 -3.23
C ALA C 232 46.60 -18.47 -3.91
N SER C 233 46.06 -19.54 -3.33
CA SER C 233 46.10 -20.87 -3.98
C SER C 233 45.24 -20.80 -5.24
N GLU C 234 45.56 -21.58 -6.26
CA GLU C 234 44.82 -21.52 -7.54
C GLU C 234 43.36 -21.92 -7.32
N GLU C 235 43.14 -22.93 -6.49
CA GLU C 235 41.77 -23.37 -6.18
C GLU C 235 40.95 -22.12 -5.87
N TYR C 236 41.41 -21.28 -4.95
CA TYR C 236 40.61 -20.10 -4.50
C TYR C 236 40.67 -18.93 -5.51
N LEU C 237 41.81 -18.68 -6.14
CA LEU C 237 41.95 -17.50 -7.05
C LEU C 237 41.02 -17.64 -8.26
N GLN C 238 40.89 -18.85 -8.80
CA GLN C 238 39.99 -19.13 -9.95
C GLN C 238 38.60 -18.59 -9.62
N LYS C 239 38.24 -18.58 -8.34
CA LYS C 239 36.89 -18.11 -7.91
C LYS C 239 36.80 -16.58 -7.86
N TYR C 240 37.89 -15.84 -8.07
CA TYR C 240 37.75 -14.37 -7.92
C TYR C 240 38.52 -13.56 -8.94
N ILE C 241 39.45 -14.16 -9.66
CA ILE C 241 40.32 -13.38 -10.58
C ILE C 241 39.52 -12.55 -11.61
N ASN C 242 38.53 -13.12 -12.29
CA ASN C 242 37.85 -12.42 -13.41
C ASN C 242 36.56 -11.72 -12.95
N LEU C 243 36.20 -11.79 -11.67
CA LEU C 243 35.02 -11.03 -11.19
C LEU C 243 35.32 -9.53 -11.18
N ASP C 244 34.31 -8.71 -11.43
CA ASP C 244 34.50 -7.24 -11.36
C ASP C 244 34.40 -6.77 -9.91
N TYR C 245 35.18 -5.75 -9.59
CA TYR C 245 35.17 -5.20 -8.21
C TYR C 245 35.08 -3.71 -8.34
N GLU C 246 34.70 -3.06 -7.25
CA GLU C 246 34.53 -1.59 -7.28
C GLU C 246 35.57 -0.93 -6.36
N ALA C 247 36.08 0.21 -6.80
CA ALA C 247 37.04 0.96 -5.98
C ALA C 247 36.31 1.49 -4.75
N PRO C 248 36.89 1.35 -3.53
CA PRO C 248 36.30 1.98 -2.34
C PRO C 248 35.96 3.43 -2.63
N GLU C 249 34.82 3.87 -2.13
CA GLU C 249 34.34 5.25 -2.31
C GLU C 249 35.14 6.23 -1.46
N THR C 250 35.92 5.73 -0.50
CA THR C 250 36.78 6.60 0.33
C THR C 250 38.09 6.89 -0.39
N MET C 251 38.33 6.24 -1.53
CA MET C 251 39.62 6.42 -2.25
C MET C 251 39.73 7.88 -2.68
N VAL C 252 40.96 8.37 -2.83
CA VAL C 252 41.11 9.82 -3.11
C VAL C 252 41.85 10.08 -4.42
N THR C 253 41.64 11.28 -4.96
CA THR C 253 42.38 11.77 -6.14
C THR C 253 43.07 13.00 -5.61
N ASN C 254 44.08 13.51 -6.31
CA ASN C 254 44.89 14.63 -5.74
C ASN C 254 44.00 15.82 -5.38
N ASP C 255 43.04 16.20 -6.20
CA ASP C 255 42.23 17.41 -5.88
C ASP C 255 41.06 17.00 -4.98
N THR C 256 40.94 15.71 -4.67
CA THR C 256 39.88 15.31 -3.71
C THR C 256 40.52 14.85 -2.40
N ASP C 257 41.85 14.78 -2.36
CA ASP C 257 42.55 14.30 -1.13
C ASP C 257 42.31 15.29 0.03
N GLN C 258 41.40 14.96 0.93
CA GLN C 258 41.15 15.79 2.12
C GLN C 258 41.53 14.94 3.34
N ARG C 259 42.43 13.97 3.14
CA ARG C 259 42.76 13.05 4.26
C ARG C 259 43.69 13.73 5.25
N PRO C 260 43.62 13.39 6.56
CA PRO C 260 44.63 13.87 7.53
C PRO C 260 46.01 13.46 7.03
N ARG C 261 47.03 14.25 7.36
CA ARG C 261 48.40 14.01 6.83
C ARG C 261 49.05 12.75 7.40
N TRP C 262 48.54 12.21 8.51
CA TRP C 262 49.07 10.92 9.02
C TRP C 262 48.66 9.78 8.09
N ALA C 263 47.70 10.00 7.21
CA ALA C 263 47.28 8.97 6.24
C ALA C 263 47.84 9.32 4.86
N ARG C 264 48.30 10.55 4.68
CA ARG C 264 48.86 11.01 3.38
C ARG C 264 50.39 10.85 3.40
N ASN C 269 50.85 4.74 -0.86
CA ASN C 269 49.56 5.42 -1.18
C ASN C 269 49.02 4.90 -2.50
N VAL C 270 47.72 4.63 -2.57
CA VAL C 270 47.09 4.15 -3.83
C VAL C 270 45.89 5.02 -4.20
N ASN C 271 46.02 5.87 -5.19
CA ASN C 271 44.83 6.66 -5.64
C ASN C 271 43.91 5.76 -6.45
N LYS C 272 42.74 6.28 -6.80
CA LYS C 272 41.73 5.47 -7.53
C LYS C 272 42.36 4.86 -8.78
N ASP C 273 43.30 5.57 -9.38
CA ASP C 273 43.96 5.09 -10.63
C ASP C 273 44.66 3.77 -10.36
N LYS C 274 45.25 3.61 -9.18
CA LYS C 274 46.06 2.38 -8.93
C LYS C 274 45.25 1.32 -8.18
N PHE C 275 43.92 1.41 -8.13
CA PHE C 275 43.13 0.33 -7.49
C PHE C 275 43.44 -0.98 -8.21
N ASP C 276 43.89 -2.01 -7.49
CA ASP C 276 44.31 -3.29 -8.16
C ASP C 276 43.32 -4.42 -7.84
N LYS C 277 42.54 -4.84 -8.82
CA LYS C 277 41.50 -5.88 -8.59
C LYS C 277 42.13 -7.27 -8.50
N LYS C 278 43.23 -7.50 -9.19
CA LYS C 278 43.91 -8.82 -9.12
C LYS C 278 44.40 -9.02 -7.68
N ALA C 279 44.90 -7.95 -7.08
CA ALA C 279 45.36 -8.03 -5.68
C ALA C 279 44.16 -8.30 -4.77
N LEU C 280 43.06 -7.59 -5.02
CA LEU C 280 41.83 -7.78 -4.22
C LEU C 280 41.35 -9.22 -4.35
N ALA C 281 41.33 -9.74 -5.57
CA ALA C 281 40.88 -11.13 -5.82
C ALA C 281 41.75 -12.10 -5.02
N ASN C 282 43.06 -11.90 -5.05
CA ASN C 282 43.98 -12.79 -4.28
C ASN C 282 43.71 -12.67 -2.77
N TYR C 283 43.46 -11.46 -2.27
CA TYR C 283 43.14 -11.26 -0.84
C TYR C 283 41.87 -12.00 -0.49
N PHE C 284 40.85 -11.88 -1.33
CA PHE C 284 39.54 -12.52 -1.05
C PHE C 284 39.72 -14.03 -1.07
N ALA C 285 40.54 -14.53 -1.99
CA ALA C 285 40.74 -15.98 -2.13
C ALA C 285 41.48 -16.51 -0.91
N MET C 286 42.44 -15.73 -0.41
CA MET C 286 43.14 -16.15 0.82
C MET C 286 42.13 -16.24 1.98
N VAL C 287 41.18 -15.31 2.04
CA VAL C 287 40.17 -15.29 3.14
C VAL C 287 39.23 -16.49 3.00
N GLU C 288 38.87 -16.87 1.78
CA GLU C 288 37.99 -18.05 1.58
C GLU C 288 38.74 -19.32 2.02
N CYS C 289 40.03 -19.40 1.70
CA CYS C 289 40.85 -20.56 2.14
C CYS C 289 40.83 -20.60 3.67
N VAL C 290 41.04 -19.46 4.31
CA VAL C 290 40.98 -19.38 5.80
C VAL C 290 39.62 -19.89 6.30
N ASP C 291 38.52 -19.38 5.75
CA ASP C 291 37.18 -19.74 6.29
C ASP C 291 36.91 -21.23 6.09
N ASP C 292 37.29 -21.76 4.93
CA ASP C 292 37.13 -23.22 4.72
C ASP C 292 37.92 -23.96 5.79
N ASN C 293 39.15 -23.51 6.04
CA ASN C 293 40.03 -24.20 7.04
C ASN C 293 39.45 -24.02 8.45
N VAL C 294 38.87 -22.85 8.73
CA VAL C 294 38.20 -22.65 10.06
C VAL C 294 37.04 -23.66 10.17
N GLY C 295 36.34 -23.92 9.08
CA GLY C 295 35.24 -24.91 9.09
C GLY C 295 35.68 -26.30 9.45
N ARG C 296 36.83 -26.75 8.94
CA ARG C 296 37.35 -28.08 9.32
C ARG C 296 37.62 -28.13 10.83
N ILE C 297 38.10 -27.04 11.43
CA ILE C 297 38.31 -27.01 12.91
C ILE C 297 36.94 -27.14 13.60
N LEU C 298 35.94 -26.41 13.12
CA LEU C 298 34.59 -26.46 13.70
C LEU C 298 33.97 -27.83 13.43
N ASP C 299 34.29 -28.42 12.28
CA ASP C 299 33.78 -29.79 11.98
C ASP C 299 34.33 -30.76 13.03
N PHE C 300 35.62 -30.68 13.32
CA PHE C 300 36.27 -31.58 14.31
C PHE C 300 35.60 -31.45 15.65
N LEU C 301 35.38 -30.22 16.11
CA LEU C 301 34.79 -30.01 17.45
C LEU C 301 33.41 -30.66 17.51
N ASP C 302 32.57 -30.38 16.51
CA ASP C 302 31.21 -30.94 16.47
C ASP C 302 31.30 -32.46 16.39
N LYS C 303 32.21 -32.97 15.58
CA LYS C 303 32.35 -34.44 15.43
C LYS C 303 32.87 -35.06 16.72
N ASN C 304 33.72 -34.34 17.44
CA ASN C 304 34.35 -34.93 18.64
C ASN C 304 33.65 -34.37 19.87
N ASN C 305 32.46 -33.79 19.68
CA ASN C 305 31.63 -33.30 20.81
C ASN C 305 32.38 -32.31 21.70
N LEU C 306 33.16 -31.41 21.10
CA LEU C 306 33.89 -30.41 21.91
C LEU C 306 33.27 -29.01 21.77
N THR C 307 32.25 -28.81 20.93
CA THR C 307 31.66 -27.48 20.70
C THR C 307 31.18 -26.83 21.99
N ASP C 308 30.44 -27.53 22.84
CA ASP C 308 29.81 -26.87 24.03
C ASP C 308 30.81 -26.34 25.07
N ASN C 309 31.82 -27.13 25.45
CA ASN C 309 32.76 -26.70 26.53
C ASN C 309 34.07 -26.21 25.93
N THR C 310 34.05 -25.84 24.66
CA THR C 310 35.28 -25.28 24.04
C THR C 310 35.03 -23.87 23.62
N ILE C 311 35.76 -22.92 24.21
CA ILE C 311 35.66 -21.52 23.74
C ILE C 311 36.40 -21.43 22.39
N VAL C 312 35.75 -20.87 21.39
CA VAL C 312 36.42 -20.65 20.07
C VAL C 312 36.45 -19.13 19.81
N VAL C 313 37.64 -18.59 19.57
CA VAL C 313 37.79 -17.14 19.30
C VAL C 313 38.35 -16.95 17.88
N PHE C 314 37.71 -16.10 17.08
CA PHE C 314 38.27 -15.72 15.76
C PHE C 314 38.68 -14.25 15.88
N THR C 315 39.95 -13.95 15.60
CA THR C 315 40.46 -12.58 15.71
C THR C 315 41.61 -12.37 14.76
N ALA C 316 42.21 -11.19 14.79
CA ALA C 316 43.39 -10.91 13.94
C ALA C 316 44.32 -9.94 14.67
N ASP C 317 45.58 -9.89 14.29
CA ASP C 317 46.54 -8.96 14.92
C ASP C 317 46.13 -7.54 14.57
N HIS C 318 45.82 -7.35 13.29
CA HIS C 318 45.39 -6.03 12.80
C HIS C 318 44.60 -6.20 11.52
N GLY C 319 43.98 -5.13 11.06
CA GLY C 319 43.22 -5.21 9.82
C GLY C 319 43.98 -4.71 8.62
N ASP C 320 43.26 -4.49 7.53
CA ASP C 320 43.89 -4.01 6.29
C ASP C 320 43.03 -2.88 5.72
N MET C 321 43.66 -1.81 5.27
CA MET C 321 42.94 -0.70 4.58
C MET C 321 42.34 -1.24 3.28
N LEU C 322 43.05 -2.12 2.58
CA LEU C 322 42.56 -2.76 1.32
C LEU C 322 41.96 -1.72 0.37
N TYR C 323 42.73 -0.67 0.05
CA TYR C 323 42.34 0.38 -0.94
C TYR C 323 41.42 1.43 -0.31
N GLU C 324 40.86 1.17 0.86
CA GLU C 324 40.03 2.20 1.54
C GLU C 324 40.90 3.38 1.98
N HIS C 325 40.35 4.59 1.90
CA HIS C 325 41.12 5.83 2.22
C HIS C 325 42.37 5.87 1.36
N SER C 326 42.31 5.21 0.20
CA SER C 326 43.45 5.20 -0.75
C SER C 326 44.71 4.72 -0.03
N ARG C 327 44.57 3.72 0.85
CA ARG C 327 45.70 3.14 1.60
C ARG C 327 45.61 1.61 1.53
N VAL C 328 46.72 0.89 1.59
CA VAL C 328 46.63 -0.58 1.44
C VAL C 328 47.08 -1.32 2.71
N ASN C 329 48.37 -1.32 3.05
CA ASN C 329 48.86 -2.17 4.17
C ASN C 329 49.42 -1.29 5.28
N LYS C 330 48.76 -0.18 5.56
CA LYS C 330 49.32 0.78 6.52
C LYS C 330 48.61 0.70 7.88
N GLY C 331 49.38 0.64 8.96
CA GLY C 331 48.83 0.70 10.32
C GLY C 331 48.31 2.08 10.60
N LEU C 332 47.01 2.24 10.63
CA LEU C 332 46.39 3.57 10.78
C LEU C 332 45.26 3.57 11.81
N PRO C 333 44.86 4.72 12.40
CA PRO C 333 43.69 4.77 13.34
C PRO C 333 42.35 4.59 12.63
N TYR C 334 42.33 4.57 11.30
CA TYR C 334 41.09 4.30 10.54
C TYR C 334 40.58 2.90 10.88
N GLU C 335 39.25 2.73 10.87
CA GLU C 335 38.60 1.46 11.27
C GLU C 335 39.10 0.21 10.52
N SER C 336 39.28 0.29 9.21
CA SER C 336 39.69 -0.94 8.49
C SER C 336 41.05 -1.45 9.03
N SER C 337 42.03 -0.58 9.27
CA SER C 337 43.32 -0.98 9.89
C SER C 337 43.19 -1.18 11.42
N ALA C 338 42.59 -0.24 12.14
CA ALA C 338 42.60 -0.27 13.62
C ALA C 338 41.70 -1.36 14.19
N ARG C 339 40.56 -1.57 13.57
CA ARG C 339 39.60 -2.56 14.12
C ARG C 339 40.04 -3.96 13.72
N ILE C 340 39.86 -4.91 14.62
CA ILE C 340 40.22 -6.32 14.36
C ILE C 340 38.95 -7.14 14.55
N PRO C 341 38.71 -8.24 13.79
CA PRO C 341 37.56 -9.09 14.04
C PRO C 341 37.64 -9.77 15.40
N PHE C 342 36.55 -9.80 16.15
CA PHE C 342 36.52 -10.48 17.47
C PHE C 342 35.22 -11.25 17.58
N VAL C 343 35.28 -12.53 17.21
CA VAL C 343 34.08 -13.40 17.24
C VAL C 343 34.31 -14.54 18.25
N ILE C 344 33.40 -14.72 19.19
CA ILE C 344 33.64 -15.72 20.28
C ILE C 344 32.43 -16.62 20.50
N ARG C 345 32.64 -17.94 20.51
CA ARG C 345 31.55 -18.91 20.75
C ARG C 345 31.86 -19.77 21.98
N TYR C 346 31.10 -19.59 23.05
CA TYR C 346 31.21 -20.44 24.27
C TYR C 346 29.77 -20.78 24.55
N PRO C 347 29.21 -21.89 23.98
CA PRO C 347 27.75 -22.20 24.10
C PRO C 347 27.27 -22.29 25.55
N GLU C 348 28.11 -22.78 26.43
CA GLU C 348 27.65 -22.95 27.83
C GLU C 348 27.34 -21.56 28.43
N LYS C 349 28.22 -20.59 28.32
CA LYS C 349 28.00 -19.31 29.04
C LYS C 349 27.67 -18.14 28.11
N ILE C 350 27.76 -18.31 26.79
CA ILE C 350 27.54 -17.15 25.88
C ILE C 350 26.27 -17.36 25.04
N ILE C 351 25.28 -16.51 25.22
CA ILE C 351 24.01 -16.57 24.44
C ILE C 351 24.31 -16.29 22.97
N PRO C 352 23.72 -17.02 22.00
CA PRO C 352 23.97 -16.79 20.57
C PRO C 352 23.35 -15.50 20.07
N GLY C 353 24.01 -14.84 19.12
CA GLY C 353 23.47 -13.61 18.53
C GLY C 353 23.87 -12.39 19.33
N LYS C 354 24.65 -12.62 20.38
CA LYS C 354 25.06 -11.51 21.26
C LYS C 354 25.94 -10.53 20.48
N ILE C 355 25.69 -9.25 20.65
CA ILE C 355 26.51 -8.18 20.01
C ILE C 355 27.06 -7.35 21.18
N VAL C 356 28.38 -7.29 21.30
CA VAL C 356 29.04 -6.49 22.37
C VAL C 356 29.60 -5.20 21.74
N ASN C 357 29.13 -4.05 22.20
CA ASN C 357 29.50 -2.77 21.56
C ASN C 357 30.47 -2.00 22.45
N THR C 358 30.83 -2.56 23.59
CA THR C 358 31.84 -1.90 24.43
C THR C 358 33.17 -1.90 23.70
N VAL C 359 33.88 -0.77 23.75
CA VAL C 359 35.22 -0.64 23.11
C VAL C 359 36.24 -1.49 23.85
N TYR C 360 37.10 -2.15 23.09
CA TYR C 360 38.11 -3.05 23.67
C TYR C 360 39.38 -2.96 22.86
N THR C 361 40.51 -3.31 23.48
CA THR C 361 41.77 -3.43 22.75
C THR C 361 42.29 -4.82 23.01
N CYS C 362 43.42 -5.19 22.42
CA CYS C 362 44.07 -6.50 22.64
C CYS C 362 44.56 -6.62 24.09
N VAL C 363 44.72 -5.52 24.82
CA VAL C 363 45.16 -5.53 26.24
C VAL C 363 44.06 -6.17 27.08
N ASP C 364 42.83 -6.14 26.59
CA ASP C 364 41.69 -6.66 27.36
C ASP C 364 41.52 -8.18 27.22
N PHE C 365 42.16 -8.81 26.25
CA PHE C 365 41.91 -10.26 25.98
C PHE C 365 42.27 -11.13 27.15
N ALA C 366 43.53 -11.11 27.58
CA ALA C 366 43.99 -11.98 28.68
C ALA C 366 43.07 -11.87 29.90
N PRO C 367 42.82 -10.67 30.48
CA PRO C 367 41.97 -10.60 31.68
C PRO C 367 40.59 -11.15 31.39
N THR C 368 40.01 -10.79 30.25
CA THR C 368 38.65 -11.24 29.90
C THR C 368 38.65 -12.74 29.66
N ILE C 369 39.64 -13.28 28.95
CA ILE C 369 39.61 -14.73 28.60
C ILE C 369 39.79 -15.56 29.88
N LEU C 370 40.69 -15.13 30.77
CA LEU C 370 40.93 -15.89 32.02
C LEU C 370 39.68 -15.81 32.89
N GLY C 371 39.05 -14.64 32.96
CA GLY C 371 37.81 -14.48 33.73
C GLY C 371 36.69 -15.37 33.22
N LEU C 372 36.49 -15.43 31.91
CA LEU C 372 35.47 -16.32 31.32
C LEU C 372 35.83 -17.77 31.65
N MET C 373 37.12 -18.09 31.68
CA MET C 373 37.53 -19.50 31.86
C MET C 373 37.59 -19.91 33.35
N GLY C 374 37.50 -18.95 34.27
CA GLY C 374 37.62 -19.23 35.70
C GLY C 374 39.07 -19.27 36.14
N VAL C 375 39.99 -19.06 35.21
CA VAL C 375 41.45 -19.16 35.51
C VAL C 375 41.96 -17.91 36.23
N LYS C 376 43.03 -18.03 36.99
CA LYS C 376 43.58 -16.90 37.76
C LYS C 376 44.13 -15.83 36.82
N GLN C 377 43.88 -14.58 37.18
CA GLN C 377 44.34 -13.43 36.37
C GLN C 377 45.88 -13.40 36.36
N ILE C 378 46.44 -12.87 35.27
CA ILE C 378 47.91 -12.71 35.19
C ILE C 378 48.28 -11.90 36.43
N PRO C 379 49.23 -12.37 37.28
CA PRO C 379 49.55 -11.64 38.51
C PRO C 379 50.08 -10.26 38.17
N GLY C 380 49.81 -9.30 39.02
CA GLY C 380 50.41 -7.97 38.84
C GLY C 380 49.64 -7.03 37.94
N LEU C 381 50.36 -6.17 37.22
CA LEU C 381 49.71 -5.12 36.41
C LEU C 381 49.00 -5.66 35.18
N GLN C 382 47.71 -5.37 35.09
CA GLN C 382 46.94 -5.70 33.89
C GLN C 382 46.39 -4.33 33.47
N GLU C 383 46.76 -3.85 32.30
CA GLU C 383 46.36 -2.48 31.87
C GLU C 383 45.01 -2.53 31.18
N GLY C 384 44.32 -3.67 31.24
CA GLY C 384 42.98 -3.75 30.66
C GLY C 384 41.97 -4.24 31.66
N ILE C 385 40.76 -4.55 31.20
CA ILE C 385 39.68 -4.98 32.11
C ILE C 385 39.23 -6.40 31.79
N ASN C 386 38.70 -7.10 32.80
CA ASN C 386 38.07 -8.42 32.58
C ASN C 386 36.60 -8.11 32.36
N ASP C 387 36.14 -8.20 31.11
CA ASP C 387 34.71 -7.93 30.81
C ASP C 387 34.03 -9.22 30.38
N ALA C 388 34.29 -10.31 31.10
CA ALA C 388 33.65 -11.61 30.81
C ALA C 388 32.14 -11.51 31.05
N GLN C 389 31.73 -10.62 31.96
CA GLN C 389 30.29 -10.38 32.23
C GLN C 389 29.55 -10.04 30.94
N ALA C 390 30.16 -9.23 30.09
CA ALA C 390 29.52 -8.80 28.82
C ALA C 390 29.13 -10.01 27.98
N PHE C 391 29.93 -11.06 28.05
CA PHE C 391 29.63 -12.30 27.29
C PHE C 391 28.72 -13.22 28.10
N THR C 392 28.87 -13.27 29.42
CA THR C 392 28.12 -14.24 30.25
C THR C 392 26.70 -13.75 30.57
N ASN C 393 26.44 -12.46 30.44
CA ASN C 393 25.11 -11.89 30.80
C ASN C 393 24.05 -12.29 29.76
N LYS C 394 22.79 -11.97 30.02
CA LYS C 394 21.68 -12.39 29.13
C LYS C 394 21.31 -11.27 28.15
N GLU C 395 21.98 -10.13 28.24
CA GLU C 395 21.72 -8.99 27.33
C GLU C 395 22.14 -9.33 25.90
N LYS C 396 21.24 -9.17 24.94
CA LYS C 396 21.55 -9.49 23.52
C LYS C 396 22.49 -8.42 22.96
N ASN C 397 22.36 -7.20 23.46
CA ASN C 397 23.17 -6.05 22.98
C ASN C 397 23.82 -5.45 24.22
N VAL C 398 25.14 -5.40 24.25
CA VAL C 398 25.85 -4.94 25.47
C VAL C 398 26.72 -3.72 25.16
N LYS C 399 26.46 -2.62 25.86
CA LYS C 399 27.33 -1.44 25.70
C LYS C 399 27.60 -0.84 27.09
N GLN C 400 28.86 -0.71 27.47
CA GLN C 400 29.25 -0.02 28.72
C GLN C 400 29.99 1.23 28.26
N ASP C 401 29.79 2.36 28.93
CA ASP C 401 30.50 3.62 28.62
C ASP C 401 31.99 3.48 28.95
N ARG C 402 32.85 3.52 27.93
CA ARG C 402 34.31 3.36 28.13
C ARG C 402 35.08 3.99 26.97
N ILE C 403 36.31 4.43 27.24
CA ILE C 403 37.20 4.95 26.17
C ILE C 403 38.48 4.08 26.21
N VAL C 404 38.99 3.73 25.05
CA VAL C 404 40.23 2.90 24.94
C VAL C 404 41.18 3.68 24.00
N TYR C 405 42.47 3.39 24.08
CA TYR C 405 43.47 4.12 23.26
C TYR C 405 44.32 3.16 22.44
N THR C 406 44.74 3.63 21.27
CA THR C 406 45.62 2.85 20.39
C THR C 406 46.89 3.64 20.14
N THR C 407 47.99 2.97 19.82
CA THR C 407 49.30 3.64 19.63
C THR C 407 49.89 3.27 18.28
N ALA C 408 50.70 4.16 17.71
CA ALA C 408 51.28 3.96 16.36
C ALA C 408 52.50 3.04 16.31
N SER C 409 52.80 2.52 15.12
CA SER C 409 53.84 1.51 14.81
C SER C 409 55.27 1.86 15.17
N PRO C 410 56.24 2.07 14.25
CA PRO C 410 57.63 2.24 14.64
C PRO C 410 57.89 3.70 14.94
N PHE C 411 56.96 4.58 14.59
CA PHE C 411 57.25 6.03 14.70
C PHE C 411 56.42 6.70 15.76
N ASN C 412 55.41 6.03 16.34
CA ASN C 412 54.66 6.66 17.46
C ASN C 412 54.12 8.03 17.02
N ASP C 413 53.81 8.21 15.75
CA ASP C 413 53.41 9.52 15.19
C ASP C 413 51.93 9.86 15.42
N TRP C 414 51.11 8.91 15.85
CA TRP C 414 49.71 9.22 16.17
C TRP C 414 49.24 8.44 17.39
N THR C 415 48.26 8.97 18.10
CA THR C 415 47.65 8.27 19.24
C THR C 415 46.17 8.39 18.98
N MET C 416 45.39 7.38 19.33
CA MET C 416 43.93 7.58 19.12
C MET C 416 43.13 7.07 20.31
N ALA C 417 41.95 7.66 20.50
CA ALA C 417 41.04 7.23 21.58
C ALA C 417 39.63 7.15 21.02
N THR C 418 38.85 6.20 21.52
CA THR C 418 37.45 6.05 21.06
C THR C 418 36.51 5.64 22.18
N ASP C 419 35.30 6.17 22.16
CA ASP C 419 34.24 5.84 23.14
C ASP C 419 33.20 4.95 22.47
N GLY C 420 33.42 4.64 21.19
CA GLY C 420 32.49 3.81 20.41
C GLY C 420 31.95 4.56 19.22
N ARG C 421 31.63 5.83 19.40
CA ARG C 421 31.11 6.67 18.29
C ARG C 421 32.14 7.72 17.94
N TYR C 422 32.74 8.31 18.97
CA TYR C 422 33.74 9.38 18.73
C TYR C 422 35.16 8.80 18.74
N LYS C 423 35.94 9.18 17.72
CA LYS C 423 37.35 8.74 17.65
C LYS C 423 38.20 10.00 17.56
N LEU C 424 39.10 10.17 18.52
CA LEU C 424 40.02 11.32 18.51
C LEU C 424 41.42 10.85 18.14
N VAL C 425 42.01 11.49 17.14
CA VAL C 425 43.41 11.18 16.76
C VAL C 425 44.29 12.40 17.07
N LEU C 426 45.38 12.17 17.81
CA LEU C 426 46.37 13.25 18.05
C LEU C 426 47.67 12.81 17.36
N SER C 427 48.43 13.77 16.83
CA SER C 427 49.62 13.42 16.03
C SER C 427 50.66 14.54 15.99
N CYS C 428 51.88 14.19 15.61
CA CYS C 428 52.95 15.19 15.39
C CYS C 428 52.99 15.49 13.88
N ARG C 429 52.09 14.91 13.09
CA ARG C 429 52.08 15.09 11.62
C ARG C 429 50.80 15.79 11.19
N GLU C 430 49.93 16.09 12.15
CA GLU C 430 48.64 16.75 11.84
C GLU C 430 48.04 17.42 13.09
N THR C 431 47.14 18.38 12.88
CA THR C 431 46.36 19.00 13.95
C THR C 431 45.34 17.98 14.42
N PRO C 432 44.69 18.10 15.61
CA PRO C 432 43.78 17.03 16.14
C PRO C 432 42.59 16.70 15.24
N TRP C 433 42.28 15.41 15.14
CA TRP C 433 41.14 14.95 14.30
C TRP C 433 40.10 14.25 15.15
N LEU C 434 38.84 14.67 15.00
CA LEU C 434 37.71 14.03 15.71
C LEU C 434 36.79 13.41 14.65
N PHE C 435 36.47 12.13 14.83
CA PHE C 435 35.58 11.43 13.90
C PHE C 435 34.29 11.07 14.62
N ASP C 436 33.14 11.28 13.98
CA ASP C 436 31.82 10.85 14.52
C ASP C 436 31.31 9.72 13.61
N LEU C 437 31.36 8.49 14.08
CA LEU C 437 30.99 7.33 13.23
C LEU C 437 29.47 7.25 13.05
N GLU C 438 28.68 7.88 13.91
CA GLU C 438 27.21 7.91 13.66
C GLU C 438 26.95 8.76 12.41
N VAL C 439 27.49 9.97 12.35
CA VAL C 439 27.22 10.89 11.23
C VAL C 439 28.14 10.60 10.04
N ASP C 440 29.36 10.14 10.31
CA ASP C 440 30.37 9.89 9.26
C ASP C 440 30.98 8.51 9.49
N PRO C 441 30.28 7.40 9.15
CA PRO C 441 30.86 6.03 9.26
C PRO C 441 32.09 5.86 8.37
N ASP C 442 32.19 6.64 7.30
CA ASP C 442 33.32 6.48 6.34
C ASP C 442 34.55 7.28 6.80
N GLU C 443 34.48 7.99 7.93
CA GLU C 443 35.63 8.76 8.51
C GLU C 443 36.27 9.66 7.45
N MET C 444 35.53 10.64 6.96
CA MET C 444 36.00 11.55 5.89
C MET C 444 36.02 12.99 6.41
N LYS C 445 35.40 13.25 7.55
CA LYS C 445 35.26 14.64 8.02
C LYS C 445 35.88 14.87 9.40
N ASN C 446 36.37 16.08 9.63
CA ASN C 446 36.91 16.44 10.96
C ASN C 446 35.88 17.29 11.70
N PHE C 447 35.50 16.88 12.90
CA PHE C 447 34.51 17.63 13.72
C PHE C 447 35.18 18.29 14.91
N TYR C 448 36.51 18.26 14.97
CA TYR C 448 37.23 18.79 16.16
C TYR C 448 36.92 20.27 16.37
N ASN C 449 36.95 21.04 15.31
CA ASN C 449 36.79 22.50 15.44
C ASN C 449 35.32 22.94 15.46
N ASN C 450 34.38 22.04 15.14
CA ASN C 450 32.93 22.34 15.27
C ASN C 450 32.63 22.54 16.75
N PRO C 451 32.11 23.73 17.17
CA PRO C 451 31.83 24.03 18.61
C PRO C 451 30.68 23.17 19.12
N LYS C 452 29.91 22.59 18.23
CA LYS C 452 28.85 21.65 18.67
C LYS C 452 29.52 20.38 19.22
N TYR C 453 30.80 20.18 18.94
CA TYR C 453 31.53 18.98 19.41
C TYR C 453 32.58 19.33 20.46
N LYS C 454 32.60 20.56 20.98
CA LYS C 454 33.65 21.00 21.93
C LYS C 454 33.71 20.10 23.18
N GLU C 455 32.58 19.89 23.85
CA GLU C 455 32.50 19.04 25.05
C GLU C 455 33.01 17.63 24.76
N ILE C 456 32.60 17.04 23.63
CA ILE C 456 33.04 15.68 23.23
C ILE C 456 34.55 15.70 23.01
N ALA C 457 35.03 16.67 22.24
CA ALA C 457 36.47 16.77 21.96
C ALA C 457 37.24 17.01 23.25
N ASP C 458 36.72 17.84 24.14
CA ASP C 458 37.40 18.05 25.46
C ASP C 458 37.43 16.72 26.21
N ARG C 459 36.30 16.02 26.27
CA ARG C 459 36.25 14.76 27.04
C ARG C 459 37.20 13.74 26.39
N MET C 460 37.30 13.74 25.07
CA MET C 460 38.13 12.74 24.37
C MET C 460 39.62 13.10 24.54
N GLN C 461 39.97 14.39 24.44
CA GLN C 461 41.38 14.80 24.59
C GLN C 461 41.83 14.53 26.02
N LYS C 462 40.99 14.84 27.00
CA LYS C 462 41.38 14.63 28.42
C LYS C 462 41.68 13.14 28.63
N GLU C 463 40.83 12.26 28.12
CA GLU C 463 41.04 10.80 28.32
C GLU C 463 42.29 10.34 27.56
N LEU C 464 42.51 10.78 26.33
CA LEU C 464 43.67 10.30 25.53
C LEU C 464 44.95 10.69 26.27
N ILE C 465 45.07 11.95 26.63
CA ILE C 465 46.28 12.46 27.34
C ILE C 465 46.47 11.68 28.64
N ARG C 466 45.41 11.46 29.39
CA ARG C 466 45.50 10.68 30.65
C ARG C 466 45.96 9.26 30.35
N GLN C 467 45.35 8.62 29.34
CA GLN C 467 45.69 7.20 29.04
C GLN C 467 47.11 7.12 28.48
N MET C 468 47.53 8.13 27.71
CA MET C 468 48.89 8.17 27.16
C MET C 468 49.89 8.20 28.33
N LYS C 469 49.60 8.97 29.36
CA LYS C 469 50.51 9.12 30.52
C LYS C 469 50.51 7.84 31.35
N LEU C 470 49.34 7.29 31.64
CA LEU C 470 49.21 6.04 32.42
C LEU C 470 49.89 4.85 31.73
N TYR C 471 49.74 4.72 30.42
CA TYR C 471 50.27 3.51 29.73
C TYR C 471 51.63 3.79 29.14
N LYS C 472 52.27 4.86 29.61
CA LYS C 472 53.65 5.24 29.20
C LYS C 472 53.75 5.24 27.66
N GLU C 473 52.91 6.02 27.02
CA GLU C 473 52.98 6.20 25.54
C GLU C 473 54.42 6.62 25.19
N PRO C 474 55.11 5.90 24.28
CA PRO C 474 56.52 6.20 23.87
C PRO C 474 56.65 7.61 23.31
N ALA C 475 55.60 8.10 22.66
CA ALA C 475 55.64 9.45 22.05
C ALA C 475 56.01 10.50 23.10
N LEU C 476 55.42 10.41 24.27
CA LEU C 476 55.69 11.38 25.36
C LEU C 476 57.13 11.18 25.85
N SER C 477 57.60 9.94 25.91
CA SER C 477 58.98 9.66 26.35
C SER C 477 59.98 10.11 25.29
N ILE C 478 59.66 9.95 24.00
CA ILE C 478 60.56 10.32 22.87
C ILE C 478 60.59 11.85 22.71
N GLY C 479 59.54 12.54 23.14
CA GLY C 479 59.46 14.00 22.96
C GLY C 479 59.01 14.37 21.57
N LEU C 480 58.22 13.52 20.93
CA LEU C 480 57.67 13.83 19.61
C LEU C 480 56.83 15.13 19.68
N PRO C 481 56.81 15.98 18.63
CA PRO C 481 56.07 17.29 18.65
C PRO C 481 54.58 17.15 18.35
N TYR C 482 53.82 16.64 19.31
CA TYR C 482 52.37 16.41 19.10
C TYR C 482 51.63 17.74 19.10
N LEU C 483 50.60 17.84 18.25
CA LEU C 483 49.79 19.07 18.13
C LEU C 483 48.49 18.89 18.91
N TYR C 484 48.36 19.56 20.04
CA TYR C 484 47.18 19.37 20.92
C TYR C 484 46.14 20.42 20.59
N LYS C 485 46.50 21.32 19.69
CA LYS C 485 45.59 22.41 19.30
C LYS C 485 45.62 22.62 17.78
N SER C 486 44.51 23.14 17.24
CA SER C 486 44.39 23.40 15.79
C SER C 486 45.19 24.66 15.44
N THR C 487 45.50 25.49 16.43
CA THR C 487 46.33 26.68 16.22
C THR C 487 47.79 26.26 16.08
N ASP C 488 48.09 25.01 16.39
CA ASP C 488 49.49 24.52 16.33
C ASP C 488 49.91 24.29 14.88
N LYS C 489 51.21 24.23 14.64
CA LYS C 489 51.72 23.94 13.28
C LYS C 489 52.60 22.68 13.34
N VAL C 490 52.69 21.95 12.25
CA VAL C 490 53.52 20.72 12.20
C VAL C 490 55.00 21.10 12.01
N ASN C 491 55.85 20.68 12.94
CA ASN C 491 57.32 20.87 12.82
C ASN C 491 57.94 19.53 13.21
N TYR C 492 57.97 18.56 12.31
CA TYR C 492 58.42 17.21 12.74
C TYR C 492 59.27 16.50 11.72
N ASN C 493 60.49 16.13 12.12
CA ASN C 493 61.37 15.31 11.28
C ASN C 493 61.58 14.01 12.06
N PRO C 494 61.16 12.83 11.54
CA PRO C 494 61.43 11.54 12.23
C PRO C 494 62.91 11.29 12.44
N ALA C 495 63.75 11.82 11.56
CA ALA C 495 65.21 11.59 11.59
C ALA C 495 65.85 12.18 12.85
N LYS C 496 65.24 13.21 13.42
CA LYS C 496 65.76 13.84 14.65
C LYS C 496 65.62 12.90 15.84
N TYR C 497 64.64 12.01 15.81
CA TYR C 497 64.36 11.14 16.98
C TYR C 497 64.89 9.73 16.74
N LYS C 498 65.69 9.55 15.69
CA LYS C 498 66.22 8.20 15.36
C LYS C 498 67.67 8.14 15.81
N SER C 499 68.11 6.95 16.23
CA SER C 499 69.48 6.77 16.76
C SER C 499 70.30 6.01 15.72
N LYS C 500 71.37 6.63 15.21
CA LYS C 500 72.23 5.92 14.23
C LYS C 500 72.70 4.58 14.85
N VAL C 501 72.85 3.56 14.01
CA VAL C 501 73.17 2.22 14.54
C VAL C 501 74.46 1.68 13.92
N GLN C 502 75.43 1.33 14.77
CA GLN C 502 76.68 0.71 14.28
C GLN C 502 76.37 -0.71 13.80
N PRO C 503 76.74 -1.09 12.56
CA PRO C 503 76.38 -2.42 11.99
C PRO C 503 77.18 -3.54 12.66
N ASN C 504 76.66 -4.77 12.63
CA ASN C 504 77.34 -5.90 13.31
C ASN C 504 78.07 -6.74 12.28
N ALA C 505 79.39 -6.84 12.41
CA ALA C 505 80.17 -7.67 11.48
C ALA C 505 79.86 -9.14 11.74
N LEU C 506 79.32 -9.45 12.91
CA LEU C 506 79.13 -10.87 13.28
C LEU C 506 77.86 -11.45 12.66
N LEU C 507 76.90 -10.62 12.27
CA LEU C 507 75.59 -11.12 11.76
C LEU C 507 75.80 -12.12 10.60
N PRO C 508 76.69 -11.86 9.63
CA PRO C 508 76.96 -12.83 8.53
C PRO C 508 77.22 -14.24 9.07
N MET C 509 77.92 -14.39 10.19
CA MET C 509 78.28 -15.73 10.72
C MET C 509 77.15 -16.25 11.63
N ILE C 510 76.46 -15.35 12.32
CA ILE C 510 75.32 -15.76 13.19
C ILE C 510 74.26 -16.40 12.29
N HIS C 511 74.01 -15.79 11.14
CA HIS C 511 72.96 -16.31 10.22
C HIS C 511 73.35 -17.69 9.70
N THR C 512 74.63 -17.90 9.39
CA THR C 512 75.07 -19.23 8.95
C THR C 512 74.82 -20.23 10.07
N ILE C 513 75.21 -19.91 11.30
CA ILE C 513 75.07 -20.84 12.45
C ILE C 513 73.59 -21.15 12.67
N GLU C 514 72.74 -20.13 12.57
CA GLU C 514 71.28 -20.32 12.74
C GLU C 514 70.81 -21.36 11.72
N LYS C 515 71.15 -21.17 10.46
CA LYS C 515 70.74 -22.13 9.41
C LYS C 515 71.35 -23.52 9.63
N VAL C 516 72.67 -23.64 9.69
CA VAL C 516 73.29 -25.00 9.72
C VAL C 516 73.32 -25.62 11.12
N CYS C 517 73.33 -24.85 12.19
CA CYS C 517 73.52 -25.48 13.52
C CYS C 517 72.28 -25.37 14.42
N MET C 518 71.57 -24.25 14.41
CA MET C 518 70.47 -24.05 15.38
C MET C 518 69.11 -24.49 14.82
N ARG C 519 68.86 -24.25 13.55
CA ARG C 519 67.60 -24.70 12.92
C ARG C 519 68.00 -25.44 11.65
N PRO C 520 68.61 -26.63 11.74
CA PRO C 520 69.13 -27.34 10.54
C PRO C 520 68.08 -28.02 9.67
N LEU C 521 68.20 -27.91 8.35
CA LEU C 521 67.25 -28.63 7.44
C LEU C 521 67.66 -30.11 7.37
N LYS C 522 68.92 -30.42 7.66
CA LYS C 522 69.36 -31.84 7.71
C LYS C 522 69.15 -32.38 9.14
N GLU D 26 9.98 22.82 -3.65
CA GLU D 26 9.17 21.72 -4.25
C GLU D 26 8.51 20.92 -3.12
N LYS D 27 7.21 21.12 -2.91
CA LYS D 27 6.45 20.44 -1.82
C LYS D 27 6.55 18.92 -1.98
N PRO D 28 6.93 18.16 -0.93
CA PRO D 28 7.06 16.70 -1.02
C PRO D 28 5.70 16.03 -1.11
N ASN D 29 5.62 14.98 -1.92
CA ASN D 29 4.37 14.22 -2.00
C ASN D 29 4.35 13.24 -0.82
N LEU D 30 3.17 12.81 -0.42
CA LEU D 30 3.07 11.80 0.66
C LEU D 30 2.22 10.59 0.24
N ILE D 31 2.78 9.41 0.40
CA ILE D 31 1.96 8.18 0.20
C ILE D 31 2.07 7.40 1.53
N VAL D 32 0.95 7.11 2.17
CA VAL D 32 0.98 6.25 3.38
C VAL D 32 0.33 4.90 2.99
N ILE D 33 1.08 3.80 3.10
CA ILE D 33 0.48 2.45 2.89
C ILE D 33 0.28 1.81 4.27
N GLN D 34 -0.97 1.56 4.64
CA GLN D 34 -1.32 0.96 5.94
C GLN D 34 -1.88 -0.44 5.75
N THR D 35 -1.52 -1.35 6.64
CA THR D 35 -2.04 -2.71 6.60
C THR D 35 -2.88 -2.89 7.84
N ASP D 36 -3.60 -3.99 7.93
CA ASP D 36 -4.44 -4.29 9.11
C ASP D 36 -3.95 -5.57 9.78
N GLU D 37 -3.75 -5.54 11.10
CA GLU D 37 -3.32 -6.74 11.85
C GLU D 37 -2.06 -7.31 11.21
N HIS D 38 -1.01 -6.51 11.13
CA HIS D 38 0.22 -6.95 10.43
C HIS D 38 1.40 -7.02 11.41
N THR D 39 1.86 -8.24 11.69
CA THR D 39 3.00 -8.42 12.61
C THR D 39 4.30 -8.02 11.94
N ILE D 40 5.16 -7.32 12.67
CA ILE D 40 6.49 -6.89 12.18
C ILE D 40 7.35 -8.14 11.89
N ASN D 41 7.01 -9.27 12.50
CA ASN D 41 7.80 -10.52 12.33
C ASN D 41 7.57 -11.11 10.94
N THR D 42 6.59 -10.61 10.20
CA THR D 42 6.37 -11.04 8.79
C THR D 42 7.15 -10.12 7.87
N LEU D 43 7.86 -9.14 8.40
CA LEU D 43 8.70 -8.25 7.57
C LEU D 43 10.18 -8.61 7.75
N GLY D 44 10.89 -8.85 6.65
CA GLY D 44 12.33 -9.15 6.71
C GLY D 44 13.16 -8.00 7.23
N CYS D 45 12.70 -6.77 7.06
CA CYS D 45 13.44 -5.58 7.53
C CYS D 45 13.51 -5.65 9.06
N TYR D 46 12.43 -6.02 9.72
CA TYR D 46 12.40 -6.11 11.20
C TYR D 46 13.11 -7.40 11.66
N ARG D 47 13.00 -8.49 10.92
CA ARG D 47 13.59 -9.80 11.30
C ARG D 47 15.12 -9.74 11.24
N ARG D 48 15.67 -8.95 10.32
CA ARG D 48 17.13 -8.76 10.19
C ARG D 48 17.67 -7.91 11.34
N LEU D 49 16.84 -7.05 11.91
CA LEU D 49 17.29 -6.16 13.01
C LEU D 49 17.56 -7.01 14.26
N VAL D 50 16.90 -8.16 14.40
CA VAL D 50 17.09 -9.00 15.62
C VAL D 50 17.78 -10.32 15.29
N GLY D 51 18.19 -10.53 14.04
CA GLY D 51 18.80 -11.82 13.66
C GLY D 51 18.83 -12.05 12.18
N ASP D 52 18.78 -13.31 11.77
CA ASP D 52 18.77 -13.62 10.32
C ASP D 52 17.41 -13.30 9.73
N ILE D 53 17.38 -12.87 8.47
CA ILE D 53 16.10 -12.54 7.78
C ILE D 53 15.34 -13.85 7.53
N ASN D 54 16.03 -14.97 7.58
CA ASN D 54 15.39 -16.27 7.27
C ASN D 54 14.99 -16.99 8.57
N ASP D 55 15.27 -16.40 9.73
CA ASP D 55 14.75 -17.00 10.99
C ASP D 55 13.50 -16.24 11.42
N SER D 56 12.48 -16.97 11.86
CA SER D 56 11.21 -16.36 12.32
C SER D 56 10.68 -17.20 13.48
N PRO D 57 9.69 -16.72 14.26
CA PRO D 57 9.06 -17.54 15.32
C PRO D 57 8.54 -18.83 14.71
N TRP D 58 8.25 -18.82 13.41
CA TRP D 58 7.64 -19.99 12.72
C TRP D 58 8.63 -20.65 11.77
N GLY D 59 9.89 -20.23 11.80
CA GLY D 59 10.91 -20.92 11.00
C GLY D 59 11.31 -20.29 9.69
N LYS D 60 11.97 -21.04 8.82
CA LYS D 60 12.56 -20.50 7.57
C LYS D 60 11.58 -20.27 6.41
N ASN D 61 10.39 -20.87 6.44
CA ASN D 61 9.44 -20.73 5.30
C ASN D 61 8.59 -19.47 5.51
N VAL D 62 9.04 -18.54 6.35
CA VAL D 62 8.33 -17.25 6.59
C VAL D 62 8.27 -16.45 5.28
N VAL D 63 7.22 -15.66 5.13
CA VAL D 63 7.08 -14.79 3.94
C VAL D 63 8.29 -13.83 3.86
N GLN D 64 8.74 -13.57 2.65
CA GLN D 64 9.82 -12.58 2.43
C GLN D 64 9.13 -11.30 1.96
N THR D 65 9.61 -10.14 2.37
CA THR D 65 8.98 -8.85 2.02
C THR D 65 9.99 -7.98 1.31
N PRO D 66 10.47 -8.34 0.09
CA PRO D 66 11.51 -7.55 -0.63
C PRO D 66 11.12 -6.10 -0.89
N ASN D 67 9.89 -5.85 -1.33
CA ASN D 67 9.45 -4.48 -1.72
C ASN D 67 9.32 -3.55 -0.51
N ILE D 68 8.75 -4.02 0.59
CA ILE D 68 8.66 -3.19 1.83
C ILE D 68 10.07 -2.97 2.37
N ASP D 69 10.92 -3.99 2.29
CA ASP D 69 12.31 -3.91 2.83
C ASP D 69 13.12 -2.88 2.03
N ARG D 70 12.77 -2.66 0.76
CA ARG D 70 13.44 -1.62 -0.05
C ARG D 70 13.27 -0.25 0.60
N LEU D 71 12.09 0.01 1.14
CA LEU D 71 11.82 1.31 1.78
C LEU D 71 12.74 1.46 3.00
N ALA D 72 13.00 0.38 3.73
CA ALA D 72 13.92 0.44 4.88
C ALA D 72 15.35 0.64 4.39
N LYS D 73 15.75 -0.12 3.38
CA LYS D 73 17.12 -0.01 2.84
C LYS D 73 17.35 1.39 2.26
N GLU D 74 16.33 1.99 1.65
CA GLU D 74 16.52 3.30 1.02
C GLU D 74 15.95 4.36 1.96
N GLY D 75 15.83 4.05 3.25
CA GLY D 75 15.35 5.06 4.18
C GLY D 75 15.46 4.73 5.65
N ALA D 76 14.39 4.96 6.40
CA ALA D 76 14.45 4.79 7.87
C ALA D 76 13.51 3.69 8.38
N ILE D 77 13.96 2.96 9.37
CA ILE D 77 13.12 1.91 10.00
C ILE D 77 12.97 2.29 11.47
N CYS D 78 11.75 2.18 11.99
CA CYS D 78 11.47 2.50 13.42
C CYS D 78 11.34 1.18 14.19
N THR D 79 12.15 0.99 15.23
CA THR D 79 12.18 -0.28 15.95
C THR D 79 11.32 -0.25 17.18
N ARG D 80 10.73 0.89 17.49
CA ARG D 80 9.95 1.03 18.74
C ARG D 80 8.71 1.88 18.41
N TYR D 81 8.06 1.56 17.29
CA TYR D 81 6.78 2.24 16.94
C TYR D 81 5.66 1.36 17.42
N TYR D 82 4.74 1.97 18.15
CA TYR D 82 3.60 1.20 18.71
C TYR D 82 2.25 1.82 18.37
N ALA D 83 1.21 1.01 18.40
CA ALA D 83 -0.15 1.53 18.24
C ALA D 83 -0.55 2.22 19.55
N SER D 84 -1.37 3.27 19.48
CA SER D 84 -1.90 3.93 20.70
C SER D 84 -2.73 2.89 21.44
N SER D 85 -3.44 2.08 20.68
CA SER D 85 -4.23 0.96 21.23
C SER D 85 -4.13 -0.12 20.15
N PRO D 86 -3.91 -1.41 20.48
CA PRO D 86 -3.68 -2.47 19.46
C PRO D 86 -5.01 -2.89 18.85
N VAL D 87 -5.89 -1.92 18.59
CA VAL D 87 -7.24 -2.18 17.99
C VAL D 87 -7.41 -1.21 16.82
N SER D 88 -8.10 -1.60 15.74
CA SER D 88 -8.21 -0.79 14.49
C SER D 88 -8.65 0.67 14.64
N THR D 89 -9.89 0.90 15.06
CA THR D 89 -10.46 2.27 15.10
C THR D 89 -9.63 3.16 16.00
N PRO D 90 -9.29 2.80 17.26
CA PRO D 90 -8.52 3.71 18.15
C PRO D 90 -7.16 4.09 17.56
N SER D 91 -6.41 3.13 17.00
CA SER D 91 -5.09 3.41 16.40
C SER D 91 -5.24 4.30 15.16
N ARG D 92 -6.19 3.97 14.29
CA ARG D 92 -6.39 4.74 13.05
C ARG D 92 -6.73 6.17 13.44
N ALA D 93 -7.53 6.32 14.48
CA ALA D 93 -7.93 7.65 14.96
C ALA D 93 -6.72 8.48 15.40
N SER D 94 -5.84 7.87 16.17
CA SER D 94 -4.64 8.56 16.68
C SER D 94 -3.69 8.91 15.54
N PHE D 95 -3.63 8.08 14.50
CA PHE D 95 -2.74 8.33 13.35
C PHE D 95 -3.16 9.61 12.66
N GLN D 96 -4.46 9.80 12.46
CA GLN D 96 -4.98 11.01 11.78
C GLN D 96 -4.90 12.24 12.70
N THR D 97 -5.28 12.13 13.97
CA THR D 97 -5.48 13.31 14.84
C THR D 97 -4.30 13.80 15.64
N GLY D 98 -3.31 12.99 15.94
CA GLY D 98 -2.26 13.42 16.86
C GLY D 98 -2.80 13.40 18.28
N LEU D 99 -3.81 12.56 18.51
CA LEU D 99 -4.47 12.52 19.84
C LEU D 99 -4.69 11.06 20.28
N TYR D 100 -4.69 10.82 21.59
CA TYR D 100 -5.02 9.48 22.12
C TYR D 100 -6.49 9.19 21.80
N PRO D 101 -6.93 7.91 21.72
CA PRO D 101 -8.32 7.52 21.31
C PRO D 101 -9.47 8.18 22.08
N VAL D 102 -9.34 8.44 23.37
CA VAL D 102 -10.39 9.12 24.19
C VAL D 102 -10.69 10.52 23.62
N SER D 103 -9.68 11.21 23.10
CA SER D 103 -9.88 12.58 22.60
C SER D 103 -10.23 12.59 21.11
N THR D 104 -10.30 11.42 20.48
CA THR D 104 -10.70 11.31 19.06
C THR D 104 -12.18 11.04 18.98
N GLY D 105 -12.80 10.66 20.09
CA GLY D 105 -14.22 10.31 20.09
C GLY D 105 -14.42 8.84 19.81
N CYS D 106 -13.39 8.13 19.35
CA CYS D 106 -13.57 6.72 18.92
C CYS D 106 -12.56 5.77 19.61
N PRO D 107 -12.56 5.60 20.96
CA PRO D 107 -11.67 4.63 21.64
C PRO D 107 -12.11 3.19 21.39
N ILE D 108 -13.37 2.99 20.99
CA ILE D 108 -13.87 1.62 20.70
C ILE D 108 -14.21 1.52 19.22
N ASN D 109 -14.08 0.31 18.67
CA ASN D 109 -14.40 0.04 17.25
C ASN D 109 -15.86 0.37 16.94
N ASP D 110 -16.10 0.98 15.78
CA ASP D 110 -17.47 1.30 15.31
C ASP D 110 -17.95 2.63 15.87
N MET D 111 -17.26 3.20 16.85
CA MET D 111 -17.61 4.55 17.31
C MET D 111 -17.14 5.55 16.25
N PRO D 112 -17.93 6.57 15.92
CA PRO D 112 -17.53 7.60 14.93
C PRO D 112 -16.39 8.47 15.46
N MET D 113 -15.45 8.82 14.59
CA MET D 113 -14.41 9.79 15.00
C MET D 113 -15.07 11.17 15.03
N ASN D 114 -14.72 11.99 16.03
CA ASN D 114 -15.31 13.35 16.15
C ASN D 114 -15.13 14.11 14.83
N PRO D 115 -16.21 14.49 14.10
CA PRO D 115 -16.07 15.13 12.76
C PRO D 115 -15.52 16.55 12.90
N ASN D 116 -15.49 17.10 14.12
CA ASN D 116 -15.03 18.50 14.33
C ASN D 116 -13.51 18.54 14.47
N LEU D 117 -12.88 17.39 14.63
CA LEU D 117 -11.41 17.33 14.82
C LEU D 117 -10.71 17.56 13.49
N ILE D 118 -9.53 18.18 13.56
CA ILE D 118 -8.74 18.50 12.34
C ILE D 118 -7.66 17.44 12.12
N THR D 119 -7.60 16.83 10.94
CA THR D 119 -6.63 15.76 10.67
C THR D 119 -5.40 16.31 9.99
N TYR D 120 -4.36 15.48 9.82
CA TYR D 120 -3.14 15.92 9.10
C TYR D 120 -3.49 16.08 7.64
N ALA D 121 -4.48 15.32 7.17
CA ALA D 121 -4.92 15.40 5.76
C ALA D 121 -5.57 16.76 5.51
N GLU D 122 -6.35 17.25 6.47
CA GLU D 122 -6.97 18.59 6.37
C GLU D 122 -5.87 19.66 6.27
N MET D 123 -4.80 19.51 7.04
CA MET D 123 -3.65 20.45 6.96
C MET D 123 -2.99 20.36 5.58
N LEU D 124 -2.84 19.16 5.02
CA LEU D 124 -2.27 18.97 3.67
C LEU D 124 -3.24 19.57 2.64
N LYS D 125 -4.54 19.28 2.77
CA LYS D 125 -5.56 19.88 1.88
C LYS D 125 -5.43 21.41 1.92
N ARG D 126 -5.27 21.95 3.12
CA ARG D 126 -5.22 23.43 3.28
C ARG D 126 -3.91 23.99 2.66
N ASP D 127 -2.87 23.17 2.47
CA ASP D 127 -1.61 23.60 1.82
C ASP D 127 -1.61 23.20 0.35
N GLY D 128 -2.78 23.05 -0.25
CA GLY D 128 -2.85 22.80 -1.69
C GLY D 128 -2.56 21.38 -2.10
N TYR D 129 -2.86 20.41 -1.26
CA TYR D 129 -2.50 19.03 -1.65
C TYR D 129 -3.75 18.31 -2.11
N GLN D 130 -3.65 17.54 -3.20
CA GLN D 130 -4.78 16.69 -3.63
C GLN D 130 -4.80 15.51 -2.66
N THR D 131 -5.93 15.27 -2.01
CA THR D 131 -5.95 14.22 -0.97
C THR D 131 -6.85 13.08 -1.38
N SER D 132 -6.36 11.86 -1.18
CA SER D 132 -7.10 10.64 -1.58
C SER D 132 -6.89 9.50 -0.57
N TYR D 133 -7.95 8.79 -0.24
CA TYR D 133 -7.84 7.59 0.61
C TYR D 133 -8.43 6.44 -0.13
N VAL D 134 -7.67 5.37 -0.29
CA VAL D 134 -8.19 4.14 -0.94
C VAL D 134 -8.10 3.00 0.06
N GLY D 135 -9.24 2.50 0.53
CA GLY D 135 -9.25 1.34 1.41
C GLY D 135 -10.09 1.46 2.67
N LYS D 136 -9.71 0.75 3.73
CA LYS D 136 -10.48 0.67 4.98
C LYS D 136 -10.26 1.90 5.86
N TRP D 137 -11.34 2.55 6.28
CA TRP D 137 -11.28 3.76 7.13
C TRP D 137 -11.55 3.36 8.59
N HIS D 138 -12.74 2.86 8.90
CA HIS D 138 -13.14 2.41 10.27
C HIS D 138 -13.34 3.60 11.22
N LEU D 139 -13.46 4.80 10.71
CA LEU D 139 -13.65 5.99 11.57
C LEU D 139 -14.98 6.71 11.30
N GLY D 140 -15.79 6.22 10.36
CA GLY D 140 -17.02 6.93 9.97
C GLY D 140 -18.26 6.61 10.78
N GLY D 141 -18.27 5.48 11.50
CA GLY D 141 -19.43 5.07 12.32
C GLY D 141 -20.60 4.61 11.49
N VAL D 142 -20.36 4.25 10.24
CA VAL D 142 -21.46 3.87 9.32
C VAL D 142 -21.90 2.42 9.59
N PRO D 143 -23.15 2.03 9.22
CA PRO D 143 -23.64 0.66 9.43
C PRO D 143 -23.02 -0.35 8.47
N ASN D 144 -22.95 -1.60 8.91
CA ASN D 144 -22.48 -2.69 8.00
C ASN D 144 -23.63 -3.09 7.08
N ILE D 145 -23.45 -2.95 5.76
CA ILE D 145 -24.54 -3.24 4.80
C ILE D 145 -24.23 -4.54 4.04
N GLY D 146 -23.27 -5.32 4.51
CA GLY D 146 -22.91 -6.62 3.89
C GLY D 146 -22.07 -6.43 2.65
N ARG D 147 -21.69 -5.21 2.35
CA ARG D 147 -20.91 -4.90 1.14
C ARG D 147 -20.12 -3.65 1.48
N PRO D 148 -19.01 -3.31 0.75
CA PRO D 148 -18.20 -2.13 1.12
C PRO D 148 -19.07 -0.88 1.16
N TYR D 149 -18.96 -0.10 2.23
CA TYR D 149 -19.69 1.19 2.36
C TYR D 149 -18.72 2.30 1.99
N PHE D 150 -18.76 2.76 0.74
CA PHE D 150 -17.78 3.77 0.27
C PHE D 150 -18.17 5.18 0.74
N GLU D 151 -17.27 6.15 0.60
CA GLU D 151 -17.49 7.55 1.04
C GLU D 151 -18.11 7.55 2.44
N PRO D 152 -17.48 6.93 3.46
CA PRO D 152 -18.11 6.78 4.79
C PRO D 152 -17.87 7.95 5.72
N GLY D 153 -18.94 8.63 6.13
CA GLY D 153 -18.83 9.67 7.15
C GLY D 153 -18.18 10.94 6.66
N TYR D 154 -17.69 11.75 7.59
CA TYR D 154 -17.01 13.02 7.25
C TYR D 154 -15.70 12.76 6.49
N ASN D 155 -15.34 13.67 5.60
CA ASN D 155 -14.15 13.51 4.72
C ASN D 155 -12.86 13.56 5.53
N PHE D 156 -12.80 14.36 6.59
CA PHE D 156 -11.58 14.51 7.43
C PHE D 156 -10.40 14.93 6.54
N GLY D 157 -10.66 15.76 5.54
CA GLY D 157 -9.59 16.30 4.68
C GLY D 157 -9.25 15.45 3.48
N TYR D 158 -9.98 14.36 3.22
CA TYR D 158 -9.73 13.54 2.01
C TYR D 158 -10.69 13.95 0.88
N MET D 159 -10.13 14.49 -0.21
CA MET D 159 -10.93 14.98 -1.35
C MET D 159 -11.47 13.83 -2.20
N ASP D 160 -10.67 12.78 -2.43
CA ASP D 160 -11.16 11.59 -3.20
C ASP D 160 -11.37 10.39 -2.28
N ARG D 161 -12.61 10.11 -1.90
CA ARG D 161 -12.92 8.97 -1.00
C ARG D 161 -13.79 7.95 -1.77
N THR D 162 -13.71 7.94 -3.09
CA THR D 162 -14.53 7.04 -3.94
C THR D 162 -14.24 5.60 -3.58
N TYR D 163 -12.98 5.29 -3.30
CA TYR D 163 -12.57 3.90 -2.97
C TYR D 163 -12.23 3.80 -1.49
N MET D 164 -12.83 4.65 -0.67
CA MET D 164 -12.68 4.54 0.79
C MET D 164 -13.92 3.83 1.33
N PHE D 165 -13.75 2.68 1.98
CA PHE D 165 -14.88 1.95 2.63
C PHE D 165 -14.60 1.86 4.12
N ASN D 166 -15.63 1.80 4.96
CA ASN D 166 -15.41 1.87 6.43
C ASN D 166 -14.85 0.58 7.01
N ASP D 167 -15.48 -0.55 6.77
CA ASP D 167 -15.03 -1.79 7.44
C ASP D 167 -15.48 -3.03 6.69
N GLY D 168 -14.61 -4.01 6.61
CA GLY D 168 -15.03 -5.27 5.99
C GLY D 168 -13.86 -6.21 5.88
N HIS D 169 -14.14 -7.50 5.91
CA HIS D 169 -13.05 -8.50 5.88
C HIS D 169 -13.14 -9.32 4.59
N TRP D 170 -13.80 -8.80 3.56
CA TRP D 170 -13.98 -9.57 2.33
C TRP D 170 -12.64 -9.70 1.60
N LYS D 171 -12.48 -10.80 0.89
CA LYS D 171 -11.21 -11.02 0.14
C LYS D 171 -11.42 -10.77 -1.36
N TYR D 172 -12.67 -10.77 -1.82
CA TYR D 172 -12.92 -10.62 -3.28
C TYR D 172 -14.04 -9.62 -3.50
N PHE D 173 -13.90 -8.84 -4.57
CA PHE D 173 -14.93 -7.82 -4.88
C PHE D 173 -15.46 -8.06 -6.27
N GLU D 174 -16.73 -7.79 -6.46
CA GLU D 174 -17.31 -7.88 -7.82
C GLU D 174 -17.82 -6.47 -8.15
N ILE D 175 -17.50 -5.93 -9.35
CA ILE D 175 -17.89 -4.52 -9.67
C ILE D 175 -19.20 -4.48 -10.47
N VAL D 176 -20.33 -4.28 -9.81
CA VAL D 176 -21.66 -4.27 -10.49
C VAL D 176 -21.84 -2.97 -11.31
N LYS D 177 -21.50 -1.81 -10.76
CA LYS D 177 -21.56 -0.54 -11.52
C LYS D 177 -20.16 0.09 -11.42
N GLN D 178 -19.75 0.88 -12.42
CA GLN D 178 -18.32 1.30 -12.51
C GLN D 178 -17.78 2.09 -11.31
N PRO D 179 -18.37 3.19 -10.83
CA PRO D 179 -17.70 3.94 -9.74
C PRO D 179 -17.28 2.98 -8.63
N ASN D 180 -18.18 2.57 -7.77
CA ASN D 180 -17.77 1.78 -6.59
C ASN D 180 -18.96 0.95 -6.12
N LYS D 181 -19.85 0.62 -7.05
CA LYS D 181 -21.03 -0.21 -6.70
C LYS D 181 -20.51 -1.65 -6.70
N ILE D 182 -20.15 -2.16 -5.51
CA ILE D 182 -19.43 -3.45 -5.44
C ILE D 182 -20.11 -4.51 -4.55
N ARG D 183 -20.12 -5.75 -5.03
CA ARG D 183 -20.61 -6.87 -4.19
C ARG D 183 -19.35 -7.49 -3.58
N SER D 184 -19.45 -7.97 -2.35
CA SER D 184 -18.25 -8.44 -1.65
C SER D 184 -18.40 -9.91 -1.25
N TYR D 185 -17.29 -10.64 -1.24
CA TYR D 185 -17.32 -12.09 -0.92
C TYR D 185 -16.15 -12.42 0.01
N TRP D 186 -16.42 -13.12 1.10
CA TRP D 186 -15.37 -13.43 2.10
C TRP D 186 -14.54 -14.62 1.66
N SER D 187 -15.15 -15.66 1.14
CA SER D 187 -14.37 -16.88 0.83
C SER D 187 -14.66 -17.39 -0.57
N GLY D 188 -14.56 -18.70 -0.76
CA GLY D 188 -14.92 -19.31 -2.04
C GLY D 188 -13.88 -19.11 -3.10
N PRO D 189 -13.88 -19.89 -4.21
CA PRO D 189 -12.95 -19.63 -5.31
C PRO D 189 -13.24 -18.27 -5.92
N VAL D 190 -12.27 -17.71 -6.62
CA VAL D 190 -12.50 -16.44 -7.33
C VAL D 190 -13.47 -16.72 -8.50
N LYS D 191 -14.67 -16.14 -8.47
CA LYS D 191 -15.64 -16.33 -9.58
C LYS D 191 -15.16 -15.53 -10.81
N PRO D 192 -15.82 -15.55 -11.99
CA PRO D 192 -15.25 -14.90 -13.22
C PRO D 192 -14.98 -13.41 -13.06
N GLY D 193 -15.88 -12.63 -12.45
CA GLY D 193 -15.65 -11.16 -12.38
C GLY D 193 -15.13 -10.71 -11.04
N PHE D 194 -14.58 -11.62 -10.25
CA PHE D 194 -14.08 -11.28 -8.90
C PHE D 194 -12.68 -10.72 -8.96
N ILE D 195 -12.40 -9.71 -8.14
CA ILE D 195 -11.00 -9.20 -8.04
C ILE D 195 -10.57 -9.28 -6.57
N HIS D 196 -9.37 -9.78 -6.32
CA HIS D 196 -8.81 -9.80 -4.95
C HIS D 196 -8.72 -8.35 -4.50
N VAL D 197 -9.13 -8.08 -3.27
CA VAL D 197 -9.23 -6.68 -2.75
C VAL D 197 -7.89 -5.95 -2.75
N THR D 198 -6.81 -6.61 -2.35
CA THR D 198 -5.49 -5.95 -2.30
C THR D 198 -5.15 -5.43 -3.69
N GLU D 199 -5.31 -6.26 -4.71
CA GLU D 199 -4.99 -5.86 -6.09
C GLU D 199 -5.91 -4.72 -6.52
N TYR D 200 -7.21 -4.86 -6.26
CA TYR D 200 -8.20 -3.83 -6.63
C TYR D 200 -7.81 -2.49 -6.05
N LEU D 201 -7.62 -2.43 -4.74
CA LEU D 201 -7.33 -1.15 -4.06
C LEU D 201 -6.02 -0.56 -4.59
N THR D 202 -5.03 -1.42 -4.81
CA THR D 202 -3.74 -0.97 -5.37
C THR D 202 -3.96 -0.46 -6.79
N ASP D 203 -4.73 -1.18 -7.60
CA ASP D 203 -5.06 -0.74 -8.98
C ASP D 203 -5.75 0.63 -8.95
N ARG D 204 -6.68 0.83 -8.03
CA ARG D 204 -7.38 2.14 -7.90
C ARG D 204 -6.37 3.23 -7.47
N CYS D 205 -5.45 2.93 -6.55
CA CYS D 205 -4.50 3.93 -6.03
C CYS D 205 -3.55 4.34 -7.16
N LEU D 206 -3.13 3.38 -7.97
CA LEU D 206 -2.25 3.66 -9.12
C LEU D 206 -2.95 4.61 -10.09
N GLU D 207 -4.26 4.45 -10.26
CA GLU D 207 -5.03 5.31 -11.18
C GLU D 207 -5.06 6.75 -10.64
N LEU D 208 -5.36 6.91 -9.37
CA LEU D 208 -5.41 8.26 -8.78
C LEU D 208 -4.00 8.85 -8.77
N LEU D 209 -2.97 8.01 -8.63
CA LEU D 209 -1.58 8.50 -8.56
C LEU D 209 -1.20 9.05 -9.94
N GLU D 210 -1.63 8.39 -11.01
CA GLU D 210 -1.37 8.87 -12.39
C GLU D 210 -2.06 10.23 -12.61
N ARG D 211 -3.29 10.39 -12.13
CA ARG D 211 -4.03 11.66 -12.32
C ARG D 211 -3.34 12.81 -11.59
N ASP D 212 -2.77 12.58 -10.40
CA ASP D 212 -2.23 13.70 -9.58
C ASP D 212 -0.69 13.70 -9.54
N LYS D 213 -0.03 12.99 -10.45
CA LYS D 213 1.45 12.86 -10.41
C LYS D 213 2.12 14.21 -10.69
N ASN D 214 1.41 15.13 -11.33
CA ASN D 214 2.04 16.41 -11.72
C ASN D 214 1.62 17.51 -10.73
N LYS D 215 1.05 17.12 -9.60
CA LYS D 215 0.68 18.11 -8.57
C LYS D 215 1.06 17.61 -7.19
N PRO D 216 1.20 18.49 -6.17
CA PRO D 216 1.41 18.04 -4.77
C PRO D 216 0.28 17.10 -4.40
N PHE D 217 0.59 15.84 -4.08
CA PHE D 217 -0.48 14.86 -3.81
C PHE D 217 -0.26 14.11 -2.50
N TYR D 218 -1.33 13.80 -1.78
CA TYR D 218 -1.25 12.97 -0.55
C TYR D 218 -2.20 11.80 -0.75
N MET D 219 -1.62 10.61 -0.83
CA MET D 219 -2.44 9.39 -1.00
C MET D 219 -2.23 8.42 0.17
N MET D 220 -3.32 7.92 0.74
CA MET D 220 -3.21 6.87 1.78
C MET D 220 -3.93 5.62 1.26
N LEU D 221 -3.22 4.52 1.12
CA LEU D 221 -3.84 3.24 0.74
C LEU D 221 -3.88 2.37 2.00
N SER D 222 -5.07 2.11 2.53
CA SER D 222 -5.19 1.22 3.72
C SER D 222 -5.72 -0.17 3.32
N ILE D 223 -4.80 -1.13 3.21
CA ILE D 223 -5.12 -2.52 2.79
C ILE D 223 -5.63 -3.33 3.99
N PRO D 224 -6.78 -4.01 3.94
CA PRO D 224 -7.22 -4.79 5.11
C PRO D 224 -6.79 -6.24 5.17
N ASP D 225 -6.07 -6.76 4.17
CA ASP D 225 -5.86 -8.23 4.00
C ASP D 225 -5.22 -9.05 5.12
N PRO D 226 -4.04 -8.76 5.71
CA PRO D 226 -3.46 -9.70 6.71
C PRO D 226 -4.51 -9.97 7.79
N HIS D 227 -5.54 -9.12 7.89
CA HIS D 227 -6.53 -9.17 9.01
C HIS D 227 -7.36 -10.45 9.17
N SER D 228 -7.66 -10.76 10.43
CA SER D 228 -8.50 -11.90 10.91
C SER D 228 -8.89 -12.97 9.92
N PRO D 229 -9.90 -12.83 9.03
CA PRO D 229 -10.25 -13.97 8.15
C PRO D 229 -8.97 -14.30 7.38
N ASP D 230 -8.19 -15.24 7.93
CA ASP D 230 -6.90 -15.61 7.29
C ASP D 230 -7.24 -16.41 6.04
N ILE D 231 -7.80 -15.75 5.05
CA ILE D 231 -8.13 -16.40 3.77
C ILE D 231 -7.33 -15.65 2.71
N ALA D 232 -6.47 -16.37 2.01
CA ALA D 232 -5.62 -15.70 1.03
C ALA D 232 -5.97 -16.15 -0.39
N SER D 233 -5.44 -15.43 -1.37
CA SER D 233 -5.60 -15.84 -2.79
C SER D 233 -4.97 -17.22 -2.98
N GLU D 234 -5.50 -18.02 -3.89
CA GLU D 234 -4.99 -19.39 -4.14
C GLU D 234 -3.62 -19.36 -4.84
N GLU D 235 -3.38 -18.33 -5.64
CA GLU D 235 -2.07 -18.21 -6.32
C GLU D 235 -0.98 -17.86 -5.30
N TYR D 236 -1.35 -17.24 -4.18
CA TYR D 236 -0.36 -16.98 -3.11
C TYR D 236 -0.32 -18.16 -2.14
N LEU D 237 -1.46 -18.79 -1.87
CA LEU D 237 -1.54 -19.92 -0.91
C LEU D 237 -0.74 -21.12 -1.43
N GLN D 238 -0.79 -21.37 -2.73
CA GLN D 238 -0.07 -22.51 -3.35
C GLN D 238 1.39 -22.50 -2.93
N LYS D 239 1.93 -21.33 -2.64
CA LYS D 239 3.37 -21.21 -2.34
C LYS D 239 3.66 -21.50 -0.86
N TYR D 240 2.65 -21.65 -0.01
CA TYR D 240 2.92 -21.74 1.44
C TYR D 240 2.18 -22.88 2.09
N ILE D 241 1.08 -23.33 1.51
CA ILE D 241 0.22 -24.35 2.19
C ILE D 241 1.00 -25.64 2.45
N ASN D 242 1.88 -26.05 1.54
CA ASN D 242 2.56 -27.38 1.70
C ASN D 242 3.88 -27.24 2.44
N LEU D 243 4.25 -26.04 2.86
CA LEU D 243 5.56 -25.86 3.50
C LEU D 243 5.49 -26.30 4.98
N ASP D 244 6.66 -26.38 5.61
CA ASP D 244 6.70 -26.74 7.05
C ASP D 244 6.90 -25.47 7.89
N TYR D 245 6.22 -25.45 9.04
CA TYR D 245 6.29 -24.27 9.93
C TYR D 245 6.54 -24.77 11.33
N GLU D 246 7.09 -23.92 12.19
CA GLU D 246 7.42 -24.32 13.56
C GLU D 246 6.52 -23.56 14.53
N ALA D 247 5.97 -24.25 15.52
CA ALA D 247 5.18 -23.56 16.53
C ALA D 247 6.10 -22.59 17.27
N PRO D 248 5.70 -21.31 17.44
CA PRO D 248 6.50 -20.33 18.23
C PRO D 248 6.90 -20.90 19.59
N GLU D 249 8.12 -20.62 20.02
CA GLU D 249 8.65 -21.12 21.31
C GLU D 249 7.97 -20.45 22.50
N THR D 250 7.21 -19.37 22.27
CA THR D 250 6.47 -18.69 23.34
C THR D 250 5.11 -19.33 23.52
N MET D 251 4.78 -20.32 22.69
CA MET D 251 3.49 -21.03 22.84
C MET D 251 3.50 -21.78 24.17
N VAL D 252 2.32 -21.98 24.74
CA VAL D 252 2.23 -22.58 26.09
C VAL D 252 1.49 -23.91 26.07
N THR D 253 1.69 -24.69 27.12
CA THR D 253 0.91 -25.90 27.35
C THR D 253 0.28 -25.60 28.67
N ASN D 254 -0.67 -26.39 29.16
CA ASN D 254 -1.33 -26.02 30.43
C ASN D 254 -0.29 -25.97 31.55
N ASP D 255 0.64 -26.91 31.58
CA ASP D 255 1.63 -26.98 32.67
C ASP D 255 2.82 -26.04 32.41
N THR D 256 2.83 -25.36 31.26
CA THR D 256 3.92 -24.40 30.98
C THR D 256 3.34 -23.00 30.78
N ASP D 257 2.10 -22.77 31.23
CA ASP D 257 1.47 -21.42 31.11
C ASP D 257 1.94 -20.54 32.28
N GLN D 258 2.85 -19.62 31.98
CA GLN D 258 3.35 -18.66 32.99
C GLN D 258 2.98 -17.25 32.50
N ARG D 259 1.96 -17.15 31.68
CA ARG D 259 1.61 -15.85 31.07
C ARG D 259 0.80 -15.01 32.04
N PRO D 260 0.87 -13.66 31.97
CA PRO D 260 -0.03 -12.82 32.79
C PRO D 260 -1.47 -13.15 32.42
N ARG D 261 -2.40 -12.94 33.35
CA ARG D 261 -3.83 -13.33 33.13
C ARG D 261 -4.51 -12.44 32.10
N TRP D 262 -3.95 -11.27 31.79
CA TRP D 262 -4.53 -10.44 30.71
C TRP D 262 -4.26 -11.10 29.35
N ALA D 263 -3.48 -12.17 29.33
CA ALA D 263 -3.16 -12.89 28.09
C ALA D 263 -3.51 -14.37 28.24
N ARG D 264 -4.19 -14.76 29.32
CA ARG D 264 -4.63 -16.17 29.46
C ARG D 264 -6.14 -16.27 29.27
N ASN D 269 -7.25 -18.14 23.04
CA ASN D 269 -5.98 -18.81 23.40
C ASN D 269 -5.77 -20.03 22.50
N VAL D 270 -4.53 -20.27 22.12
CA VAL D 270 -4.20 -21.46 21.29
C VAL D 270 -2.96 -22.11 21.88
N ASN D 271 -3.14 -23.27 22.49
CA ASN D 271 -2.00 -24.02 23.05
C ASN D 271 -1.19 -24.60 21.88
N LYS D 272 0.07 -24.96 22.13
CA LYS D 272 0.96 -25.51 21.08
C LYS D 272 0.27 -26.62 20.30
N ASP D 273 -0.62 -27.36 20.96
CA ASP D 273 -1.31 -28.51 20.32
C ASP D 273 -2.26 -28.03 19.22
N LYS D 274 -2.69 -26.78 19.28
CA LYS D 274 -3.69 -26.29 18.30
C LYS D 274 -3.07 -25.23 17.37
N PHE D 275 -1.74 -25.18 17.28
CA PHE D 275 -1.10 -24.27 16.31
C PHE D 275 -1.57 -24.70 14.93
N ASP D 276 -2.11 -23.76 14.14
CA ASP D 276 -2.66 -24.07 12.79
C ASP D 276 -1.72 -23.61 11.69
N LYS D 277 -1.08 -24.54 11.00
CA LYS D 277 -0.10 -24.20 9.92
C LYS D 277 -0.85 -23.78 8.63
N LYS D 278 -2.12 -24.15 8.51
CA LYS D 278 -2.92 -23.75 7.32
C LYS D 278 -3.27 -22.26 7.40
N ALA D 279 -3.58 -21.78 8.61
CA ALA D 279 -3.92 -20.36 8.82
C ALA D 279 -2.65 -19.53 8.72
N LEU D 280 -1.53 -20.12 9.14
CA LEU D 280 -0.24 -19.40 9.07
C LEU D 280 0.13 -19.22 7.60
N ALA D 281 0.01 -20.27 6.82
CA ALA D 281 0.29 -20.21 5.38
C ALA D 281 -0.60 -19.16 4.71
N ASN D 282 -1.86 -19.10 5.11
CA ASN D 282 -2.78 -18.06 4.58
C ASN D 282 -2.27 -16.65 4.94
N TYR D 283 -1.81 -16.42 6.17
CA TYR D 283 -1.36 -15.07 6.58
C TYR D 283 -0.12 -14.73 5.78
N PHE D 284 0.76 -15.69 5.59
CA PHE D 284 2.02 -15.46 4.84
C PHE D 284 1.68 -15.14 3.37
N ALA D 285 0.67 -15.81 2.84
CA ALA D 285 0.30 -15.60 1.43
C ALA D 285 -0.31 -14.21 1.26
N MET D 286 -1.04 -13.76 2.26
CA MET D 286 -1.64 -12.41 2.20
C MET D 286 -0.53 -11.35 2.25
N VAL D 287 0.50 -11.57 3.05
CA VAL D 287 1.59 -10.57 3.21
C VAL D 287 2.40 -10.48 1.91
N GLU D 288 2.56 -11.60 1.19
CA GLU D 288 3.28 -11.60 -0.10
C GLU D 288 2.48 -10.82 -1.15
N CYS D 289 1.15 -11.01 -1.17
CA CYS D 289 0.29 -10.20 -2.07
C CYS D 289 0.51 -8.72 -1.73
N VAL D 290 0.51 -8.38 -0.45
CA VAL D 290 0.73 -6.98 -0.03
C VAL D 290 2.07 -6.49 -0.58
N ASP D 291 3.16 -7.19 -0.28
CA ASP D 291 4.50 -6.72 -0.68
C ASP D 291 4.59 -6.58 -2.21
N ASP D 292 4.06 -7.55 -2.94
CA ASP D 292 4.05 -7.47 -4.42
C ASP D 292 3.34 -6.18 -4.84
N ASN D 293 2.21 -5.87 -4.23
CA ASN D 293 1.40 -4.68 -4.63
C ASN D 293 2.07 -3.40 -4.14
N VAL D 294 2.81 -3.43 -3.05
CA VAL D 294 3.60 -2.24 -2.63
C VAL D 294 4.67 -2.00 -3.71
N GLY D 295 5.20 -3.07 -4.30
CA GLY D 295 6.23 -2.93 -5.34
C GLY D 295 5.70 -2.28 -6.58
N ARG D 296 4.47 -2.57 -6.95
CA ARG D 296 3.85 -1.92 -8.14
C ARG D 296 3.76 -0.41 -7.89
N ILE D 297 3.48 0.00 -6.66
CA ILE D 297 3.41 1.45 -6.32
C ILE D 297 4.82 2.05 -6.46
N LEU D 298 5.83 1.33 -5.97
CA LEU D 298 7.22 1.84 -5.98
C LEU D 298 7.75 1.83 -7.42
N ASP D 299 7.43 0.78 -8.18
CA ASP D 299 7.81 0.74 -9.62
C ASP D 299 7.21 1.95 -10.35
N PHE D 300 5.95 2.29 -10.08
CA PHE D 300 5.30 3.48 -10.70
C PHE D 300 6.05 4.76 -10.36
N LEU D 301 6.39 4.94 -9.09
CA LEU D 301 7.09 6.17 -8.66
C LEU D 301 8.41 6.28 -9.40
N ASP D 302 9.12 5.16 -9.54
CA ASP D 302 10.44 5.14 -10.22
C ASP D 302 10.24 5.50 -11.69
N LYS D 303 9.23 4.90 -12.33
CA LYS D 303 9.00 5.12 -13.77
C LYS D 303 8.56 6.56 -14.03
N ASN D 304 7.90 7.19 -13.07
CA ASN D 304 7.37 8.56 -13.28
C ASN D 304 8.20 9.56 -12.48
N ASN D 305 9.38 9.14 -12.02
CA ASN D 305 10.35 10.04 -11.34
C ASN D 305 9.78 10.74 -10.12
N LEU D 306 9.05 10.03 -9.28
CA LEU D 306 8.46 10.64 -8.07
C LEU D 306 9.16 10.12 -6.81
N THR D 307 10.07 9.16 -6.94
CA THR D 307 10.78 8.57 -5.79
C THR D 307 11.41 9.63 -4.90
N ASP D 308 12.15 10.60 -5.45
CA ASP D 308 12.91 11.59 -4.62
C ASP D 308 12.02 12.57 -3.85
N ASN D 309 10.96 13.09 -4.46
CA ASN D 309 10.10 14.11 -3.80
C ASN D 309 8.81 13.47 -3.28
N THR D 310 8.78 12.15 -3.16
CA THR D 310 7.60 11.50 -2.57
C THR D 310 8.00 10.82 -1.29
N ILE D 311 7.33 11.14 -0.20
CA ILE D 311 7.57 10.41 1.07
C ILE D 311 6.69 9.15 1.03
N VAL D 312 7.31 7.99 1.23
CA VAL D 312 6.52 6.73 1.28
C VAL D 312 6.59 6.16 2.69
N VAL D 313 5.42 5.90 3.28
CA VAL D 313 5.34 5.29 4.63
C VAL D 313 4.67 3.93 4.51
N PHE D 314 5.26 2.91 5.14
CA PHE D 314 4.60 1.58 5.24
C PHE D 314 4.32 1.39 6.72
N THR D 315 3.07 1.11 7.06
CA THR D 315 2.67 0.97 8.46
C THR D 315 1.45 0.07 8.59
N ALA D 316 0.97 -0.13 9.81
CA ALA D 316 -0.24 -0.93 10.08
C ALA D 316 -0.98 -0.33 11.27
N ASP D 317 -2.27 -0.61 11.39
CA ASP D 317 -3.06 -0.12 12.56
C ASP D 317 -2.55 -0.82 13.82
N HIS D 318 -2.35 -2.12 13.71
CA HIS D 318 -1.83 -2.91 14.85
C HIS D 318 -1.18 -4.19 14.31
N GLY D 319 -0.56 -4.96 15.19
CA GLY D 319 0.02 -6.21 14.76
C GLY D 319 -0.82 -7.42 15.05
N ASP D 320 -0.20 -8.58 14.94
CA ASP D 320 -0.91 -9.86 15.16
C ASP D 320 -0.01 -10.75 16.00
N MET D 321 -0.58 -11.43 17.00
CA MET D 321 0.17 -12.39 17.85
C MET D 321 0.59 -13.56 16.97
N LEU D 322 -0.29 -13.99 16.06
CA LEU D 322 0.01 -15.09 15.10
C LEU D 322 0.61 -16.31 15.82
N TYR D 323 -0.08 -16.82 16.84
CA TYR D 323 0.32 -18.06 17.59
C TYR D 323 1.40 -17.77 18.65
N GLU D 324 2.01 -16.59 18.61
CA GLU D 324 3.02 -16.24 19.63
C GLU D 324 2.31 -16.02 20.97
N HIS D 325 2.97 -16.38 22.07
CA HIS D 325 2.39 -16.33 23.44
C HIS D 325 1.07 -17.09 23.46
N SER D 326 0.91 -18.03 22.54
CA SER D 326 -0.31 -18.87 22.48
C SER D 326 -1.55 -17.99 22.31
N ARG D 327 -1.37 -16.88 21.59
CA ARG D 327 -2.51 -15.98 21.29
C ARG D 327 -2.58 -15.76 19.77
N VAL D 328 -3.74 -15.29 19.28
CA VAL D 328 -3.91 -14.92 17.85
C VAL D 328 -4.90 -13.74 17.80
N ASN D 329 -4.70 -12.75 16.92
CA ASN D 329 -5.70 -11.67 16.70
C ASN D 329 -6.18 -11.01 18.00
N LYS D 330 -5.26 -10.63 18.88
CA LYS D 330 -5.68 -10.12 20.21
C LYS D 330 -4.93 -8.81 20.54
N GLY D 331 -5.67 -7.77 20.86
CA GLY D 331 -5.06 -6.50 21.26
C GLY D 331 -4.34 -6.67 22.57
N LEU D 332 -3.03 -6.78 22.51
CA LEU D 332 -2.23 -7.05 23.73
C LEU D 332 -0.99 -6.15 23.78
N PRO D 333 -0.42 -5.86 24.98
CA PRO D 333 0.82 -5.06 25.09
C PRO D 333 2.04 -5.86 24.65
N TYR D 334 1.87 -7.14 24.36
CA TYR D 334 2.99 -7.96 23.80
C TYR D 334 3.45 -7.30 22.52
N GLU D 335 4.75 -7.39 22.24
CA GLU D 335 5.37 -6.72 21.06
C GLU D 335 4.71 -7.10 19.72
N SER D 336 4.39 -8.37 19.53
CA SER D 336 3.86 -8.77 18.22
C SER D 336 2.52 -8.04 17.96
N SER D 337 1.65 -7.90 18.94
CA SER D 337 0.37 -7.16 18.79
C SER D 337 0.54 -5.64 18.92
N ALA D 338 1.27 -5.16 19.92
CA ALA D 338 1.37 -3.72 20.22
C ALA D 338 2.24 -2.97 19.22
N ARG D 339 3.29 -3.62 18.76
CA ARG D 339 4.25 -2.94 17.87
C ARG D 339 3.69 -2.92 16.45
N ILE D 340 3.94 -1.83 15.74
CA ILE D 340 3.44 -1.68 14.35
C ILE D 340 4.65 -1.39 13.46
N PRO D 341 4.67 -1.86 12.20
CA PRO D 341 5.76 -1.52 11.27
C PRO D 341 5.72 -0.04 10.91
N PHE D 342 6.88 0.61 10.87
CA PHE D 342 6.97 2.03 10.48
C PHE D 342 8.25 2.21 9.68
N VAL D 343 8.08 2.21 8.37
CA VAL D 343 9.23 2.33 7.45
C VAL D 343 9.00 3.56 6.56
N ILE D 344 9.96 4.47 6.50
CA ILE D 344 9.73 5.74 5.75
C ILE D 344 10.91 6.06 4.81
N ARG D 345 10.61 6.29 3.54
CA ARG D 345 11.63 6.64 2.53
C ARG D 345 11.35 8.05 2.01
N TYR D 346 12.21 8.99 2.33
CA TYR D 346 12.12 10.37 1.78
C TYR D 346 13.53 10.59 1.30
N PRO D 347 13.87 10.21 0.04
CA PRO D 347 15.26 10.23 -0.48
C PRO D 347 15.92 11.60 -0.35
N GLU D 348 15.15 12.66 -0.56
CA GLU D 348 15.74 14.02 -0.40
C GLU D 348 16.29 14.21 1.02
N LYS D 349 15.47 14.06 2.05
CA LYS D 349 15.95 14.41 3.40
C LYS D 349 16.15 13.20 4.33
N ILE D 350 15.93 11.98 3.87
CA ILE D 350 16.13 10.84 4.82
C ILE D 350 17.28 9.95 4.33
N ILE D 351 18.34 9.84 5.12
CA ILE D 351 19.51 9.01 4.73
C ILE D 351 19.13 7.52 4.69
N PRO D 352 19.60 6.73 3.70
CA PRO D 352 19.28 5.29 3.61
C PRO D 352 19.94 4.50 4.72
N GLY D 353 19.24 3.48 5.21
CA GLY D 353 19.79 2.62 6.26
C GLY D 353 19.66 3.22 7.65
N LYS D 354 18.85 4.26 7.80
CA LYS D 354 18.70 4.92 9.11
C LYS D 354 17.80 4.05 10.01
N ILE D 355 18.18 3.93 11.28
CA ILE D 355 17.39 3.15 12.26
C ILE D 355 17.03 4.12 13.40
N VAL D 356 15.73 4.33 13.62
CA VAL D 356 15.26 5.21 14.73
C VAL D 356 14.77 4.31 15.89
N ASN D 357 15.43 4.40 17.02
CA ASN D 357 15.13 3.48 18.15
C ASN D 357 14.28 4.19 19.19
N THR D 358 14.00 5.48 18.96
CA THR D 358 13.13 6.24 19.88
C THR D 358 11.75 5.66 19.87
N VAL D 359 11.16 5.50 21.05
CA VAL D 359 9.77 4.98 21.16
C VAL D 359 8.75 6.02 20.64
N TYR D 360 7.79 5.54 19.85
CA TYR D 360 6.72 6.40 19.28
C TYR D 360 5.38 5.72 19.35
N THR D 361 4.31 6.50 19.23
CA THR D 361 2.97 5.91 19.10
C THR D 361 2.35 6.54 17.87
N CYS D 362 1.12 6.14 17.53
CA CYS D 362 0.38 6.70 16.37
C CYS D 362 0.07 8.19 16.62
N VAL D 363 0.10 8.65 17.87
CA VAL D 363 -0.18 10.07 18.23
C VAL D 363 0.94 10.95 17.66
N ASP D 364 2.11 10.37 17.44
CA ASP D 364 3.29 11.14 16.99
C ASP D 364 3.31 11.32 15.46
N PHE D 365 2.55 10.53 14.71
CA PHE D 365 2.63 10.59 13.23
C PHE D 365 2.31 11.97 12.69
N ALA D 366 1.12 12.51 13.00
CA ALA D 366 0.69 13.80 12.44
C ALA D 366 1.72 14.89 12.71
N PRO D 367 2.17 15.15 13.97
CA PRO D 367 3.15 16.22 14.20
C PRO D 367 4.44 15.94 13.43
N THR D 368 4.89 14.69 13.44
CA THR D 368 6.16 14.32 12.77
C THR D 368 6.03 14.47 11.26
N ILE D 369 4.95 13.98 10.65
CA ILE D 369 4.84 14.00 9.16
C ILE D 369 4.66 15.46 8.69
N LEU D 370 3.95 16.26 9.46
CA LEU D 370 3.69 17.65 9.04
C LEU D 370 5.01 18.43 9.18
N GLY D 371 5.79 18.14 10.21
CA GLY D 371 7.10 18.77 10.38
C GLY D 371 8.03 18.43 9.23
N LEU D 372 8.06 17.17 8.83
CA LEU D 372 8.95 16.70 7.74
C LEU D 372 8.54 17.33 6.42
N MET D 373 7.26 17.59 6.24
CA MET D 373 6.78 18.09 4.94
C MET D 373 6.77 19.63 4.93
N GLY D 374 7.10 20.26 6.06
CA GLY D 374 7.09 21.72 6.17
C GLY D 374 5.70 22.26 6.34
N VAL D 375 4.74 21.37 6.52
CA VAL D 375 3.33 21.83 6.60
C VAL D 375 3.00 22.29 8.02
N LYS D 376 2.03 23.19 8.16
CA LYS D 376 1.64 23.71 9.49
C LYS D 376 1.03 22.60 10.34
N GLN D 377 1.32 22.63 11.63
CA GLN D 377 0.87 21.59 12.56
C GLN D 377 -0.64 21.67 12.78
N ILE D 378 -1.23 20.55 13.16
CA ILE D 378 -2.67 20.57 13.52
C ILE D 378 -2.80 21.62 14.63
N PRO D 379 -3.72 22.60 14.53
CA PRO D 379 -3.81 23.67 15.52
C PRO D 379 -4.16 23.13 16.90
N GLY D 380 -3.67 23.77 17.95
CA GLY D 380 -4.09 23.40 19.31
C GLY D 380 -3.43 22.15 19.86
N LEU D 381 -4.19 21.38 20.63
CA LEU D 381 -3.62 20.21 21.36
C LEU D 381 -3.11 19.08 20.48
N GLN D 382 -1.80 18.85 20.54
CA GLN D 382 -1.19 17.70 19.87
C GLN D 382 -0.52 16.93 21.03
N GLU D 383 -1.05 15.78 21.38
CA GLU D 383 -0.54 15.00 22.56
C GLU D 383 0.71 14.20 22.19
N GLY D 384 1.29 14.47 21.02
CA GLY D 384 2.50 13.75 20.58
C GLY D 384 3.63 14.71 20.28
N ILE D 385 4.72 14.19 19.75
CA ILE D 385 5.92 15.04 19.49
C ILE D 385 6.21 15.05 17.99
N ASN D 386 6.76 16.17 17.51
CA ASN D 386 7.24 16.25 16.10
C ASN D 386 8.71 15.85 16.17
N ASP D 387 9.02 14.63 15.75
CA ASP D 387 10.42 14.15 15.74
C ASP D 387 10.85 13.97 14.29
N ALA D 388 10.63 14.98 13.47
CA ALA D 388 11.07 14.94 12.06
C ALA D 388 12.59 15.03 12.03
N GLN D 389 13.17 15.66 13.05
CA GLN D 389 14.65 15.80 13.15
C GLN D 389 15.29 14.42 13.18
N ALA D 390 14.63 13.45 13.82
CA ALA D 390 15.19 12.09 13.89
C ALA D 390 15.45 11.59 12.47
N PHE D 391 14.55 11.85 11.53
CA PHE D 391 14.70 11.35 10.13
C PHE D 391 15.59 12.30 9.32
N THR D 392 15.58 13.59 9.63
CA THR D 392 16.32 14.58 8.81
C THR D 392 17.78 14.67 9.23
N ASN D 393 18.12 14.26 10.44
CA ASN D 393 19.53 14.38 10.92
C ASN D 393 20.42 13.40 10.14
N LYS D 394 21.71 13.39 10.44
CA LYS D 394 22.68 12.56 9.67
C LYS D 394 23.03 11.28 10.42
N GLU D 395 22.52 11.10 11.63
CA GLU D 395 22.84 9.92 12.47
C GLU D 395 22.24 8.64 11.88
N LYS D 396 23.04 7.61 11.69
CA LYS D 396 22.56 6.34 11.10
C LYS D 396 21.72 5.60 12.16
N ASN D 397 22.05 5.79 13.43
CA ASN D 397 21.28 5.16 14.53
C ASN D 397 20.81 6.29 15.44
N VAL D 398 19.49 6.39 15.64
CA VAL D 398 18.92 7.50 16.44
C VAL D 398 18.13 6.97 17.62
N LYS D 399 18.43 7.45 18.83
CA LYS D 399 17.65 7.08 20.02
C LYS D 399 17.57 8.27 20.98
N GLN D 400 16.36 8.64 21.37
CA GLN D 400 16.19 9.72 22.37
C GLN D 400 15.54 9.05 23.60
N ASP D 401 15.92 9.48 24.79
CA ASP D 401 15.33 8.96 26.06
C ASP D 401 13.88 9.42 26.20
N ARG D 402 12.94 8.52 25.97
CA ARG D 402 11.48 8.85 26.00
C ARG D 402 10.65 7.64 26.44
N ILE D 403 9.54 7.90 27.13
CA ILE D 403 8.59 6.80 27.47
C ILE D 403 7.26 7.14 26.76
N VAL D 404 6.57 6.12 26.28
CA VAL D 404 5.25 6.30 25.62
C VAL D 404 4.26 5.32 26.28
N TYR D 405 2.97 5.58 26.11
CA TYR D 405 1.94 4.73 26.76
C TYR D 405 0.93 4.24 25.74
N THR D 406 0.44 3.02 25.96
CA THR D 406 -0.57 2.41 25.10
C THR D 406 -1.79 2.10 25.95
N THR D 407 -2.97 1.98 25.34
CA THR D 407 -4.23 1.77 26.08
C THR D 407 -4.99 0.60 25.52
N ALA D 408 -5.84 -0.07 26.31
CA ALA D 408 -6.69 -1.22 25.86
C ALA D 408 -8.04 -0.77 25.26
N SER D 409 -8.46 -1.38 24.14
CA SER D 409 -9.66 -0.81 23.49
C SER D 409 -11.01 -1.28 24.01
N PRO D 410 -11.46 -2.52 23.88
CA PRO D 410 -12.84 -2.81 24.31
C PRO D 410 -13.01 -2.40 25.78
N PHE D 411 -12.21 -2.94 26.68
CA PHE D 411 -12.49 -2.77 28.13
C PHE D 411 -11.49 -1.98 28.93
N ASN D 412 -10.48 -1.38 28.30
CA ASN D 412 -9.53 -0.53 29.05
C ASN D 412 -8.99 -1.32 30.24
N ASP D 413 -8.76 -2.62 30.08
CA ASP D 413 -8.37 -3.51 31.20
C ASP D 413 -6.86 -3.52 31.48
N TRP D 414 -6.05 -2.96 30.59
CA TRP D 414 -4.60 -2.88 30.84
C TRP D 414 -4.05 -1.57 30.28
N THR D 415 -2.95 -1.09 30.86
CA THR D 415 -2.25 0.09 30.33
C THR D 415 -0.78 -0.30 30.25
N MET D 416 -0.02 0.36 29.39
CA MET D 416 1.38 -0.03 29.21
C MET D 416 2.27 1.18 28.94
N ALA D 417 3.48 1.17 29.48
CA ALA D 417 4.47 2.21 29.21
C ALA D 417 5.80 1.53 28.85
N THR D 418 6.52 2.07 27.87
CA THR D 418 7.82 1.51 27.47
C THR D 418 8.84 2.61 27.20
N ASP D 419 10.10 2.35 27.55
CA ASP D 419 11.20 3.31 27.27
C ASP D 419 12.08 2.74 26.15
N GLY D 420 11.71 1.58 25.61
CA GLY D 420 12.51 0.92 24.58
C GLY D 420 13.02 -0.43 25.04
N ARG D 421 13.44 -0.54 26.29
CA ARG D 421 13.92 -1.84 26.85
C ARG D 421 12.91 -2.32 27.89
N TYR D 422 12.44 -1.40 28.72
CA TYR D 422 11.54 -1.77 29.82
C TYR D 422 10.10 -1.51 29.45
N LYS D 423 9.25 -2.51 29.64
CA LYS D 423 7.82 -2.38 29.32
C LYS D 423 7.02 -2.72 30.58
N LEU D 424 6.25 -1.75 31.08
CA LEU D 424 5.46 -1.96 32.31
C LEU D 424 3.98 -2.06 31.95
N VAL D 425 3.34 -3.12 32.43
CA VAL D 425 1.90 -3.31 32.16
C VAL D 425 1.15 -3.24 33.49
N LEU D 426 0.14 -2.38 33.55
CA LEU D 426 -0.74 -2.29 34.73
C LEU D 426 -2.13 -2.74 34.26
N SER D 427 -2.85 -3.45 35.13
CA SER D 427 -4.17 -4.01 34.74
C SER D 427 -5.12 -4.18 35.93
N CYS D 428 -6.41 -4.33 35.63
CA CYS D 428 -7.39 -4.65 36.68
C CYS D 428 -7.53 -6.18 36.67
N ARG D 429 -6.84 -6.87 35.77
CA ARG D 429 -6.96 -8.35 35.66
C ARG D 429 -5.70 -9.05 36.18
N GLU D 430 -4.68 -8.28 36.57
CA GLU D 430 -3.40 -8.90 36.99
C GLU D 430 -2.56 -7.90 37.79
N THR D 431 -1.63 -8.42 38.60
CA THR D 431 -0.66 -7.55 39.31
C THR D 431 0.30 -6.96 38.30
N PRO D 432 1.09 -5.90 38.63
CA PRO D 432 1.98 -5.24 37.64
C PRO D 432 2.99 -6.20 36.98
N TRP D 433 3.21 -6.02 35.69
CA TRP D 433 4.21 -6.82 34.96
C TRP D 433 5.27 -5.91 34.35
N LEU D 434 6.54 -6.22 34.60
CA LEU D 434 7.67 -5.47 34.01
C LEU D 434 8.44 -6.41 33.07
N PHE D 435 8.67 -5.96 31.84
CA PHE D 435 9.39 -6.78 30.86
C PHE D 435 10.72 -6.13 30.53
N ASP D 436 11.77 -6.93 30.37
CA ASP D 436 13.12 -6.44 29.95
C ASP D 436 13.43 -7.06 28.58
N LEU D 437 13.38 -6.28 27.51
CA LEU D 437 13.57 -6.80 26.14
C LEU D 437 15.05 -7.07 25.84
N GLU D 438 15.97 -6.43 26.53
CA GLU D 438 17.41 -6.78 26.35
C GLU D 438 17.62 -8.22 26.84
N VAL D 439 17.21 -8.52 28.07
CA VAL D 439 17.45 -9.85 28.68
C VAL D 439 16.40 -10.87 28.24
N ASP D 440 15.14 -10.45 28.08
CA ASP D 440 14.03 -11.37 27.72
C ASP D 440 13.25 -10.77 26.55
N PRO D 441 13.79 -10.79 25.31
CA PRO D 441 13.05 -10.29 24.11
C PRO D 441 11.74 -11.02 23.87
N ASP D 442 11.62 -12.25 24.35
CA ASP D 442 10.39 -13.06 24.10
C ASP D 442 9.33 -12.73 25.16
N GLU D 443 9.61 -11.81 26.08
CA GLU D 443 8.62 -11.34 27.10
C GLU D 443 7.94 -12.53 27.79
N MET D 444 8.73 -13.40 28.39
CA MET D 444 8.19 -14.62 29.02
C MET D 444 8.30 -14.50 30.53
N LYS D 445 8.95 -13.45 31.02
CA LYS D 445 9.22 -13.37 32.47
C LYS D 445 8.87 -12.01 33.06
N ASN D 446 8.54 -12.00 34.35
CA ASN D 446 8.22 -10.73 35.06
C ASN D 446 9.40 -10.32 35.92
N PHE D 447 9.84 -9.08 35.81
CA PHE D 447 10.98 -8.56 36.62
C PHE D 447 10.48 -7.53 37.62
N TYR D 448 9.16 -7.36 37.75
CA TYR D 448 8.60 -6.29 38.60
C TYR D 448 9.00 -6.50 40.06
N ASN D 449 9.07 -7.74 40.51
CA ASN D 449 9.33 -8.01 41.94
C ASN D 449 10.83 -8.22 42.18
N ASN D 450 11.64 -8.32 41.14
CA ASN D 450 13.12 -8.42 41.30
C ASN D 450 13.59 -7.11 41.91
N PRO D 451 14.25 -7.12 43.10
CA PRO D 451 14.71 -5.89 43.79
C PRO D 451 15.74 -5.14 42.95
N LYS D 452 16.40 -5.84 42.04
CA LYS D 452 17.39 -5.19 41.15
C LYS D 452 16.68 -4.27 40.15
N TYR D 453 15.40 -4.53 39.86
CA TYR D 453 14.64 -3.68 38.93
C TYR D 453 13.70 -2.71 39.66
N LYS D 454 13.88 -2.50 40.97
CA LYS D 454 12.94 -1.64 41.75
C LYS D 454 12.94 -0.20 41.23
N GLU D 455 14.10 0.40 41.03
CA GLU D 455 14.20 1.81 40.55
C GLU D 455 13.59 1.92 39.15
N ILE D 456 13.84 0.97 38.27
CA ILE D 456 13.26 0.98 36.91
C ILE D 456 11.74 0.91 37.03
N ALA D 457 11.24 -0.06 37.79
CA ALA D 457 9.79 -0.25 37.93
C ALA D 457 9.16 1.03 38.47
N ASP D 458 9.75 1.58 39.52
CA ASP D 458 9.26 2.83 40.12
C ASP D 458 9.20 3.94 39.07
N ARG D 459 10.28 4.15 38.34
CA ARG D 459 10.30 5.19 37.30
C ARG D 459 9.20 4.90 36.27
N MET D 460 9.09 3.66 35.81
CA MET D 460 8.10 3.33 34.77
C MET D 460 6.66 3.50 35.31
N GLN D 461 6.40 3.06 36.54
CA GLN D 461 5.05 3.17 37.15
C GLN D 461 4.66 4.64 37.35
N LYS D 462 5.58 5.46 37.79
CA LYS D 462 5.31 6.90 37.98
C LYS D 462 4.96 7.51 36.61
N GLU D 463 5.65 7.11 35.57
CA GLU D 463 5.39 7.70 34.24
C GLU D 463 4.05 7.18 33.69
N LEU D 464 3.73 5.91 33.87
CA LEU D 464 2.47 5.34 33.32
C LEU D 464 1.30 6.08 33.98
N ILE D 465 1.34 6.20 35.30
CA ILE D 465 0.27 6.92 36.05
C ILE D 465 0.19 8.37 35.56
N ARG D 466 1.33 9.03 35.39
CA ARG D 466 1.33 10.45 34.98
C ARG D 466 0.74 10.56 33.58
N GLN D 467 1.14 9.67 32.68
CA GLN D 467 0.65 9.72 31.29
C GLN D 467 -0.83 9.29 31.26
N MET D 468 -1.23 8.38 32.14
CA MET D 468 -2.63 7.92 32.20
C MET D 468 -3.50 9.15 32.53
N LYS D 469 -3.08 9.93 33.51
CA LYS D 469 -3.84 11.13 33.94
C LYS D 469 -3.83 12.19 32.84
N LEU D 470 -2.67 12.49 32.24
CA LEU D 470 -2.54 13.54 31.21
C LEU D 470 -3.36 13.23 29.95
N TYR D 471 -3.36 11.99 29.50
CA TYR D 471 -4.04 11.63 28.22
C TYR D 471 -5.43 11.12 28.49
N LYS D 472 -5.97 11.43 29.66
CA LYS D 472 -7.35 11.07 30.05
C LYS D 472 -7.61 9.58 29.84
N GLU D 473 -6.76 8.73 30.42
CA GLU D 473 -6.98 7.27 30.34
C GLU D 473 -8.42 6.97 30.79
N PRO D 474 -9.25 6.33 29.92
CA PRO D 474 -10.67 5.98 30.24
C PRO D 474 -10.81 5.12 31.49
N ALA D 475 -9.85 4.25 31.75
CA ALA D 475 -9.92 3.37 32.94
C ALA D 475 -10.05 4.21 34.21
N LEU D 476 -9.44 5.38 34.24
CA LEU D 476 -9.47 6.19 35.48
C LEU D 476 -10.85 6.80 35.59
N SER D 477 -11.42 7.24 34.49
CA SER D 477 -12.78 7.82 34.49
C SER D 477 -13.81 6.73 34.82
N ILE D 478 -13.60 5.52 34.33
CA ILE D 478 -14.53 4.37 34.56
C ILE D 478 -14.37 3.85 36.00
N GLY D 479 -13.23 4.10 36.63
CA GLY D 479 -13.00 3.61 38.00
C GLY D 479 -12.70 2.14 38.00
N LEU D 480 -12.01 1.66 36.97
CA LEU D 480 -11.61 0.24 36.88
C LEU D 480 -10.68 -0.11 38.04
N PRO D 481 -10.77 -1.33 38.61
CA PRO D 481 -9.97 -1.75 39.80
C PRO D 481 -8.53 -2.14 39.48
N TYR D 482 -7.72 -1.18 39.04
CA TYR D 482 -6.32 -1.48 38.65
C TYR D 482 -5.47 -1.82 39.85
N LEU D 483 -4.53 -2.75 39.66
CA LEU D 483 -3.63 -3.21 40.74
C LEU D 483 -2.26 -2.54 40.57
N TYR D 484 -1.90 -1.64 41.48
CA TYR D 484 -0.62 -0.88 41.39
C TYR D 484 0.40 -1.51 42.31
N LYS D 485 -0.01 -2.55 43.02
CA LYS D 485 0.90 -3.27 43.94
C LYS D 485 0.79 -4.79 43.70
N SER D 486 1.88 -5.52 43.90
CA SER D 486 1.89 -6.98 43.66
C SER D 486 1.16 -7.70 44.81
N THR D 487 0.94 -7.01 45.92
CA THR D 487 0.23 -7.61 47.06
C THR D 487 -1.25 -7.57 46.81
N ASP D 488 -1.69 -6.86 45.77
CA ASP D 488 -3.14 -6.68 45.56
C ASP D 488 -3.79 -7.93 44.98
N LYS D 489 -5.11 -8.00 45.10
CA LYS D 489 -5.83 -9.15 44.52
C LYS D 489 -6.78 -8.67 43.41
N VAL D 490 -7.04 -9.54 42.45
CA VAL D 490 -7.96 -9.19 41.32
C VAL D 490 -9.41 -9.27 41.81
N ASN D 491 -10.17 -8.20 41.61
CA ASN D 491 -11.60 -8.14 41.96
C ASN D 491 -12.26 -7.42 40.79
N TYR D 492 -12.41 -8.10 39.67
CA TYR D 492 -12.89 -7.35 38.50
C TYR D 492 -13.97 -8.08 37.72
N ASN D 493 -15.14 -7.47 37.66
CA ASN D 493 -16.23 -8.00 36.80
C ASN D 493 -16.48 -6.92 35.76
N PRO D 494 -16.20 -7.16 34.46
CA PRO D 494 -16.48 -6.18 33.38
C PRO D 494 -17.95 -5.76 33.36
N ALA D 495 -18.85 -6.57 33.90
CA ALA D 495 -20.30 -6.30 33.83
C ALA D 495 -20.69 -5.08 34.66
N LYS D 496 -19.91 -4.76 35.67
CA LYS D 496 -20.25 -3.63 36.56
C LYS D 496 -19.99 -2.30 35.88
N TYR D 497 -19.15 -2.29 34.85
CA TYR D 497 -18.77 -1.00 34.23
C TYR D 497 -19.43 -0.92 32.88
N LYS D 498 -20.35 -1.82 32.63
CA LYS D 498 -21.02 -1.84 31.31
C LYS D 498 -22.37 -1.13 31.48
N SER D 499 -22.83 -0.49 30.40
CA SER D 499 -24.15 0.20 30.41
C SER D 499 -25.08 -0.53 29.44
N LYS D 500 -25.95 -1.40 29.97
CA LYS D 500 -26.88 -2.17 29.11
C LYS D 500 -27.67 -1.18 28.24
N VAL D 501 -28.04 -1.61 27.03
CA VAL D 501 -28.66 -0.64 26.10
C VAL D 501 -29.94 -1.19 25.46
N GLN D 502 -30.97 -0.36 25.37
CA GLN D 502 -32.22 -0.75 24.68
C GLN D 502 -31.96 -0.81 23.17
N PRO D 503 -32.46 -1.82 22.45
CA PRO D 503 -32.19 -1.98 21.00
C PRO D 503 -33.07 -1.02 20.19
N ASN D 504 -32.50 -0.42 19.15
CA ASN D 504 -33.28 0.53 18.30
C ASN D 504 -34.20 -0.28 17.39
N ALA D 505 -35.50 0.00 17.44
CA ALA D 505 -36.46 -0.76 16.61
C ALA D 505 -36.37 -0.27 15.17
N LEU D 506 -35.77 0.89 14.95
CA LEU D 506 -35.76 1.48 13.59
C LEU D 506 -34.61 0.94 12.73
N LEU D 507 -33.60 0.32 13.34
CA LEU D 507 -32.38 -0.15 12.62
C LEU D 507 -32.72 -1.15 11.49
N PRO D 508 -33.66 -2.10 11.61
CA PRO D 508 -34.01 -2.99 10.48
C PRO D 508 -34.39 -2.16 9.26
N MET D 509 -35.02 -1.01 9.47
CA MET D 509 -35.48 -0.17 8.34
C MET D 509 -34.35 0.75 7.88
N ILE D 510 -33.49 1.15 8.80
CA ILE D 510 -32.32 2.02 8.46
C ILE D 510 -31.39 1.19 7.56
N HIS D 511 -31.25 -0.09 7.87
CA HIS D 511 -30.34 -0.95 7.08
C HIS D 511 -30.88 -1.07 5.65
N THR D 512 -32.19 -1.22 5.51
CA THR D 512 -32.78 -1.29 4.17
C THR D 512 -32.46 -0.01 3.42
N ILE D 513 -32.74 1.16 4.00
CA ILE D 513 -32.56 2.43 3.23
C ILE D 513 -31.08 2.69 2.97
N GLU D 514 -30.20 2.25 3.86
CA GLU D 514 -28.75 2.40 3.59
C GLU D 514 -28.39 1.60 2.34
N LYS D 515 -28.81 0.34 2.27
CA LYS D 515 -28.51 -0.51 1.09
C LYS D 515 -29.22 0.04 -0.17
N VAL D 516 -30.52 0.22 -0.14
CA VAL D 516 -31.24 0.57 -1.41
C VAL D 516 -31.19 2.07 -1.72
N CYS D 517 -31.03 2.93 -0.73
CA CYS D 517 -31.09 4.38 -1.04
C CYS D 517 -29.71 5.04 -0.87
N MET D 518 -29.08 4.88 0.28
CA MET D 518 -27.82 5.61 0.56
C MET D 518 -26.64 5.08 -0.26
N ARG D 519 -26.46 3.77 -0.25
CA ARG D 519 -25.36 3.16 -1.02
C ARG D 519 -25.98 2.15 -1.98
N PRO D 520 -26.66 2.58 -3.08
CA PRO D 520 -27.37 1.65 -4.00
C PRO D 520 -26.48 0.90 -4.97
N LEU D 521 -26.76 -0.37 -5.22
CA LEU D 521 -25.96 -1.18 -6.19
C LEU D 521 -26.43 -0.86 -7.61
N LYS D 522 -27.61 -0.28 -7.75
CA LYS D 522 -28.10 0.14 -9.08
C LYS D 522 -27.67 1.60 -9.31
#